data_5BOZ
#
_entry.id   5BOZ
#
_cell.length_a   239.610
_cell.length_b   242.884
_cell.length_c   355.693
_cell.angle_alpha   90.00
_cell.angle_beta   90.00
_cell.angle_gamma   90.00
#
_symmetry.space_group_name_H-M   'F 2 2 2'
#
loop_
_entity.id
_entity.type
_entity.pdbx_description
1 polymer Ricin
2 polymer 'VHH single chain antibody E1'
3 non-polymer 'SULFATE ION'
4 non-polymer 'CHLORIDE ION'
5 water water
#
loop_
_entity_poly.entity_id
_entity_poly.type
_entity_poly.pdbx_seq_one_letter_code
_entity_poly.pdbx_strand_id
1 'polypeptide(L)'
;KQYPIINFTTAGATVQSYTNFIRAVRGRLTTGADVRHEIPVLPNRVGLPINQRFILVELSNHAELSVTLALDVTNAYVVG
YRAGNSAYFFHPDNQEDAEAITHLFTDVQNRYTFAFGGNYDRLEQLAGNLRENIELGNGPLEEAISALYYYSTGGTQLPT
LARSFIICIQMISEAARFQYIEGEMRTRIRYNRRSAPDPSVITLENSWGRLSTAIQESNQGAFASPIQLQRRNGSKFSVY
DVSILIPIIALMVYRCAPPPS
;
A,B,C,D,E,F
2 'polypeptide(L)'
;NMQVQLVESGGGLVQAGGSLRLSCAASGRTFSRSSMGWFRQAPGKEREFVASIVWADGTTLYGDSVKGRFTVSRDNVKNM
VYLQMNNLKPEDTALYYCADNKFVRGLVAVRAIDYDYWGQGTQVTVS
;
G,H,I,J,K,L
#
# COMPACT_ATOMS: atom_id res chain seq x y z
N GLN A 2 -6.36 45.04 -0.49
CA GLN A 2 -7.33 45.83 -1.26
C GLN A 2 -7.02 47.34 -1.47
N TYR A 3 -5.78 47.65 -1.88
CA TYR A 3 -5.07 48.88 -1.49
C TYR A 3 -5.64 50.25 -1.82
N PRO A 4 -5.58 51.18 -0.82
CA PRO A 4 -6.01 52.58 -0.91
C PRO A 4 -5.22 53.29 -1.96
N ILE A 5 -5.84 54.02 -2.87
CA ILE A 5 -5.04 54.80 -3.86
C ILE A 5 -5.21 56.34 -3.82
N ILE A 6 -4.13 57.03 -4.18
CA ILE A 6 -4.13 58.50 -4.25
C ILE A 6 -3.82 58.88 -5.67
N ASN A 7 -4.78 59.55 -6.31
CA ASN A 7 -4.57 60.06 -7.65
C ASN A 7 -3.74 61.32 -7.66
N PHE A 8 -3.05 61.53 -8.77
CA PHE A 8 -2.51 62.84 -9.06
C PHE A 8 -2.33 63.00 -10.54
N THR A 9 -2.39 64.25 -10.98
CA THR A 9 -2.17 64.59 -12.37
C THR A 9 -1.17 65.72 -12.47
N THR A 10 -0.28 65.54 -13.41
CA THR A 10 0.75 66.48 -13.71
C THR A 10 0.05 67.65 -14.41
N ALA A 11 -1.14 67.36 -14.93
CA ALA A 11 -1.77 68.12 -16.00
C ALA A 11 -1.73 69.62 -15.84
N GLY A 12 -2.46 70.09 -14.84
CA GLY A 12 -2.56 71.50 -14.58
C GLY A 12 -1.91 71.91 -13.29
N ALA A 13 -1.07 71.05 -12.74
CA ALA A 13 -0.83 71.03 -11.28
C ALA A 13 -0.39 72.34 -10.57
N THR A 14 -1.11 72.73 -9.49
CA THR A 14 -0.77 73.91 -8.63
C THR A 14 0.42 73.63 -7.69
N VAL A 15 0.90 74.67 -7.00
CA VAL A 15 1.74 74.51 -5.82
C VAL A 15 0.86 73.78 -4.79
N GLN A 16 -0.36 74.29 -4.63
CA GLN A 16 -1.32 73.72 -3.69
C GLN A 16 -1.66 72.27 -4.02
N SER A 17 -1.98 72.01 -5.28
CA SER A 17 -2.39 70.68 -5.69
C SER A 17 -1.37 69.59 -5.36
N TYR A 18 -0.09 69.96 -5.43
CA TYR A 18 1.03 69.08 -5.09
C TYR A 18 1.24 68.93 -3.58
N THR A 19 1.26 70.07 -2.89
CA THR A 19 1.38 70.02 -1.45
C THR A 19 0.17 69.20 -0.99
N ASN A 20 -0.97 69.43 -1.66
CA ASN A 20 -2.21 68.72 -1.39
C ASN A 20 -1.97 67.23 -1.46
N PHE A 21 -1.27 66.87 -2.52
CA PHE A 21 -0.90 65.50 -2.84
C PHE A 21 -0.07 64.83 -1.74
N ILE A 22 1.16 65.31 -1.58
CA ILE A 22 2.10 64.81 -0.58
C ILE A 22 1.48 64.76 0.84
N ARG A 23 0.96 65.90 1.32
CA ARG A 23 0.37 65.98 2.65
C ARG A 23 -0.62 64.78 2.78
N ALA A 24 -1.19 64.35 1.64
CA ALA A 24 -2.21 63.29 1.59
C ALA A 24 -1.68 61.86 1.70
N VAL A 25 -0.63 61.57 0.94
CA VAL A 25 -0.06 60.23 0.92
C VAL A 25 0.71 59.90 2.21
N ARG A 26 1.37 60.91 2.80
CA ARG A 26 1.88 60.76 4.16
C ARG A 26 0.76 60.19 5.06
N GLY A 27 -0.44 60.76 4.97
CA GLY A 27 -1.56 60.29 5.77
C GLY A 27 -1.81 58.80 5.60
N ARG A 28 -1.84 58.38 4.34
CA ARG A 28 -2.08 56.98 3.97
C ARG A 28 -0.87 56.08 4.27
N LEU A 29 0.30 56.70 4.37
CA LEU A 29 1.53 56.00 4.68
C LEU A 29 1.62 55.64 6.14
N THR A 30 1.37 56.62 6.99
CA THR A 30 1.92 56.52 8.31
C THR A 30 0.88 56.31 9.37
N THR A 31 1.37 55.74 10.46
CA THR A 31 0.54 55.17 11.51
C THR A 31 -0.38 56.24 12.13
N GLY A 32 -0.25 57.50 11.73
CA GLY A 32 -0.71 58.54 12.64
C GLY A 32 0.34 58.53 13.74
N ALA A 33 -0.02 58.37 15.01
CA ALA A 33 1.05 58.59 15.97
C ALA A 33 1.76 57.35 16.53
N ASP A 34 2.93 57.09 15.95
CA ASP A 34 4.06 56.57 16.68
C ASP A 34 5.14 57.58 16.33
N VAL A 35 5.54 58.39 17.31
CA VAL A 35 6.47 59.50 17.04
C VAL A 35 7.55 59.64 18.13
N ARG A 36 8.80 59.61 17.68
CA ARG A 36 9.93 59.74 18.58
C ARG A 36 10.40 61.19 18.52
N HIS A 37 10.53 61.82 19.70
CA HIS A 37 11.21 63.11 19.81
C HIS A 37 10.77 63.95 18.61
N GLU A 38 9.46 63.88 18.38
CA GLU A 38 8.66 64.72 17.46
C GLU A 38 8.53 64.30 16.00
N ILE A 39 9.32 63.33 15.58
CA ILE A 39 9.24 62.88 14.20
C ILE A 39 8.43 61.56 14.09
N PRO A 40 7.47 61.51 13.12
CA PRO A 40 6.60 60.37 12.79
C PRO A 40 7.33 59.13 12.29
N VAL A 41 6.91 57.97 12.79
CA VAL A 41 7.54 56.69 12.42
C VAL A 41 6.65 55.81 11.52
N LEU A 42 7.18 55.43 10.36
CA LEU A 42 6.45 54.57 9.45
C LEU A 42 6.09 53.30 10.17
N PRO A 43 5.06 52.61 9.68
CA PRO A 43 4.76 51.28 10.24
C PRO A 43 5.95 50.30 10.17
N ASN A 44 5.95 49.36 11.13
CA ASN A 44 7.03 48.42 11.39
C ASN A 44 6.85 47.11 10.64
N ARG A 45 7.78 46.80 9.73
CA ARG A 45 7.62 45.67 8.81
C ARG A 45 7.10 44.38 9.49
N VAL A 46 7.57 44.08 10.70
CA VAL A 46 7.27 42.77 11.32
C VAL A 46 5.81 42.39 11.59
N GLY A 47 5.15 43.11 12.50
CA GLY A 47 3.72 42.91 12.69
C GLY A 47 2.88 43.00 11.41
N LEU A 48 3.29 43.86 10.48
CA LEU A 48 2.41 44.29 9.42
C LEU A 48 1.79 43.17 8.52
N PRO A 49 0.44 43.00 8.57
CA PRO A 49 -0.22 42.08 7.62
C PRO A 49 -0.16 42.64 6.21
N ILE A 50 -0.04 41.77 5.23
CA ILE A 50 0.07 42.24 3.86
C ILE A 50 -1.11 43.11 3.47
N ASN A 51 -2.26 42.84 4.07
CA ASN A 51 -3.44 43.69 3.88
C ASN A 51 -3.10 45.18 3.92
N GLN A 52 -2.26 45.55 4.89
CA GLN A 52 -1.84 46.92 5.10
C GLN A 52 -0.45 47.31 4.56
N ARG A 53 0.20 46.37 3.88
CA ARG A 53 1.61 46.54 3.54
C ARG A 53 1.91 47.58 2.47
N PHE A 54 0.91 47.94 1.67
CA PHE A 54 1.14 48.89 0.57
C PHE A 54 0.11 50.00 0.42
N ILE A 55 0.48 51.01 -0.36
CA ILE A 55 -0.49 51.96 -0.89
C ILE A 55 -0.16 52.19 -2.36
N LEU A 56 -1.17 52.58 -3.15
CA LEU A 56 -1.07 52.78 -4.60
C LEU A 56 -1.22 54.24 -4.99
N VAL A 57 -0.58 54.64 -6.09
CA VAL A 57 -0.64 56.02 -6.56
C VAL A 57 -0.91 56.15 -8.06
N GLU A 58 -2.08 56.69 -8.39
CA GLU A 58 -2.50 56.86 -9.79
C GLU A 58 -2.04 58.19 -10.37
N LEU A 59 -1.14 58.11 -11.35
CA LEU A 59 -0.54 59.32 -11.94
C LEU A 59 -0.96 59.55 -13.38
N SER A 60 -1.49 60.73 -13.65
CA SER A 60 -2.01 61.02 -14.98
C SER A 60 -1.37 62.22 -15.62
N ASN A 61 -1.78 62.48 -16.86
CA ASN A 61 -1.05 63.35 -17.79
C ASN A 61 -1.87 64.46 -18.44
N HIS A 62 -1.19 65.50 -18.90
CA HIS A 62 -1.79 66.37 -19.93
C HIS A 62 -1.71 65.65 -21.30
N ALA A 63 -0.88 64.61 -21.33
CA ALA A 63 -0.75 63.69 -22.45
C ALA A 63 -1.81 62.63 -22.28
N GLU A 64 -2.61 62.79 -21.23
CA GLU A 64 -3.85 62.03 -21.02
C GLU A 64 -3.64 60.56 -20.81
N LEU A 65 -2.51 60.16 -20.25
CA LEU A 65 -2.39 58.77 -19.87
C LEU A 65 -1.91 58.58 -18.44
N SER A 66 -2.07 57.38 -17.91
CA SER A 66 -1.74 57.19 -16.51
C SER A 66 -1.10 55.83 -16.20
N VAL A 67 -0.51 55.75 -15.01
CA VAL A 67 0.10 54.52 -14.50
C VAL A 67 -0.04 54.51 -12.98
N THR A 68 -0.01 53.32 -12.39
CA THR A 68 -0.11 53.19 -10.94
C THR A 68 1.15 52.66 -10.24
N LEU A 69 1.57 53.38 -9.20
CA LEU A 69 2.79 53.02 -8.49
C LEU A 69 2.47 52.36 -7.20
N ALA A 70 3.27 51.35 -6.84
CA ALA A 70 3.13 50.72 -5.53
C ALA A 70 4.24 51.14 -4.58
N LEU A 71 3.83 51.43 -3.34
CA LEU A 71 4.75 51.87 -2.32
C LEU A 71 4.71 50.99 -1.10
N ASP A 72 5.90 50.68 -0.60
CA ASP A 72 6.04 49.87 0.61
C ASP A 72 5.77 50.83 1.74
N VAL A 73 4.80 50.49 2.58
CA VAL A 73 4.40 51.39 3.62
C VAL A 73 5.48 51.51 4.70
N THR A 74 6.11 50.37 5.01
CA THR A 74 7.26 50.35 5.91
C THR A 74 8.38 51.24 5.39
N ASN A 75 8.50 51.21 4.07
CA ASN A 75 9.62 51.73 3.32
C ASN A 75 9.47 53.20 2.93
N ALA A 76 8.36 53.45 2.26
CA ALA A 76 8.04 54.70 1.60
C ALA A 76 8.55 54.64 0.20
N TYR A 77 9.34 53.61 -0.11
CA TYR A 77 9.97 53.53 -1.44
C TYR A 77 9.06 52.83 -2.43
N VAL A 78 9.50 52.77 -3.66
CA VAL A 78 8.69 52.14 -4.69
C VAL A 78 9.10 50.68 -4.93
N VAL A 79 8.13 49.80 -4.94
CA VAL A 79 8.35 48.41 -5.27
C VAL A 79 8.03 47.98 -6.71
N GLY A 80 7.34 48.84 -7.46
CA GLY A 80 6.89 48.52 -8.82
C GLY A 80 5.67 49.33 -9.29
N TYR A 81 5.25 49.10 -10.54
CA TYR A 81 4.04 49.74 -11.06
C TYR A 81 3.31 49.02 -12.15
N ARG A 82 2.06 49.42 -12.29
CA ARG A 82 1.22 48.93 -13.36
C ARG A 82 0.98 50.08 -14.31
N ALA A 83 1.11 49.76 -15.60
CA ALA A 83 0.60 50.63 -16.67
C ALA A 83 -0.29 49.77 -17.53
N GLY A 84 -1.59 50.05 -17.50
CA GLY A 84 -2.55 49.22 -18.20
C GLY A 84 -2.53 47.77 -17.74
N ASN A 85 -2.27 46.89 -18.71
CA ASN A 85 -2.37 45.47 -18.47
C ASN A 85 -1.08 44.78 -18.11
N SER A 86 -0.03 45.57 -17.97
CA SER A 86 1.22 45.05 -17.48
C SER A 86 1.63 45.69 -16.14
N ALA A 87 2.30 44.89 -15.33
CA ALA A 87 2.83 45.42 -14.12
C ALA A 87 4.29 45.01 -14.03
N TYR A 88 5.08 45.89 -13.44
CA TYR A 88 6.50 45.65 -13.29
C TYR A 88 6.94 45.83 -11.81
N PHE A 89 7.78 44.94 -11.29
CA PHE A 89 8.30 45.06 -9.92
C PHE A 89 9.81 44.91 -9.85
N PHE A 90 10.44 45.56 -8.87
CA PHE A 90 11.89 45.40 -8.67
C PHE A 90 12.24 44.06 -8.09
N HIS A 91 13.46 43.59 -8.37
CA HIS A 91 13.96 42.38 -7.71
C HIS A 91 13.95 42.50 -6.16
N PRO A 92 13.13 41.65 -5.53
CA PRO A 92 13.01 41.57 -4.08
C PRO A 92 14.30 41.09 -3.42
N ASP A 93 14.70 41.84 -2.41
CA ASP A 93 15.90 41.54 -1.62
C ASP A 93 15.74 40.33 -0.71
N ASN A 94 14.55 39.77 -0.58
CA ASN A 94 14.43 38.54 0.18
C ASN A 94 13.16 37.76 -0.02
N GLN A 95 13.13 36.58 0.59
CA GLN A 95 11.96 35.71 0.59
C GLN A 95 10.67 36.47 0.88
N GLU A 96 10.58 37.00 2.10
CA GLU A 96 9.38 37.66 2.65
C GLU A 96 8.88 38.74 1.73
N ASP A 97 9.79 39.62 1.34
CA ASP A 97 9.45 40.74 0.49
C ASP A 97 8.79 40.20 -0.78
N ALA A 98 9.44 39.25 -1.43
CA ALA A 98 8.91 38.71 -2.68
C ALA A 98 7.48 38.16 -2.59
N GLU A 99 7.13 37.54 -1.46
CA GLU A 99 5.77 37.01 -1.29
C GLU A 99 4.74 38.15 -1.21
N ALA A 100 5.11 39.24 -0.55
CA ALA A 100 4.25 40.41 -0.42
C ALA A 100 3.82 40.98 -1.75
N ILE A 101 4.77 41.28 -2.61
CA ILE A 101 4.49 41.82 -3.93
C ILE A 101 3.40 41.08 -4.70
N THR A 102 3.34 39.76 -4.50
CA THR A 102 2.42 38.91 -5.27
C THR A 102 1.02 39.44 -5.03
N HIS A 103 0.86 40.16 -3.92
CA HIS A 103 -0.40 40.75 -3.53
C HIS A 103 -0.67 42.06 -4.25
N LEU A 104 0.20 42.44 -5.20
CA LEU A 104 0.05 43.77 -5.76
C LEU A 104 -0.83 43.97 -6.98
N PHE A 105 -0.40 43.62 -8.15
CA PHE A 105 -1.38 43.90 -9.16
C PHE A 105 -1.78 42.54 -9.64
N THR A 106 -2.89 42.12 -9.09
CA THR A 106 -3.28 40.74 -9.19
C THR A 106 -4.05 40.46 -10.47
N ASP A 107 -4.94 41.39 -10.78
CA ASP A 107 -5.65 41.47 -12.06
C ASP A 107 -4.74 41.37 -13.31
N VAL A 108 -3.53 41.93 -13.21
CA VAL A 108 -2.67 42.07 -14.36
C VAL A 108 -2.32 40.74 -15.05
N GLN A 109 -2.42 40.75 -16.37
CA GLN A 109 -2.11 39.57 -17.14
C GLN A 109 -0.64 39.34 -17.39
N ASN A 110 0.13 40.42 -17.49
CA ASN A 110 1.56 40.27 -17.61
C ASN A 110 2.23 40.80 -16.37
N ARG A 111 2.71 39.91 -15.49
CA ARG A 111 3.45 40.36 -14.31
C ARG A 111 4.91 40.14 -14.63
N TYR A 112 5.66 41.23 -14.72
CA TYR A 112 7.08 41.16 -14.99
C TYR A 112 7.82 41.50 -13.69
N THR A 113 8.90 40.77 -13.42
CA THR A 113 9.79 41.07 -12.30
C THR A 113 11.25 41.19 -12.78
N PHE A 114 11.89 42.33 -12.49
CA PHE A 114 13.27 42.69 -12.91
C PHE A 114 14.38 41.93 -12.18
N ALA A 115 15.58 41.92 -12.77
CA ALA A 115 16.75 41.29 -12.16
C ALA A 115 17.49 42.17 -11.14
N PHE A 116 17.19 43.45 -11.18
CA PHE A 116 17.95 44.39 -10.38
C PHE A 116 17.09 45.11 -9.37
N GLY A 117 17.76 45.61 -8.35
CA GLY A 117 17.08 46.37 -7.31
C GLY A 117 16.73 47.73 -7.85
N GLY A 118 16.03 48.52 -7.04
CA GLY A 118 15.72 49.90 -7.36
C GLY A 118 16.47 50.93 -6.53
N ASN A 119 17.55 50.51 -5.83
CA ASN A 119 18.48 51.42 -5.17
C ASN A 119 19.00 52.44 -6.18
N TYR A 120 19.17 53.67 -5.72
CA TYR A 120 19.62 54.70 -6.62
C TYR A 120 20.82 54.20 -7.37
N ASP A 121 21.77 53.67 -6.63
CA ASP A 121 22.99 53.17 -7.23
C ASP A 121 22.69 52.34 -8.46
N ARG A 122 21.76 51.41 -8.32
CA ARG A 122 21.52 50.51 -9.41
C ARG A 122 20.96 51.27 -10.58
N LEU A 123 20.04 52.20 -10.33
CA LEU A 123 19.35 52.93 -11.40
C LEU A 123 20.29 53.91 -12.11
N GLU A 124 20.98 54.70 -11.33
CA GLU A 124 21.97 55.63 -11.86
C GLU A 124 22.84 54.91 -12.86
N GLN A 125 23.13 53.65 -12.54
CA GLN A 125 24.00 52.87 -13.38
C GLN A 125 23.35 52.59 -14.75
N LEU A 126 22.08 52.20 -14.69
CA LEU A 126 21.27 51.99 -15.87
C LEU A 126 20.92 53.30 -16.55
N ALA A 127 20.62 54.34 -15.78
CA ALA A 127 20.30 55.61 -16.39
C ALA A 127 21.54 56.09 -17.14
N GLY A 128 22.71 55.60 -16.70
CA GLY A 128 23.99 55.91 -17.31
C GLY A 128 24.48 57.25 -16.81
N ASN A 129 23.66 57.87 -15.97
CA ASN A 129 23.98 59.17 -15.40
C ASN A 129 23.72 59.14 -13.92
N LEU A 130 24.02 60.25 -13.27
CA LEU A 130 23.81 60.39 -11.85
C LEU A 130 22.67 61.34 -11.59
N ARG A 131 22.09 61.23 -10.39
CA ARG A 131 20.90 62.00 -10.04
C ARG A 131 20.96 63.51 -10.34
N GLU A 132 22.18 64.08 -10.35
CA GLU A 132 22.42 65.53 -10.50
C GLU A 132 22.54 65.94 -11.93
N ASN A 133 22.55 64.95 -12.81
CA ASN A 133 22.42 65.24 -14.20
C ASN A 133 21.00 65.02 -14.69
N ILE A 134 20.14 64.64 -13.73
CA ILE A 134 18.78 64.26 -14.06
C ILE A 134 17.81 65.27 -13.53
N GLU A 135 17.23 66.04 -14.45
CA GLU A 135 16.40 67.16 -14.06
C GLU A 135 15.11 66.74 -13.33
N LEU A 136 14.77 67.48 -12.29
CA LEU A 136 13.53 67.26 -11.57
C LEU A 136 12.65 68.50 -11.72
N GLY A 137 11.34 68.29 -11.64
CA GLY A 137 10.37 69.35 -11.86
C GLY A 137 9.12 68.71 -12.42
N ASN A 138 8.12 69.52 -12.73
CA ASN A 138 6.87 68.98 -13.28
C ASN A 138 7.02 68.49 -14.74
N GLY A 139 7.59 69.32 -15.62
CA GLY A 139 7.83 68.91 -17.00
C GLY A 139 8.52 67.55 -17.01
N PRO A 140 9.59 67.40 -16.20
CA PRO A 140 10.30 66.12 -16.08
C PRO A 140 9.35 64.98 -15.71
N LEU A 141 8.51 65.21 -14.71
CA LEU A 141 7.54 64.23 -14.24
C LEU A 141 6.43 63.90 -15.22
N GLU A 142 5.94 64.90 -15.95
CA GLU A 142 5.03 64.64 -17.06
C GLU A 142 5.71 63.61 -17.96
N GLU A 143 6.79 64.01 -18.59
CA GLU A 143 7.44 63.13 -19.53
C GLU A 143 7.78 61.77 -18.92
N ALA A 144 8.03 61.72 -17.60
CA ALA A 144 8.37 60.47 -16.91
C ALA A 144 7.23 59.46 -16.93
N ILE A 145 6.06 59.90 -16.48
CA ILE A 145 4.86 59.09 -16.51
C ILE A 145 4.66 58.56 -17.92
N SER A 146 4.70 59.49 -18.88
CA SER A 146 4.53 59.12 -20.29
C SER A 146 5.43 57.94 -20.59
N ALA A 147 6.70 58.08 -20.22
CA ALA A 147 7.69 57.04 -20.49
C ALA A 147 7.30 55.67 -19.91
N LEU A 148 6.87 55.65 -18.63
CA LEU A 148 6.57 54.40 -17.96
C LEU A 148 5.46 53.68 -18.65
N TYR A 149 4.46 54.46 -19.04
CA TYR A 149 3.40 53.87 -19.83
C TYR A 149 4.01 53.25 -21.06
N TYR A 150 4.65 54.13 -21.82
CA TYR A 150 5.25 53.83 -23.11
C TYR A 150 6.22 52.67 -22.96
N TYR A 151 6.68 52.44 -21.74
CA TYR A 151 7.64 51.36 -21.50
C TYR A 151 6.98 50.02 -21.68
N SER A 152 5.80 49.94 -21.09
CA SER A 152 4.97 48.75 -21.16
C SER A 152 4.74 48.36 -22.61
N THR A 153 4.76 49.36 -23.51
CA THR A 153 4.66 49.17 -24.98
C THR A 153 6.03 49.04 -25.66
N GLY A 154 7.10 49.32 -24.92
CA GLY A 154 8.44 49.19 -25.46
C GLY A 154 8.80 50.20 -26.53
N GLY A 155 8.11 51.34 -26.53
CA GLY A 155 8.54 52.48 -27.32
C GLY A 155 9.72 53.16 -26.62
N THR A 156 9.88 52.87 -25.34
CA THR A 156 10.95 53.45 -24.53
C THR A 156 12.01 52.44 -24.09
N GLN A 157 13.27 52.91 -24.14
CA GLN A 157 14.46 52.09 -23.83
C GLN A 157 14.66 51.94 -22.30
N LEU A 158 15.63 51.15 -21.89
CA LEU A 158 15.84 50.95 -20.46
C LEU A 158 16.40 52.16 -19.66
N PRO A 159 17.47 52.79 -20.18
CA PRO A 159 18.03 53.87 -19.38
C PRO A 159 17.00 54.95 -19.28
N THR A 160 16.13 55.04 -20.28
CA THR A 160 15.07 56.02 -20.21
C THR A 160 14.17 55.65 -19.02
N LEU A 161 13.82 54.37 -18.91
CA LEU A 161 12.98 53.94 -17.81
C LEU A 161 13.64 54.21 -16.47
N ALA A 162 14.95 54.02 -16.39
CA ALA A 162 15.69 54.18 -15.13
C ALA A 162 15.55 55.60 -14.68
N ARG A 163 15.88 56.49 -15.60
CA ARG A 163 15.74 57.92 -15.42
C ARG A 163 14.34 58.30 -14.94
N SER A 164 13.32 57.66 -15.48
CA SER A 164 11.97 57.98 -15.07
C SER A 164 11.78 57.62 -13.63
N PHE A 165 12.18 56.42 -13.22
CA PHE A 165 12.11 56.03 -11.81
C PHE A 165 12.85 56.98 -10.89
N ILE A 166 14.11 57.22 -11.26
CA ILE A 166 14.98 58.13 -10.52
C ILE A 166 14.27 59.46 -10.29
N ILE A 167 13.43 59.85 -11.24
CA ILE A 167 12.64 61.07 -11.08
C ILE A 167 11.51 60.92 -10.03
N CYS A 168 10.77 59.85 -10.13
CA CYS A 168 9.60 59.66 -9.28
C CYS A 168 9.99 59.34 -7.86
N ILE A 169 10.85 58.34 -7.69
CA ILE A 169 11.18 57.94 -6.33
C ILE A 169 11.53 59.17 -5.56
N GLN A 170 12.24 60.06 -6.24
CA GLN A 170 12.67 61.31 -5.63
C GLN A 170 11.50 62.25 -5.38
N MET A 171 10.74 62.54 -6.42
CA MET A 171 9.63 63.50 -6.32
C MET A 171 8.46 63.05 -5.47
N ILE A 172 8.49 61.78 -5.05
CA ILE A 172 7.45 61.22 -4.18
C ILE A 172 8.03 60.63 -2.88
N SER A 173 8.64 59.45 -2.98
CA SER A 173 9.18 58.82 -1.80
C SER A 173 10.04 59.83 -1.02
N GLU A 174 10.87 60.58 -1.75
CA GLU A 174 11.77 61.46 -1.04
C GLU A 174 11.04 62.73 -0.61
N ALA A 175 10.13 63.22 -1.45
CA ALA A 175 9.34 64.40 -1.06
C ALA A 175 8.53 64.08 0.17
N ALA A 176 7.99 62.87 0.21
CA ALA A 176 7.19 62.42 1.35
C ALA A 176 8.06 62.21 2.57
N ARG A 177 9.26 61.70 2.36
CA ARG A 177 10.19 61.50 3.45
C ARG A 177 10.64 62.84 3.99
N PHE A 178 10.73 63.84 3.10
CA PHE A 178 11.27 65.13 3.49
C PHE A 178 10.43 66.32 3.08
N GLN A 179 9.97 67.09 4.05
CA GLN A 179 9.28 68.34 3.77
C GLN A 179 10.23 69.19 3.01
N TYR A 180 11.51 69.09 3.35
CA TYR A 180 12.54 69.85 2.65
C TYR A 180 12.50 69.57 1.15
N ILE A 181 12.40 68.30 0.84
CA ILE A 181 12.35 67.89 -0.54
C ILE A 181 10.98 68.25 -1.14
N GLU A 182 9.91 68.02 -0.39
CA GLU A 182 8.59 68.49 -0.80
C GLU A 182 8.64 70.01 -1.10
N GLY A 183 9.08 70.81 -0.13
CA GLY A 183 9.07 72.25 -0.29
C GLY A 183 9.97 72.74 -1.41
N GLU A 184 10.97 71.93 -1.76
CA GLU A 184 11.89 72.25 -2.85
C GLU A 184 11.22 72.05 -4.19
N MET A 185 10.37 71.02 -4.26
CA MET A 185 9.61 70.76 -5.45
C MET A 185 8.54 71.80 -5.54
N ARG A 186 7.99 72.16 -4.39
CA ARG A 186 6.99 73.21 -4.32
C ARG A 186 7.50 74.44 -5.03
N THR A 187 8.67 74.92 -4.63
CA THR A 187 9.19 76.14 -5.22
C THR A 187 9.69 75.90 -6.65
N ARG A 188 10.01 74.65 -6.98
CA ARG A 188 10.35 74.25 -8.35
C ARG A 188 9.16 74.43 -9.32
N ILE A 189 8.01 73.88 -8.93
CA ILE A 189 6.74 74.17 -9.57
C ILE A 189 6.45 75.65 -9.55
N ARG A 190 6.58 76.27 -8.36
CA ARG A 190 6.18 77.68 -8.16
C ARG A 190 6.80 78.55 -9.27
N TYR A 191 8.12 78.49 -9.43
CA TYR A 191 8.76 79.33 -10.42
C TYR A 191 8.91 78.62 -11.77
N ASN A 192 8.35 77.41 -11.86
CA ASN A 192 8.37 76.63 -13.10
C ASN A 192 9.80 76.35 -13.62
N ARG A 193 10.64 75.82 -12.75
CA ARG A 193 12.02 75.51 -13.13
C ARG A 193 12.14 74.00 -13.41
N ARG A 194 13.00 73.62 -14.35
CA ARG A 194 13.39 72.24 -14.51
C ARG A 194 14.90 72.20 -14.28
N SER A 195 15.29 71.59 -13.17
CA SER A 195 16.70 71.56 -12.80
C SER A 195 17.01 70.35 -11.93
N ALA A 196 18.21 69.81 -12.07
CA ALA A 196 18.60 68.63 -11.28
C ALA A 196 18.64 68.94 -9.80
N PRO A 197 18.60 67.87 -8.97
CA PRO A 197 18.66 68.00 -7.49
C PRO A 197 19.99 68.52 -6.94
N ASP A 198 19.97 69.51 -6.06
CA ASP A 198 21.21 69.96 -5.42
C ASP A 198 21.75 68.93 -4.39
N PRO A 199 23.00 69.14 -3.89
CA PRO A 199 23.61 68.15 -3.00
C PRO A 199 22.82 67.94 -1.74
N SER A 200 22.26 69.01 -1.17
CA SER A 200 21.53 68.89 0.10
C SER A 200 20.43 67.85 -0.04
N VAL A 201 19.69 67.94 -1.14
CA VAL A 201 18.63 67.01 -1.45
C VAL A 201 19.15 65.58 -1.53
N ILE A 202 20.27 65.44 -2.19
CA ILE A 202 20.87 64.15 -2.42
C ILE A 202 21.40 63.48 -1.15
N THR A 203 22.29 64.14 -0.44
CA THR A 203 22.83 63.56 0.79
C THR A 203 21.71 63.25 1.78
N LEU A 204 20.66 64.05 1.73
CA LEU A 204 19.47 63.76 2.51
C LEU A 204 18.97 62.38 2.14
N GLU A 205 18.89 62.15 0.82
CA GLU A 205 18.34 60.90 0.34
C GLU A 205 19.19 59.72 0.78
N ASN A 206 20.50 59.84 0.68
CA ASN A 206 21.39 58.76 1.13
C ASN A 206 21.50 58.56 2.64
N SER A 207 21.23 59.59 3.42
CA SER A 207 21.40 59.45 4.84
C SER A 207 20.10 59.12 5.58
N TRP A 208 18.99 59.11 4.83
CA TRP A 208 17.66 58.91 5.42
C TRP A 208 17.59 57.63 6.28
N GLY A 209 18.19 56.56 5.80
CA GLY A 209 18.29 55.36 6.60
C GLY A 209 19.05 55.55 7.91
N ARG A 210 20.13 56.31 7.86
CA ARG A 210 20.99 56.39 9.02
C ARG A 210 20.63 57.55 9.94
N LEU A 211 19.71 58.38 9.46
CA LEU A 211 19.10 59.40 10.30
C LEU A 211 17.99 58.75 11.08
N SER A 212 17.20 57.92 10.40
CA SER A 212 16.12 57.24 11.07
C SER A 212 16.69 56.51 12.27
N THR A 213 17.81 55.83 12.07
CA THR A 213 18.49 55.17 13.18
C THR A 213 18.97 56.19 14.23
N ALA A 214 19.72 57.20 13.80
CA ALA A 214 20.35 58.17 14.72
C ALA A 214 19.35 58.78 15.67
N ILE A 215 18.20 59.15 15.11
CA ILE A 215 17.15 59.79 15.86
C ILE A 215 16.54 58.88 16.93
N GLN A 216 16.00 57.74 16.51
CA GLN A 216 15.20 56.94 17.42
C GLN A 216 16.04 56.44 18.57
N GLU A 217 17.33 56.32 18.27
CA GLU A 217 18.31 55.86 19.22
C GLU A 217 18.96 57.00 19.98
N SER A 218 18.61 58.22 19.61
CA SER A 218 19.16 59.39 20.30
C SER A 218 18.76 59.36 21.77
N ASN A 219 19.52 60.07 22.62
CA ASN A 219 19.12 60.33 23.99
C ASN A 219 18.28 61.59 24.02
N GLN A 220 16.99 61.43 24.31
CA GLN A 220 16.07 62.58 24.41
C GLN A 220 16.33 63.60 23.27
N GLY A 221 16.59 63.08 22.08
CA GLY A 221 16.85 63.94 20.93
C GLY A 221 18.32 64.12 20.55
N ALA A 222 19.25 63.85 21.47
CA ALA A 222 20.68 64.08 21.20
C ALA A 222 21.41 62.88 20.57
N PHE A 223 21.88 63.06 19.34
CA PHE A 223 22.49 61.97 18.57
C PHE A 223 23.66 61.32 19.25
N ALA A 224 23.69 60.00 19.15
CA ALA A 224 24.87 59.26 19.52
C ALA A 224 26.06 59.88 18.80
N SER A 225 26.10 59.73 17.48
CA SER A 225 27.23 60.21 16.73
C SER A 225 26.75 61.19 15.68
N PRO A 226 27.62 62.16 15.30
CA PRO A 226 27.26 63.15 14.26
C PRO A 226 26.93 62.47 12.95
N ILE A 227 26.12 63.13 12.15
CA ILE A 227 25.80 62.66 10.81
C ILE A 227 26.18 63.77 9.84
N GLN A 228 27.16 63.51 8.98
CA GLN A 228 27.63 64.52 8.02
C GLN A 228 26.60 64.78 6.94
N LEU A 229 26.29 66.06 6.70
CA LEU A 229 25.40 66.42 5.60
C LEU A 229 26.00 67.47 4.68
N GLN A 230 25.27 67.83 3.62
CA GLN A 230 25.69 68.95 2.77
C GLN A 230 24.61 70.01 2.60
N ARG A 231 25.03 71.27 2.57
CA ARG A 231 24.12 72.38 2.34
C ARG A 231 23.89 72.54 0.85
N ARG A 232 23.00 73.45 0.47
CA ARG A 232 22.70 73.67 -0.94
C ARG A 232 23.98 73.87 -1.77
N ASN A 233 25.01 74.45 -1.15
CA ASN A 233 26.25 74.79 -1.85
C ASN A 233 27.34 73.73 -1.78
N GLY A 234 27.04 72.59 -1.16
CA GLY A 234 27.97 71.48 -1.13
C GLY A 234 28.81 71.47 0.13
N SER A 235 28.78 72.58 0.87
CA SER A 235 29.54 72.69 2.11
C SER A 235 29.04 71.66 3.12
N LYS A 236 29.97 70.85 3.61
CA LYS A 236 29.63 69.77 4.51
C LYS A 236 29.35 70.29 5.93
N PHE A 237 28.40 69.69 6.64
CA PHE A 237 28.21 70.06 8.05
C PHE A 237 27.62 68.92 8.86
N SER A 238 27.99 68.89 10.14
CA SER A 238 27.60 67.79 10.99
C SER A 238 26.32 68.09 11.77
N VAL A 239 25.49 67.05 11.88
CA VAL A 239 24.22 67.08 12.62
C VAL A 239 24.36 66.36 13.95
N TYR A 240 24.32 67.10 15.06
CA TYR A 240 24.44 66.51 16.39
C TYR A 240 23.13 66.23 17.17
N ASP A 241 22.01 66.76 16.71
CA ASP A 241 20.77 66.75 17.48
C ASP A 241 19.55 66.74 16.56
N VAL A 242 18.43 66.23 17.06
CA VAL A 242 17.22 66.10 16.25
C VAL A 242 16.58 67.45 15.97
N SER A 243 16.86 68.40 16.86
CA SER A 243 16.15 69.68 16.90
C SER A 243 16.05 70.35 15.55
N ILE A 244 17.12 70.25 14.78
CA ILE A 244 17.25 70.92 13.49
C ILE A 244 16.58 70.15 12.35
N LEU A 245 16.35 68.85 12.56
CA LEU A 245 15.79 67.98 11.52
C LEU A 245 14.30 68.10 11.46
N ILE A 246 13.72 68.47 12.59
CA ILE A 246 12.28 68.55 12.75
C ILE A 246 11.56 69.21 11.53
N PRO A 247 11.98 70.44 11.13
CA PRO A 247 11.47 71.23 10.00
C PRO A 247 11.69 70.59 8.64
N ILE A 248 12.48 69.53 8.61
CA ILE A 248 12.91 68.90 7.37
C ILE A 248 12.30 67.53 7.08
N ILE A 249 12.60 66.60 7.97
CA ILE A 249 12.28 65.22 7.72
C ILE A 249 10.88 64.91 8.23
N ALA A 250 10.04 64.43 7.31
CA ALA A 250 8.67 64.01 7.61
C ALA A 250 8.43 62.59 8.16
N LEU A 251 9.23 61.60 7.74
CA LEU A 251 9.01 60.19 8.12
C LEU A 251 10.31 59.40 8.40
N MET A 252 10.22 58.41 9.31
CA MET A 252 11.36 57.52 9.56
C MET A 252 10.91 56.06 9.50
N VAL A 253 11.76 55.20 8.97
CA VAL A 253 11.49 53.77 8.98
C VAL A 253 11.62 53.30 10.43
N TYR A 254 10.67 52.48 10.92
CA TYR A 254 10.74 51.96 12.31
C TYR A 254 12.11 51.30 12.51
N ARG A 255 12.80 51.62 13.61
CA ARG A 255 14.06 50.96 13.91
C ARG A 255 13.99 50.22 15.27
N CYS A 256 13.76 50.96 16.35
CA CYS A 256 13.73 50.36 17.67
C CYS A 256 12.36 50.53 18.34
N ALA A 257 12.05 49.65 19.28
CA ALA A 257 10.87 49.86 20.09
C ALA A 257 10.94 51.24 20.77
N PRO A 258 9.83 52.03 20.76
CA PRO A 258 9.86 53.37 21.38
C PRO A 258 10.21 53.43 22.88
N PRO A 259 10.92 54.49 23.26
CA PRO A 259 11.42 54.74 24.61
C PRO A 259 10.35 54.91 25.72
N PRO A 260 10.77 54.85 26.99
CA PRO A 260 9.90 55.06 28.16
C PRO A 260 9.69 56.54 28.50
N MET B 2 4.38 51.99 -29.31
CA MET B 2 3.95 53.38 -29.14
C MET B 2 4.99 54.23 -28.39
N GLN B 3 5.31 55.40 -28.96
CA GLN B 3 6.32 56.36 -28.44
C GLN B 3 6.01 57.84 -28.86
N VAL B 4 6.94 58.78 -28.66
CA VAL B 4 6.76 60.20 -29.05
C VAL B 4 6.93 60.51 -30.56
N GLN B 5 7.46 59.55 -31.32
CA GLN B 5 7.41 59.60 -32.79
C GLN B 5 8.07 60.82 -33.45
N LEU B 6 9.40 60.82 -33.46
CA LEU B 6 10.19 61.86 -34.12
C LEU B 6 10.50 61.58 -35.58
N VAL B 7 10.55 62.60 -36.43
CA VAL B 7 11.01 62.38 -37.81
C VAL B 7 11.78 63.49 -38.49
N GLU B 8 12.74 63.06 -39.31
CA GLU B 8 13.70 63.93 -39.98
C GLU B 8 13.74 63.67 -41.46
N SER B 9 13.89 64.74 -42.22
CA SER B 9 14.02 64.65 -43.67
C SER B 9 15.28 65.41 -43.99
N GLY B 10 15.61 65.53 -45.28
CA GLY B 10 16.74 66.32 -45.70
C GLY B 10 18.01 65.57 -46.12
N GLY B 11 18.02 64.26 -45.92
CA GLY B 11 19.17 63.45 -46.30
C GLY B 11 19.32 63.34 -47.80
N GLY B 12 20.55 63.08 -48.24
CA GLY B 12 20.79 62.86 -49.66
C GLY B 12 22.25 62.73 -50.01
N LEU B 13 22.50 62.93 -51.29
CA LEU B 13 23.84 62.86 -51.83
C LEU B 13 24.29 64.24 -52.22
N VAL B 14 25.48 64.63 -51.75
CA VAL B 14 26.11 65.84 -52.25
C VAL B 14 27.47 65.47 -52.75
N GLN B 15 28.04 66.37 -53.54
CA GLN B 15 29.41 66.25 -53.89
C GLN B 15 30.19 66.66 -52.70
N ALA B 16 31.43 66.22 -52.62
CA ALA B 16 32.29 66.71 -51.57
C ALA B 16 32.27 68.24 -51.61
N GLY B 17 32.09 68.85 -50.43
CA GLY B 17 32.11 70.31 -50.33
C GLY B 17 30.72 70.94 -50.33
N GLY B 18 29.73 70.17 -50.76
CA GLY B 18 28.37 70.65 -50.84
C GLY B 18 27.79 70.94 -49.47
N SER B 19 26.61 71.55 -49.48
CA SER B 19 25.90 71.82 -48.25
C SER B 19 24.58 71.08 -48.29
N LEU B 20 24.04 70.81 -47.11
CA LEU B 20 22.84 70.01 -46.97
C LEU B 20 22.16 70.43 -45.66
N ARG B 21 20.84 70.26 -45.57
CA ARG B 21 20.16 70.68 -44.34
C ARG B 21 19.09 69.75 -43.81
N LEU B 22 19.20 69.38 -42.56
CA LEU B 22 18.30 68.40 -41.99
C LEU B 22 17.21 69.08 -41.18
N SER B 23 16.03 68.44 -41.18
CA SER B 23 14.85 68.97 -40.49
C SER B 23 14.21 67.86 -39.69
N CYS B 24 13.51 68.24 -38.63
CA CYS B 24 12.93 67.29 -37.68
C CYS B 24 11.61 67.75 -37.04
N ALA B 25 10.69 66.82 -36.80
CA ALA B 25 9.42 67.18 -36.16
C ALA B 25 9.01 66.30 -34.98
N ALA B 26 8.78 66.92 -33.82
CA ALA B 26 8.23 66.18 -32.69
C ALA B 26 6.73 66.15 -32.82
N SER B 27 6.14 65.02 -32.46
CA SER B 27 4.69 64.85 -32.57
C SER B 27 3.93 64.80 -31.22
N ARG B 29 1.65 64.64 -28.26
CA ARG B 29 1.59 65.29 -26.95
C ARG B 29 2.99 65.29 -26.31
N THR B 30 3.74 66.33 -26.67
CA THR B 30 5.16 66.51 -26.34
C THR B 30 5.42 67.95 -25.91
N PHE B 31 5.96 68.12 -24.72
CA PHE B 31 6.01 69.45 -24.11
C PHE B 31 7.39 69.89 -23.58
N SER B 32 7.78 69.27 -22.47
CA SER B 32 9.00 69.57 -21.73
C SER B 32 10.12 68.81 -22.40
N ARG B 33 11.24 69.47 -22.66
CA ARG B 33 12.29 68.81 -23.43
C ARG B 33 13.61 68.82 -22.68
N SER B 34 14.14 70.02 -22.43
CA SER B 34 15.44 70.21 -21.80
C SER B 34 16.62 70.02 -22.76
N SER B 35 16.38 69.38 -23.91
CA SER B 35 17.37 69.29 -24.98
C SER B 35 16.90 68.50 -26.20
N MET B 36 17.56 68.76 -27.34
CA MET B 36 17.43 67.91 -28.52
C MET B 36 18.77 67.87 -29.24
N GLY B 37 19.08 66.76 -29.91
CA GLY B 37 20.39 66.62 -30.50
C GLY B 37 20.44 65.69 -31.68
N TRP B 38 21.46 65.86 -32.51
CA TRP B 38 21.68 64.99 -33.67
C TRP B 38 22.93 64.13 -33.52
N PHE B 39 22.74 62.82 -33.75
CA PHE B 39 23.81 61.84 -33.71
C PHE B 39 23.98 61.25 -35.07
N ARG B 40 25.19 60.81 -35.40
CA ARG B 40 25.42 60.17 -36.70
C ARG B 40 26.09 58.82 -36.54
N GLN B 41 25.70 57.88 -37.39
CA GLN B 41 26.27 56.54 -37.31
C GLN B 41 26.65 55.92 -38.64
N ALA B 42 27.95 55.67 -38.80
CA ALA B 42 28.44 54.97 -39.98
C ALA B 42 28.23 53.50 -39.74
N PRO B 43 27.81 52.75 -40.77
CA PRO B 43 27.37 51.37 -40.59
C PRO B 43 28.43 50.50 -39.90
N GLY B 44 28.01 49.77 -38.87
CA GLY B 44 28.89 48.87 -38.17
C GLY B 44 29.61 49.55 -37.02
N LYS B 45 29.74 50.87 -37.09
CA LYS B 45 30.31 51.66 -35.98
C LYS B 45 29.15 52.07 -35.04
N GLU B 46 29.40 52.91 -34.03
CA GLU B 46 28.30 53.36 -33.17
C GLU B 46 28.06 54.87 -33.28
N ARG B 47 27.01 55.36 -32.60
CA ARG B 47 26.50 56.68 -32.90
C ARG B 47 27.49 57.72 -32.42
N GLU B 48 28.00 58.55 -33.31
CA GLU B 48 28.80 59.67 -32.87
C GLU B 48 27.81 60.71 -32.39
N PHE B 49 28.18 61.43 -31.35
CA PHE B 49 27.49 62.68 -31.09
C PHE B 49 27.88 63.67 -32.20
N VAL B 50 26.99 64.61 -32.47
CA VAL B 50 27.27 65.63 -33.47
C VAL B 50 27.03 67.07 -32.97
N ALA B 51 25.76 67.39 -32.70
CA ALA B 51 25.40 68.71 -32.20
C ALA B 51 24.10 68.59 -31.40
N SER B 52 23.86 69.54 -30.51
CA SER B 52 22.58 69.58 -29.80
C SER B 52 22.26 70.97 -29.30
N ILE B 53 20.99 71.24 -29.06
CA ILE B 53 20.58 72.57 -28.61
C ILE B 53 19.75 72.43 -27.35
N VAL B 54 20.31 72.95 -26.26
CA VAL B 54 19.61 72.92 -25.01
C VAL B 54 18.29 73.67 -25.17
N TRP B 55 17.20 73.00 -24.88
CA TRP B 55 15.90 73.64 -24.94
C TRP B 55 16.03 74.51 -23.73
N ALA B 56 14.97 75.19 -23.31
CA ALA B 56 15.13 76.30 -22.38
C ALA B 56 16.05 77.33 -23.09
N ASP B 57 17.25 77.57 -22.57
CA ASP B 57 18.18 78.56 -23.15
C ASP B 57 18.44 78.58 -24.70
N GLY B 58 18.62 77.43 -25.36
CA GLY B 58 18.98 77.44 -26.77
C GLY B 58 20.48 77.54 -27.00
N THR B 59 21.24 77.06 -26.03
CA THR B 59 22.69 76.99 -26.14
C THR B 59 23.06 75.92 -27.12
N THR B 60 23.99 76.21 -28.01
CA THR B 60 24.34 75.18 -28.93
C THR B 60 25.65 74.54 -28.59
N LEU B 61 25.67 73.22 -28.79
CA LEU B 61 26.83 72.37 -28.52
C LEU B 61 27.16 71.44 -29.66
N TYR B 62 28.41 71.48 -30.13
CA TYR B 62 28.78 70.69 -31.28
C TYR B 62 29.94 69.77 -30.93
N GLY B 63 29.88 68.57 -31.49
CA GLY B 63 30.87 67.52 -31.24
C GLY B 63 32.12 67.91 -31.97
N ASP B 64 33.23 67.24 -31.68
CA ASP B 64 34.54 67.72 -32.14
C ASP B 64 34.68 67.92 -33.63
N SER B 65 34.62 66.83 -34.39
CA SER B 65 34.95 66.83 -35.82
C SER B 65 34.19 67.87 -36.67
N VAL B 66 32.97 68.16 -36.25
CA VAL B 66 32.08 69.02 -37.00
C VAL B 66 31.98 70.48 -36.56
N LYS B 67 32.63 70.87 -35.46
CA LYS B 67 32.20 72.07 -34.73
C LYS B 67 31.95 73.28 -35.66
N GLY B 68 32.84 73.49 -36.64
CA GLY B 68 32.78 74.67 -37.48
C GLY B 68 31.80 74.70 -38.65
N ARG B 69 31.59 73.56 -39.30
CA ARG B 69 30.73 73.50 -40.47
C ARG B 69 29.22 73.36 -40.19
N PHE B 70 28.87 72.87 -38.99
CA PHE B 70 27.48 72.56 -38.66
C PHE B 70 26.92 73.60 -37.71
N THR B 71 25.67 73.98 -37.92
CA THR B 71 25.00 74.87 -36.96
C THR B 71 23.60 74.31 -36.62
N VAL B 72 23.17 74.49 -35.37
CA VAL B 72 21.86 73.96 -34.90
C VAL B 72 20.88 75.02 -34.34
N SER B 73 19.57 74.83 -34.57
CA SER B 73 18.55 75.79 -34.13
C SER B 73 17.19 75.20 -33.82
N ARG B 74 16.51 75.83 -32.87
CA ARG B 74 15.22 75.36 -32.37
C ARG B 74 14.12 76.16 -33.07
N ASP B 75 12.95 75.55 -33.28
CA ASP B 75 11.78 76.26 -33.80
C ASP B 75 10.49 76.01 -32.98
N ASN B 76 9.60 77.01 -32.90
CA ASN B 76 8.35 76.92 -32.12
C ASN B 76 8.50 76.39 -30.69
N ASN B 79 7.86 71.39 -31.12
CA ASN B 79 7.52 71.43 -32.55
C ASN B 79 8.61 70.99 -33.54
N MET B 80 9.60 71.85 -33.77
CA MET B 80 10.56 71.63 -34.85
C MET B 80 12.02 72.10 -34.62
N VAL B 81 13.00 71.40 -35.24
CA VAL B 81 14.43 71.66 -34.99
C VAL B 81 15.32 71.34 -36.20
N TYR B 82 16.47 72.01 -36.33
CA TYR B 82 17.25 72.00 -37.60
C TYR B 82 18.78 71.82 -37.47
N LEU B 83 19.37 71.13 -38.44
CA LEU B 83 20.82 71.00 -38.54
C LEU B 83 21.42 71.39 -39.92
N GLN B 84 22.18 72.47 -39.95
CA GLN B 84 22.81 72.93 -41.17
C GLN B 84 24.10 72.20 -41.37
N MET B 85 24.34 71.66 -42.56
CA MET B 85 25.62 70.99 -42.79
C MET B 85 26.32 71.63 -43.94
N ASN B 86 27.49 72.18 -43.69
CA ASN B 86 28.22 72.93 -44.71
C ASN B 86 29.62 72.38 -44.98
N ASN B 87 30.10 72.49 -46.24
CA ASN B 87 31.39 71.91 -46.63
C ASN B 87 31.48 70.41 -46.25
N LEU B 88 30.77 69.56 -46.99
CA LEU B 88 30.76 68.14 -46.62
C LEU B 88 32.00 67.39 -47.07
N LYS B 89 32.59 66.68 -46.10
CA LYS B 89 33.62 65.72 -46.41
C LYS B 89 33.05 64.30 -46.58
N PRO B 90 33.67 63.52 -47.48
CA PRO B 90 33.27 62.12 -47.68
C PRO B 90 33.19 61.34 -46.33
N GLU B 91 33.86 61.84 -45.28
CA GLU B 91 33.89 61.14 -44.00
C GLU B 91 32.61 61.38 -43.22
N ASP B 92 31.87 62.40 -43.65
CA ASP B 92 30.58 62.66 -43.04
C ASP B 92 29.54 61.65 -43.50
N THR B 93 29.91 60.82 -44.48
CA THR B 93 28.98 59.83 -44.98
C THR B 93 28.53 58.97 -43.79
N ALA B 94 27.22 58.94 -43.57
CA ALA B 94 26.65 58.24 -42.42
C ALA B 94 25.15 58.47 -42.25
N LEU B 95 24.53 57.70 -41.37
CA LEU B 95 23.13 57.87 -41.09
C LEU B 95 22.98 58.89 -39.97
N TYR B 96 22.11 59.87 -40.15
CA TYR B 96 21.94 60.96 -39.18
C TYR B 96 20.59 60.88 -38.44
N TYR B 97 20.60 61.11 -37.11
CA TYR B 97 19.43 60.89 -36.25
C TYR B 97 18.97 62.09 -35.43
N CYS B 98 17.70 62.08 -35.05
CA CYS B 98 17.11 63.12 -34.23
C CYS B 98 16.92 62.59 -32.83
N ALA B 99 17.18 63.36 -31.79
CA ALA B 99 16.96 62.80 -30.46
C ALA B 99 16.22 63.78 -29.61
N ASP B 100 15.26 63.27 -28.83
CA ASP B 100 14.65 64.10 -27.79
C ASP B 100 15.17 63.65 -26.45
N ASN B 101 15.97 64.48 -25.78
CA ASN B 101 16.34 64.17 -24.38
C ASN B 101 15.39 64.87 -23.45
N LYS B 102 14.56 64.09 -22.77
CA LYS B 102 13.53 64.69 -21.93
C LYS B 102 14.04 64.89 -20.51
N PHE B 103 15.25 64.39 -20.20
CA PHE B 103 15.71 64.21 -18.81
C PHE B 103 16.98 64.88 -18.33
N VAL B 104 18.08 64.53 -18.98
CA VAL B 104 19.38 64.96 -18.49
C VAL B 104 19.58 66.47 -18.54
N ARG B 105 20.26 66.99 -17.52
N ARG B 105 20.26 67.00 -17.53
CA ARG B 105 20.56 68.41 -17.49
CA ARG B 105 20.57 68.43 -17.50
C ARG B 105 21.21 68.63 -18.85
C ARG B 105 21.21 68.62 -18.85
N GLY B 106 20.61 69.53 -19.62
CA GLY B 106 20.84 69.64 -21.04
C GLY B 106 22.27 69.83 -21.50
N LEU B 107 23.07 70.46 -20.65
CA LEU B 107 24.45 70.70 -21.00
C LEU B 107 25.18 69.38 -20.95
N VAL B 108 24.97 68.64 -19.86
CA VAL B 108 25.74 67.42 -19.59
C VAL B 108 25.42 66.23 -20.53
N ALA B 109 24.35 66.29 -21.33
CA ALA B 109 23.98 65.08 -22.08
C ALA B 109 24.40 65.08 -23.54
N VAL B 110 25.49 64.38 -23.76
CA VAL B 110 26.09 64.02 -25.03
C VAL B 110 26.04 62.59 -25.56
N ARG B 111 25.24 61.69 -25.00
CA ARG B 111 25.43 60.30 -25.37
C ARG B 111 24.19 59.53 -25.82
N ALA B 112 24.39 58.50 -26.62
CA ALA B 112 23.28 57.66 -27.02
C ALA B 112 22.47 57.33 -25.78
N ILE B 113 23.14 57.03 -24.66
CA ILE B 113 22.40 56.66 -23.43
C ILE B 113 21.55 57.80 -22.91
N ASP B 114 21.94 59.03 -23.23
CA ASP B 114 21.33 60.19 -22.60
C ASP B 114 19.99 60.64 -23.20
N TYR B 115 19.68 60.19 -24.41
CA TYR B 115 18.41 60.59 -25.04
C TYR B 115 17.35 59.49 -25.00
N ASP B 116 16.12 59.89 -24.70
CA ASP B 116 15.00 58.99 -24.46
C ASP B 116 14.29 58.43 -25.69
N TYR B 117 14.18 59.24 -26.75
CA TYR B 117 13.51 58.83 -27.98
C TYR B 117 14.32 59.16 -29.21
N TRP B 118 14.29 58.25 -30.16
CA TRP B 118 15.07 58.36 -31.38
C TRP B 118 14.24 58.57 -32.68
N GLY B 119 14.68 59.51 -33.48
CA GLY B 119 14.10 59.65 -34.81
C GLY B 119 14.46 58.42 -35.63
N GLN B 120 13.92 58.36 -36.84
CA GLN B 120 14.01 57.18 -37.70
C GLN B 120 15.34 57.12 -38.46
N GLY B 121 15.61 58.12 -39.27
CA GLY B 121 16.97 58.51 -39.61
C GLY B 121 16.87 58.95 -41.04
N THR B 122 17.94 59.55 -41.56
CA THR B 122 18.04 59.89 -42.99
C THR B 122 19.52 59.88 -43.42
N GLN B 123 19.79 59.38 -44.62
CA GLN B 123 21.16 59.18 -45.11
C GLN B 123 21.90 60.42 -45.69
N VAL B 124 23.24 60.37 -45.68
CA VAL B 124 24.10 61.43 -46.24
C VAL B 124 25.30 60.79 -46.97
N THR B 125 25.79 61.45 -48.03
CA THR B 125 26.94 60.90 -48.77
C THR B 125 27.75 61.99 -49.52
N VAL B 126 28.84 61.63 -50.19
CA VAL B 126 29.73 62.65 -50.76
C VAL B 126 30.74 62.14 -51.84
N SER B 127 31.52 63.03 -52.46
CA SER B 127 32.47 62.58 -53.46
C SER B 127 33.18 61.34 -52.95
N GLN C 2 6.37 24.51 -1.60
CA GLN C 2 7.70 24.02 -2.00
C GLN C 2 7.73 22.80 -3.00
N TYR C 3 6.85 22.84 -4.00
CA TYR C 3 6.20 21.63 -4.56
C TYR C 3 7.03 20.47 -5.09
N PRO C 4 6.59 19.24 -4.74
CA PRO C 4 7.17 17.95 -5.15
C PRO C 4 7.07 17.84 -6.66
N ILE C 5 8.13 17.45 -7.35
CA ILE C 5 8.02 17.27 -8.81
C ILE C 5 8.29 15.85 -9.29
N ILE C 6 7.61 15.44 -10.37
CA ILE C 6 7.82 14.16 -11.06
C ILE C 6 8.31 14.39 -12.45
N ASN C 7 9.52 13.95 -12.75
CA ASN C 7 10.06 14.08 -14.10
C ASN C 7 9.48 13.04 -15.02
N PHE C 8 9.46 13.37 -16.28
CA PHE C 8 9.32 12.34 -17.29
C PHE C 8 9.88 12.82 -18.61
N THR C 9 10.29 11.86 -19.44
CA THR C 9 10.83 12.21 -20.74
C THR C 9 10.14 11.37 -21.74
N THR C 10 9.87 12.00 -22.85
CA THR C 10 9.23 11.37 -23.97
C THR C 10 10.30 10.54 -24.72
N ALA C 11 11.55 10.87 -24.44
CA ALA C 11 12.72 10.53 -25.23
C ALA C 11 12.77 9.11 -25.73
N GLY C 12 12.94 8.18 -24.81
CA GLY C 12 13.02 6.77 -25.18
C GLY C 12 11.89 5.95 -24.66
N ALA C 13 10.76 6.56 -24.34
CA ALA C 13 9.87 6.02 -23.30
C ALA C 13 9.26 4.58 -23.44
N THR C 14 9.45 3.69 -22.46
CA THR C 14 8.84 2.34 -22.44
C THR C 14 7.32 2.37 -22.15
N VAL C 15 6.66 1.22 -22.31
CA VAL C 15 5.33 1.00 -21.72
C VAL C 15 5.51 1.15 -20.20
N GLN C 16 6.52 0.48 -19.67
CA GLN C 16 6.82 0.48 -18.25
C GLN C 16 7.12 1.89 -17.73
N SER C 17 7.93 2.61 -18.48
CA SER C 17 8.38 3.92 -18.04
C SER C 17 7.22 4.89 -17.85
N TYR C 18 6.21 4.75 -18.70
CA TYR C 18 4.99 5.54 -18.61
C TYR C 18 4.05 5.07 -17.53
N THR C 19 3.84 3.76 -17.45
CA THR C 19 3.02 3.22 -16.37
C THR C 19 3.69 3.63 -15.07
N ASN C 20 5.03 3.56 -15.06
CA ASN C 20 5.86 3.98 -13.93
C ASN C 20 5.53 5.40 -13.52
N PHE C 21 5.42 6.23 -14.53
CA PHE C 21 5.12 7.64 -14.39
C PHE C 21 3.79 7.84 -13.69
N ILE C 22 2.71 7.46 -14.37
CA ILE C 22 1.36 7.64 -13.88
C ILE C 22 1.17 7.04 -12.47
N ARG C 23 1.53 5.77 -12.32
CA ARG C 23 1.40 5.10 -11.04
C ARG C 23 2.04 6.04 -9.98
N ALA C 24 3.04 6.83 -10.41
CA ALA C 24 3.86 7.67 -9.50
C ALA C 24 3.21 8.98 -9.09
N VAL C 25 2.65 9.66 -10.07
CA VAL C 25 1.97 10.92 -9.79
C VAL C 25 0.64 10.75 -9.02
N ARG C 26 -0.11 9.70 -9.33
CA ARG C 26 -1.27 9.36 -8.50
C ARG C 26 -0.81 9.40 -7.03
N GLY C 27 0.33 8.76 -6.75
CA GLY C 27 0.87 8.74 -5.42
C GLY C 27 0.99 10.12 -4.82
N ARG C 28 1.57 11.03 -5.61
CA ARG C 28 1.84 12.42 -5.24
C ARG C 28 0.58 13.29 -5.21
N LEU C 29 -0.42 12.83 -5.96
CA LEU C 29 -1.74 13.46 -6.02
C LEU C 29 -2.60 13.18 -4.80
N THR C 30 -2.71 11.91 -4.46
CA THR C 30 -3.82 11.49 -3.60
C THR C 30 -3.47 11.10 -2.19
N THR C 31 -4.50 11.27 -1.37
CA THR C 31 -4.36 11.26 0.07
C THR C 31 -3.73 9.94 0.58
N GLY C 32 -3.51 8.97 -0.33
CA GLY C 32 -3.46 7.60 0.15
C GLY C 32 -4.92 7.27 0.48
N ALA C 33 -5.27 6.87 1.72
CA ALA C 33 -6.64 6.40 1.87
C ALA C 33 -7.66 7.36 2.46
N ASP C 34 -8.42 7.96 1.55
CA ASP C 34 -9.81 8.29 1.77
C ASP C 34 -10.41 7.65 0.53
N VAL C 35 -11.18 6.57 0.75
CA VAL C 35 -11.72 5.79 -0.36
C VAL C 35 -13.15 5.35 -0.11
N ARG C 36 -14.03 5.73 -1.05
CA ARG C 36 -15.42 5.36 -0.97
C ARG C 36 -15.61 4.13 -1.85
N HIS C 37 -16.26 3.11 -1.29
CA HIS C 37 -16.76 1.99 -2.08
C HIS C 37 -15.70 1.64 -3.12
N GLU C 38 -14.45 1.65 -2.63
CA GLU C 38 -13.21 1.16 -3.29
C GLU C 38 -12.42 2.11 -4.18
N ILE C 39 -12.99 3.26 -4.51
CA ILE C 39 -12.27 4.24 -5.33
C ILE C 39 -11.68 5.37 -4.50
N PRO C 40 -10.40 5.69 -4.72
CA PRO C 40 -9.60 6.74 -4.06
C PRO C 40 -10.10 8.18 -4.28
N VAL C 41 -10.16 8.97 -3.21
CA VAL C 41 -10.65 10.35 -3.30
C VAL C 41 -9.56 11.40 -3.15
N LEU C 42 -9.47 12.28 -4.16
CA LEU C 42 -8.50 13.36 -4.16
C LEU C 42 -8.72 14.20 -2.91
N PRO C 43 -7.67 14.90 -2.50
CA PRO C 43 -7.83 15.83 -1.36
C PRO C 43 -8.91 16.87 -1.61
N ASN C 44 -9.49 17.32 -0.51
CA ASN C 44 -10.65 18.20 -0.47
C ASN C 44 -10.26 19.67 -0.44
N ARG C 45 -10.65 20.44 -1.47
CA ARG C 45 -10.19 21.84 -1.62
C ARG C 45 -10.22 22.69 -0.32
N VAL C 46 -11.25 22.50 0.52
CA VAL C 46 -11.46 23.37 1.69
C VAL C 46 -10.39 23.44 2.78
N GLY C 47 -10.19 22.35 3.51
CA GLY C 47 -9.05 22.30 4.43
C GLY C 47 -7.68 22.67 3.81
N LEU C 48 -7.48 22.31 2.55
CA LEU C 48 -6.15 22.21 2.01
C LEU C 48 -5.32 23.51 2.09
N PRO C 49 -4.20 23.51 2.86
CA PRO C 49 -3.25 24.63 2.85
C PRO C 49 -2.50 24.69 1.52
N ILE C 50 -2.19 25.90 1.05
CA ILE C 50 -1.58 26.06 -0.26
C ILE C 50 -0.29 25.24 -0.35
N ASN C 51 0.38 25.09 0.78
CA ASN C 51 1.60 24.29 0.90
C ASN C 51 1.44 22.98 0.17
N GLN C 52 0.27 22.37 0.37
CA GLN C 52 -0.06 21.09 -0.27
C GLN C 52 -0.95 21.14 -1.54
N ARG C 53 -1.29 22.35 -2.00
CA ARG C 53 -2.31 22.48 -3.04
C ARG C 53 -1.90 21.99 -4.43
N PHE C 54 -0.60 21.84 -4.71
CA PHE C 54 -0.16 21.46 -6.06
C PHE C 54 0.93 20.42 -6.11
N ILE C 55 1.12 19.86 -7.31
CA ILE C 55 2.32 19.11 -7.59
C ILE C 55 2.78 19.51 -9.00
N LEU C 56 4.09 19.40 -9.27
CA LEU C 56 4.74 19.84 -10.50
C LEU C 56 5.19 18.66 -11.36
N VAL C 57 5.18 18.82 -12.68
CA VAL C 57 5.65 17.77 -13.58
C VAL C 57 6.66 18.20 -14.68
N GLU C 58 7.90 17.73 -14.56
CA GLU C 58 8.96 18.13 -15.47
C GLU C 58 8.97 17.20 -16.64
N LEU C 59 8.71 17.76 -17.81
CA LEU C 59 8.61 16.98 -19.05
C LEU C 59 9.72 17.29 -20.02
N SER C 60 10.44 16.25 -20.46
CA SER C 60 11.57 16.47 -21.36
C SER C 60 11.49 15.73 -22.70
N ASN C 61 12.49 15.97 -23.55
CA ASN C 61 12.45 15.64 -24.98
C ASN C 61 13.61 14.87 -25.55
N HIS C 62 13.38 14.16 -26.65
CA HIS C 62 14.49 13.72 -27.48
C HIS C 62 15.01 14.93 -28.28
N ALA C 63 14.18 15.96 -28.31
CA ALA C 63 14.54 17.27 -28.84
C ALA C 63 15.23 18.02 -27.72
N GLU C 64 15.40 17.34 -26.58
CA GLU C 64 16.28 17.81 -25.53
C GLU C 64 15.83 19.12 -24.93
N LEU C 65 14.54 19.37 -24.89
CA LEU C 65 14.11 20.46 -24.02
C LEU C 65 13.01 20.09 -23.04
N SER C 66 12.76 20.96 -22.06
CA SER C 66 11.73 20.63 -21.09
C SER C 66 10.87 21.82 -20.61
N VAL C 67 9.72 21.49 -20.01
CA VAL C 67 8.82 22.46 -19.41
C VAL C 67 8.23 21.84 -18.16
N THR C 68 7.72 22.66 -17.25
CA THR C 68 7.09 22.15 -16.01
C THR C 68 5.59 22.51 -15.89
N LEU C 69 4.76 21.51 -15.59
CA LEU C 69 3.31 21.70 -15.51
C LEU C 69 2.86 21.67 -14.09
N ALA C 70 1.90 22.53 -13.79
CA ALA C 70 1.35 22.55 -12.44
C ALA C 70 -0.03 21.92 -12.47
N LEU C 71 -0.24 21.06 -11.48
CA LEU C 71 -1.49 20.37 -11.27
C LEU C 71 -2.14 20.74 -9.92
N ASP C 72 -3.45 20.93 -9.97
CA ASP C 72 -4.27 21.18 -8.80
C ASP C 72 -4.49 19.80 -8.22
N VAL C 73 -4.11 19.65 -6.98
CA VAL C 73 -4.21 18.37 -6.34
C VAL C 73 -5.65 17.97 -6.09
N THR C 74 -6.48 18.96 -5.74
CA THR C 74 -7.91 18.71 -5.57
C THR C 74 -8.50 18.25 -6.90
N ASN C 75 -7.96 18.83 -7.94
CA ASN C 75 -8.52 18.81 -9.25
C ASN C 75 -8.02 17.63 -10.06
N ALA C 76 -6.69 17.55 -10.13
CA ALA C 76 -5.93 16.66 -10.99
C ALA C 76 -5.69 17.34 -12.29
N TYR C 77 -6.36 18.47 -12.55
CA TYR C 77 -6.25 19.15 -13.84
C TYR C 77 -5.03 20.06 -13.88
N VAL C 78 -4.77 20.69 -15.01
CA VAL C 78 -3.63 21.56 -15.14
C VAL C 78 -4.05 23.00 -14.97
N VAL C 79 -3.30 23.71 -14.15
CA VAL C 79 -3.54 25.13 -13.93
C VAL C 79 -2.61 26.06 -14.69
N GLY C 80 -1.53 25.53 -15.26
CA GLY C 80 -0.52 26.37 -15.89
C GLY C 80 0.85 25.70 -15.93
N TYR C 81 1.81 26.36 -16.60
CA TYR C 81 3.17 25.84 -16.74
C TYR C 81 4.28 26.84 -16.88
N ARG C 82 5.47 26.39 -16.52
CA ARG C 82 6.68 27.15 -16.75
C ARG C 82 7.52 26.50 -17.84
N ALA C 83 7.97 27.33 -18.76
CA ALA C 83 9.02 26.93 -19.68
C ALA C 83 10.15 27.95 -19.56
N GLY C 84 11.28 27.52 -19.02
CA GLY C 84 12.35 28.43 -18.73
C GLY C 84 11.92 29.56 -17.80
N ASN C 85 12.09 30.78 -18.28
CA ASN C 85 11.90 31.95 -17.45
C ASN C 85 10.51 32.55 -17.50
N SER C 86 9.65 31.92 -18.27
CA SER C 86 8.28 32.37 -18.32
C SER C 86 7.35 31.30 -17.73
N ALA C 87 6.26 31.75 -17.13
CA ALA C 87 5.25 30.85 -16.67
C ALA C 87 3.90 31.34 -17.15
N TYR C 88 3.01 30.41 -17.46
CA TYR C 88 1.70 30.74 -17.96
C TYR C 88 0.61 30.01 -17.17
N PHE C 89 -0.46 30.73 -16.80
CA PHE C 89 -1.56 30.12 -16.06
C PHE C 89 -2.90 30.40 -16.71
N PHE C 90 -3.88 29.49 -16.49
CA PHE C 90 -5.26 29.68 -16.96
C PHE C 90 -6.02 30.66 -16.13
N HIS C 91 -7.00 31.33 -16.76
CA HIS C 91 -7.86 32.25 -16.05
C HIS C 91 -8.58 31.52 -14.90
N PRO C 92 -8.28 31.95 -13.68
CA PRO C 92 -8.91 31.40 -12.47
C PRO C 92 -10.39 31.72 -12.39
N ASP C 93 -11.16 30.69 -12.06
CA ASP C 93 -12.62 30.76 -11.99
C ASP C 93 -13.06 31.49 -10.76
N ASN C 94 -12.15 31.79 -9.84
CA ASN C 94 -12.56 32.58 -8.69
C ASN C 94 -11.44 33.22 -7.88
N GLN C 95 -11.85 34.02 -6.90
CA GLN C 95 -10.94 34.68 -5.97
C GLN C 95 -9.88 33.72 -5.40
N GLU C 96 -10.35 32.75 -4.63
CA GLU C 96 -9.51 31.78 -3.91
C GLU C 96 -8.50 31.08 -4.82
N ASP C 97 -9.00 30.52 -5.92
CA ASP C 97 -8.15 29.83 -6.88
C ASP C 97 -7.05 30.78 -7.32
N ALA C 98 -7.41 31.98 -7.77
CA ALA C 98 -6.42 32.96 -8.19
C ALA C 98 -5.31 33.25 -7.16
N GLU C 99 -5.63 33.28 -5.86
CA GLU C 99 -4.59 33.55 -4.89
C GLU C 99 -3.61 32.38 -4.78
N ALA C 100 -4.14 31.17 -4.94
CA ALA C 100 -3.34 29.94 -4.87
C ALA C 100 -2.22 29.94 -5.91
N ILE C 101 -2.58 30.16 -7.17
CA ILE C 101 -1.61 30.18 -8.25
C ILE C 101 -0.36 31.03 -8.01
N THR C 102 -0.55 32.14 -7.30
CA THR C 102 0.51 33.09 -7.08
C THR C 102 1.67 32.32 -6.44
N HIS C 103 1.33 31.20 -5.83
CA HIS C 103 2.29 30.36 -5.13
C HIS C 103 3.03 29.42 -6.07
N LEU C 104 2.79 29.56 -7.37
CA LEU C 104 3.33 28.59 -8.31
C LEU C 104 4.72 28.80 -8.89
N PHE C 105 4.88 29.68 -9.82
CA PHE C 105 6.25 29.69 -10.21
C PHE C 105 6.73 31.06 -9.86
N THR C 106 7.33 31.09 -8.69
CA THR C 106 7.57 32.34 -8.00
C THR C 106 8.85 33.02 -8.47
N ASP C 107 9.89 32.21 -8.64
CA ASP C 107 11.12 32.57 -9.36
C ASP C 107 10.95 33.26 -10.75
N VAL C 108 9.91 32.88 -11.49
CA VAL C 108 9.78 33.31 -12.88
C VAL C 108 9.66 34.81 -13.03
N GLN C 109 10.37 35.34 -14.00
CA GLN C 109 10.37 36.79 -14.28
C GLN C 109 9.20 37.29 -15.10
N ASN C 110 8.70 36.46 -15.99
CA ASN C 110 7.48 36.81 -16.68
C ASN C 110 6.34 35.88 -16.28
N ARG C 111 5.41 36.35 -15.46
CA ARG C 111 4.26 35.53 -15.10
C ARG C 111 3.13 36.04 -15.97
N TYR C 112 2.71 35.22 -16.92
CA TYR C 112 1.56 35.55 -17.74
C TYR C 112 0.31 34.81 -17.24
N THR C 113 -0.83 35.51 -17.24
CA THR C 113 -2.13 34.89 -16.96
C THR C 113 -3.13 35.12 -18.10
N PHE C 114 -3.67 34.01 -18.67
CA PHE C 114 -4.64 34.00 -19.79
C PHE C 114 -6.05 34.55 -19.49
N ALA C 115 -6.79 34.92 -20.53
CA ALA C 115 -8.15 35.39 -20.38
C ALA C 115 -9.18 34.26 -20.30
N PHE C 116 -8.77 33.08 -20.72
CA PHE C 116 -9.71 32.00 -20.88
C PHE C 116 -9.38 30.87 -19.94
N GLY C 117 -10.40 30.09 -19.63
CA GLY C 117 -10.22 28.87 -18.86
C GLY C 117 -9.51 27.80 -19.67
N GLY C 118 -9.20 26.69 -19.01
CA GLY C 118 -8.67 25.52 -19.68
C GLY C 118 -9.64 24.35 -19.86
N ASN C 119 -10.95 24.59 -19.74
CA ASN C 119 -11.97 23.57 -20.07
C ASN C 119 -11.78 23.11 -21.51
N TYR C 120 -12.04 21.83 -21.75
CA TYR C 120 -11.86 21.31 -23.10
C TYR C 120 -12.60 22.21 -24.04
N ASP C 121 -13.86 22.48 -23.73
CA ASP C 121 -14.67 23.32 -24.58
C ASP C 121 -13.89 24.54 -25.04
N ARG C 122 -13.30 25.25 -24.08
CA ARG C 122 -12.60 26.47 -24.40
C ARG C 122 -11.46 26.21 -25.33
N LEU C 123 -10.71 25.14 -25.11
CA LEU C 123 -9.46 24.86 -25.86
C LEU C 123 -9.75 24.35 -27.24
N GLU C 124 -10.70 23.42 -27.33
CA GLU C 124 -11.16 22.91 -28.62
C GLU C 124 -11.53 24.09 -29.50
N GLN C 125 -12.04 25.14 -28.90
CA GLN C 125 -12.50 26.26 -29.66
C GLN C 125 -11.28 26.95 -30.26
N LEU C 126 -10.31 27.20 -29.40
CA LEU C 126 -9.00 27.75 -29.81
C LEU C 126 -8.17 26.81 -30.68
N ALA C 127 -8.19 25.53 -30.35
CA ALA C 127 -7.54 24.55 -31.21
C ALA C 127 -8.18 24.55 -32.60
N GLY C 128 -9.44 25.00 -32.65
CA GLY C 128 -10.22 25.12 -33.87
C GLY C 128 -10.77 23.77 -34.28
N ASN C 129 -10.39 22.77 -33.50
CA ASN C 129 -10.76 21.38 -33.76
C ASN C 129 -11.23 20.73 -32.49
N LEU C 130 -11.90 19.60 -32.65
CA LEU C 130 -12.28 18.75 -31.54
C LEU C 130 -11.27 17.71 -31.07
N ARG C 131 -11.40 17.24 -29.83
CA ARG C 131 -10.48 16.25 -29.30
C ARG C 131 -10.22 15.02 -30.21
N GLU C 132 -11.20 14.68 -31.07
CA GLU C 132 -11.17 13.46 -31.89
C GLU C 132 -10.54 13.67 -33.22
N ASN C 133 -10.23 14.93 -33.48
CA ASN C 133 -9.36 15.22 -34.58
C ASN C 133 -7.89 15.43 -34.14
N ILE C 134 -7.68 15.21 -32.85
CA ILE C 134 -6.41 15.56 -32.27
C ILE C 134 -5.75 14.32 -31.81
N GLU C 135 -4.69 13.96 -32.52
CA GLU C 135 -4.05 12.68 -32.28
C GLU C 135 -3.37 12.63 -30.90
N LEU C 136 -3.53 11.49 -30.23
CA LEU C 136 -2.79 11.24 -28.99
C LEU C 136 -1.83 10.07 -29.17
N GLY C 137 -0.79 10.09 -28.35
CA GLY C 137 0.32 9.15 -28.52
C GLY C 137 1.63 9.79 -28.04
N ASN C 138 2.72 9.04 -28.08
CA ASN C 138 4.00 9.62 -27.68
C ASN C 138 4.52 10.66 -28.69
N GLY C 139 4.49 10.33 -29.98
CA GLY C 139 4.94 11.27 -30.98
C GLY C 139 4.23 12.58 -30.74
N PRO C 140 2.90 12.53 -30.58
CA PRO C 140 2.10 13.74 -30.37
C PRO C 140 2.60 14.53 -29.16
N LEU C 141 2.84 13.83 -28.05
CA LEU C 141 3.34 14.41 -26.82
C LEU C 141 4.77 14.95 -26.91
N GLU C 142 5.65 14.31 -27.67
CA GLU C 142 6.96 14.87 -27.90
C GLU C 142 6.74 16.23 -28.49
N GLU C 143 6.06 16.25 -29.63
CA GLU C 143 5.94 17.50 -30.34
C GLU C 143 5.21 18.56 -29.49
N ALA C 144 4.23 18.13 -28.69
CA ALA C 144 3.48 19.01 -27.73
C ALA C 144 4.38 19.78 -26.75
N ILE C 145 5.17 19.07 -25.96
CA ILE C 145 6.22 19.67 -25.13
C ILE C 145 7.07 20.69 -25.89
N SER C 146 7.66 20.25 -27.00
CA SER C 146 8.44 21.15 -27.85
C SER C 146 7.65 22.44 -28.05
N ALA C 147 6.39 22.32 -28.42
CA ALA C 147 5.56 23.49 -28.74
C ALA C 147 5.42 24.44 -27.57
N LEU C 148 5.12 23.89 -26.39
CA LEU C 148 4.91 24.72 -25.21
C LEU C 148 6.15 25.50 -24.87
N TYR C 149 7.31 24.87 -25.00
CA TYR C 149 8.54 25.61 -24.83
C TYR C 149 8.55 26.74 -25.86
N TYR C 150 8.49 26.33 -27.13
CA TYR C 150 8.60 27.20 -28.26
C TYR C 150 7.57 28.30 -28.13
N TYR C 151 6.51 28.05 -27.36
CA TYR C 151 5.46 29.05 -27.24
C TYR C 151 5.95 30.25 -26.47
N SER C 152 6.70 29.97 -25.41
CA SER C 152 7.23 30.99 -24.56
C SER C 152 8.14 31.87 -25.39
N THR C 153 8.66 31.31 -26.50
CA THR C 153 9.47 32.08 -27.47
C THR C 153 8.61 32.66 -28.60
N GLY C 154 7.34 32.26 -28.67
CA GLY C 154 6.45 32.73 -29.71
C GLY C 154 6.74 32.25 -31.14
N GLY C 155 7.47 31.14 -31.28
CA GLY C 155 7.65 30.51 -32.57
C GLY C 155 6.35 29.78 -32.88
N THR C 156 5.57 29.54 -31.83
CA THR C 156 4.32 28.80 -31.99
C THR C 156 3.07 29.65 -31.80
N GLN C 157 2.06 29.35 -32.61
CA GLN C 157 0.80 30.11 -32.61
C GLN C 157 -0.15 29.60 -31.50
N LEU C 158 -1.28 30.27 -31.30
CA LEU C 158 -2.21 29.91 -30.21
C LEU C 158 -2.98 28.59 -30.37
N PRO C 159 -3.57 28.37 -31.55
CA PRO C 159 -4.28 27.10 -31.68
C PRO C 159 -3.29 25.94 -31.50
N THR C 160 -2.04 26.15 -31.90
CA THR C 160 -1.05 25.11 -31.74
C THR C 160 -0.87 24.83 -30.24
N LEU C 161 -0.80 25.93 -29.48
CA LEU C 161 -0.69 25.80 -28.04
C LEU C 161 -1.90 25.06 -27.47
N ALA C 162 -3.10 25.42 -27.95
CA ALA C 162 -4.35 24.82 -27.43
C ALA C 162 -4.28 23.33 -27.59
N ARG C 163 -4.04 22.93 -28.82
CA ARG C 163 -3.84 21.55 -29.20
C ARG C 163 -2.86 20.86 -28.26
N SER C 164 -1.79 21.56 -27.88
CA SER C 164 -0.77 20.94 -27.06
C SER C 164 -1.37 20.64 -25.71
N PHE C 165 -2.03 21.61 -25.12
CA PHE C 165 -2.71 21.38 -23.85
C PHE C 165 -3.72 20.24 -23.87
N ILE C 166 -4.65 20.30 -24.83
CA ILE C 166 -5.60 19.24 -25.12
C ILE C 166 -4.91 17.86 -25.21
N ILE C 167 -3.68 17.83 -25.69
CA ILE C 167 -2.92 16.58 -25.65
C ILE C 167 -2.49 16.13 -24.24
N CYS C 168 -1.85 17.03 -23.50
CA CYS C 168 -1.34 16.74 -22.16
C CYS C 168 -2.40 16.52 -21.14
N ILE C 169 -3.35 17.44 -21.02
CA ILE C 169 -4.35 17.29 -19.99
C ILE C 169 -4.88 15.86 -20.06
N GLN C 170 -5.07 15.41 -21.31
CA GLN C 170 -5.61 14.09 -21.56
C GLN C 170 -4.62 13.00 -21.18
N MET C 171 -3.41 13.09 -21.70
CA MET C 171 -2.39 12.07 -21.46
C MET C 171 -1.88 12.00 -20.03
N ILE C 172 -2.23 12.99 -19.24
CA ILE C 172 -1.83 13.02 -17.85
C ILE C 172 -3.01 13.09 -16.88
N SER C 173 -3.63 14.26 -16.78
CA SER C 173 -4.76 14.40 -15.86
C SER C 173 -5.80 13.27 -16.09
N GLU C 174 -6.08 12.99 -17.37
CA GLU C 174 -7.10 12.01 -17.64
C GLU C 174 -6.53 10.60 -17.46
N ALA C 175 -5.28 10.40 -17.87
CA ALA C 175 -4.68 9.08 -17.68
C ALA C 175 -4.61 8.77 -16.19
N ALA C 176 -4.32 9.79 -15.41
CA ALA C 176 -4.25 9.67 -13.95
C ALA C 176 -5.62 9.42 -13.35
N ARG C 177 -6.61 10.14 -13.89
CA ARG C 177 -7.98 9.98 -13.42
C ARG C 177 -8.49 8.59 -13.79
N PHE C 178 -8.04 8.06 -14.92
CA PHE C 178 -8.54 6.77 -15.39
C PHE C 178 -7.45 5.77 -15.77
N GLN C 179 -7.43 4.62 -15.09
CA GLN C 179 -6.60 3.52 -15.53
C GLN C 179 -6.95 3.19 -16.97
N TYR C 180 -8.24 3.30 -17.28
CA TYR C 180 -8.71 3.01 -18.62
C TYR C 180 -7.93 3.84 -19.60
N ILE C 181 -7.83 5.12 -19.28
CA ILE C 181 -7.16 6.05 -20.16
C ILE C 181 -5.62 5.84 -20.12
N GLU C 182 -5.08 5.63 -18.92
CA GLU C 182 -3.70 5.20 -18.78
C GLU C 182 -3.43 3.92 -19.66
N GLY C 183 -4.20 2.87 -19.43
CA GLY C 183 -3.97 1.63 -20.15
C GLY C 183 -4.11 1.78 -21.66
N GLU C 184 -4.89 2.78 -22.08
CA GLU C 184 -5.11 3.03 -23.51
C GLU C 184 -3.89 3.66 -24.13
N MET C 185 -3.25 4.52 -23.36
CA MET C 185 -2.00 5.16 -23.78
C MET C 185 -0.92 4.11 -23.73
N ARG C 186 -0.98 3.25 -22.73
CA ARG C 186 -0.03 2.16 -22.62
C ARG C 186 0.01 1.40 -23.94
N THR C 187 -1.16 0.97 -24.44
CA THR C 187 -1.13 0.13 -25.62
C THR C 187 -0.88 0.96 -26.87
N ARG C 188 -1.16 2.27 -26.77
CA ARG C 188 -0.83 3.21 -27.86
C ARG C 188 0.68 3.27 -28.06
N ILE C 189 1.40 3.49 -26.96
CA ILE C 189 2.86 3.35 -26.93
C ILE C 189 3.26 1.95 -27.33
N ARG C 190 2.61 0.95 -26.74
CA ARG C 190 2.99 -0.44 -26.96
C ARG C 190 3.13 -0.69 -28.46
N TYR C 191 2.10 -0.40 -29.24
CA TYR C 191 2.15 -0.70 -30.67
C TYR C 191 2.61 0.51 -31.50
N ASN C 192 2.97 1.58 -30.81
CA ASN C 192 3.49 2.78 -31.46
C ASN C 192 2.49 3.42 -32.44
N ARG C 193 1.27 3.65 -31.98
CA ARG C 193 0.22 4.23 -32.80
C ARG C 193 0.05 5.71 -32.45
N ARG C 194 -0.26 6.54 -33.44
CA ARG C 194 -0.65 7.93 -33.20
C ARG C 194 -2.07 8.05 -33.71
N SER C 195 -3.01 8.21 -32.79
CA SER C 195 -4.42 8.22 -33.18
C SER C 195 -5.25 9.02 -32.20
N ALA C 196 -6.28 9.70 -32.68
CA ALA C 196 -7.09 10.55 -31.78
C ALA C 196 -7.83 9.68 -30.81
N PRO C 197 -8.37 10.29 -29.75
CA PRO C 197 -9.14 9.57 -28.70
C PRO C 197 -10.49 9.01 -29.18
N ASP C 198 -10.82 7.75 -28.87
CA ASP C 198 -12.18 7.23 -29.17
C ASP C 198 -13.24 7.82 -28.23
N PRO C 199 -14.52 7.58 -28.54
CA PRO C 199 -15.60 8.16 -27.73
C PRO C 199 -15.60 7.71 -26.27
N SER C 200 -15.26 6.46 -26.01
CA SER C 200 -15.26 5.95 -24.64
C SER C 200 -14.36 6.80 -23.77
N VAL C 201 -13.18 7.14 -24.32
CA VAL C 201 -12.20 7.96 -23.63
C VAL C 201 -12.71 9.35 -23.38
N ILE C 202 -13.40 9.88 -24.39
CA ILE C 202 -13.96 11.22 -24.31
C ILE C 202 -15.11 11.37 -23.30
N THR C 203 -16.18 10.59 -23.47
CA THR C 203 -17.33 10.65 -22.56
C THR C 203 -16.88 10.37 -21.13
N LEU C 204 -15.84 9.55 -20.99
CA LEU C 204 -15.22 9.36 -19.68
C LEU C 204 -14.77 10.70 -19.17
N GLU C 205 -14.09 11.44 -20.04
CA GLU C 205 -13.52 12.71 -19.63
C GLU C 205 -14.61 13.69 -19.19
N ASN C 206 -15.70 13.74 -19.94
CA ASN C 206 -16.77 14.67 -19.64
C ASN C 206 -17.64 14.26 -18.45
N SER C 207 -17.67 12.98 -18.15
CA SER C 207 -18.56 12.54 -17.08
C SER C 207 -17.83 12.40 -15.73
N TRP C 208 -16.51 12.59 -15.76
CA TRP C 208 -15.67 12.36 -14.59
C TRP C 208 -16.20 13.12 -13.38
N GLY C 209 -16.60 14.36 -13.62
CA GLY C 209 -17.19 15.19 -12.57
C GLY C 209 -18.48 14.58 -12.03
N ARG C 210 -19.29 14.03 -12.90
CA ARG C 210 -20.60 13.56 -12.47
C ARG C 210 -20.60 12.09 -12.06
N LEU C 211 -19.47 11.44 -12.31
CA LEU C 211 -19.23 10.11 -11.77
C LEU C 211 -18.77 10.24 -10.36
N SER C 212 -17.85 11.16 -10.15
CA SER C 212 -17.34 11.40 -8.82
C SER C 212 -18.51 11.63 -7.88
N THR C 213 -19.45 12.45 -8.31
CA THR C 213 -20.66 12.71 -7.52
C THR C 213 -21.50 11.42 -7.37
N ALA C 214 -21.76 10.75 -8.48
CA ALA C 214 -22.66 9.59 -8.50
C ALA C 214 -22.21 8.52 -7.52
N ILE C 215 -20.90 8.31 -7.51
CA ILE C 215 -20.29 7.29 -6.68
C ILE C 215 -20.38 7.58 -5.18
N GLN C 216 -19.85 8.71 -4.76
CA GLN C 216 -19.71 9.00 -3.34
C GLN C 216 -21.06 9.08 -2.69
N GLU C 217 -22.03 9.47 -3.51
CA GLU C 217 -23.41 9.59 -3.10
C GLU C 217 -24.24 8.33 -3.33
N SER C 218 -23.64 7.31 -3.92
CA SER C 218 -24.32 6.04 -4.11
C SER C 218 -24.69 5.44 -2.75
N ASN C 219 -25.68 4.53 -2.78
CA ASN C 219 -25.98 3.69 -1.62
C ASN C 219 -25.10 2.45 -1.69
N GLN C 220 -24.15 2.33 -0.76
CA GLN C 220 -23.27 1.16 -0.69
C GLN C 220 -22.85 0.73 -2.11
N GLY C 221 -22.54 1.70 -2.96
CA GLY C 221 -22.11 1.42 -4.31
C GLY C 221 -23.15 1.60 -5.43
N ALA C 222 -24.43 1.57 -5.07
CA ALA C 222 -25.50 1.62 -6.09
C ALA C 222 -25.93 3.05 -6.45
N PHE C 223 -25.73 3.43 -7.71
CA PHE C 223 -25.98 4.81 -8.12
C PHE C 223 -27.39 5.25 -7.91
N ALA C 224 -27.53 6.49 -7.48
CA ALA C 224 -28.83 7.16 -7.44
C ALA C 224 -29.45 7.07 -8.83
N SER C 225 -28.83 7.72 -9.81
CA SER C 225 -29.37 7.74 -11.17
C SER C 225 -28.32 7.22 -12.15
N PRO C 226 -28.77 6.62 -13.27
CA PRO C 226 -27.85 6.08 -14.28
C PRO C 226 -27.00 7.19 -14.85
N ILE C 227 -25.83 6.83 -15.35
CA ILE C 227 -24.93 7.76 -16.01
C ILE C 227 -24.63 7.18 -17.39
N GLN C 228 -25.07 7.87 -18.45
CA GLN C 228 -24.90 7.38 -19.83
C GLN C 228 -23.46 7.48 -20.25
N LEU C 229 -22.94 6.41 -20.81
CA LEU C 229 -21.58 6.42 -21.34
C LEU C 229 -21.54 5.89 -22.76
N GLN C 230 -20.35 5.90 -23.37
CA GLN C 230 -20.17 5.29 -24.71
C GLN C 230 -19.06 4.29 -24.75
N ARG C 231 -19.24 3.24 -25.54
CA ARG C 231 -18.24 2.19 -25.67
C ARG C 231 -17.28 2.60 -26.76
N ARG C 232 -16.23 1.81 -26.98
CA ARG C 232 -15.24 2.18 -27.97
C ARG C 232 -15.90 2.46 -29.32
N ASN C 233 -17.02 1.82 -29.60
CA ASN C 233 -17.68 1.95 -30.90
C ASN C 233 -18.75 3.04 -30.94
N GLY C 234 -18.89 3.81 -29.87
CA GLY C 234 -19.88 4.87 -29.83
C GLY C 234 -21.21 4.44 -29.24
N SER C 235 -21.42 3.13 -29.12
CA SER C 235 -22.69 2.63 -28.60
C SER C 235 -22.88 3.10 -27.17
N LYS C 236 -24.01 3.76 -26.92
CA LYS C 236 -24.29 4.33 -25.62
C LYS C 236 -24.69 3.23 -24.63
N PHE C 237 -24.32 3.36 -23.36
CA PHE C 237 -24.80 2.45 -22.32
C PHE C 237 -24.83 3.07 -20.94
N SER C 238 -25.78 2.62 -20.15
CA SER C 238 -26.00 3.20 -18.83
C SER C 238 -25.22 2.48 -17.73
N VAL C 239 -24.68 3.29 -16.82
CA VAL C 239 -23.96 2.83 -15.64
C VAL C 239 -24.83 2.94 -14.39
N TYR C 240 -25.24 1.81 -13.81
CA TYR C 240 -26.08 1.85 -12.61
C TYR C 240 -25.37 1.63 -11.24
N ASP C 241 -24.09 1.26 -11.25
CA ASP C 241 -23.44 0.79 -10.04
C ASP C 241 -21.95 1.00 -10.15
N VAL C 242 -21.30 1.15 -9.00
CA VAL C 242 -19.87 1.43 -8.99
C VAL C 242 -19.03 0.24 -9.46
N SER C 243 -19.59 -0.96 -9.29
CA SER C 243 -18.86 -2.22 -9.43
C SER C 243 -18.04 -2.32 -10.71
N ILE C 244 -18.61 -1.81 -11.79
CA ILE C 244 -17.97 -1.86 -13.09
C ILE C 244 -16.94 -0.77 -13.31
N LEU C 245 -17.00 0.29 -12.50
CA LEU C 245 -16.07 1.43 -12.66
C LEU C 245 -14.73 1.19 -12.01
N ILE C 246 -14.75 0.33 -11.01
CA ILE C 246 -13.56 0.03 -10.22
C ILE C 246 -12.27 -0.15 -11.06
N PRO C 247 -12.30 -1.04 -12.08
CA PRO C 247 -11.23 -1.34 -13.04
C PRO C 247 -10.82 -0.15 -13.95
N ILE C 248 -11.61 0.90 -13.93
CA ILE C 248 -11.43 2.03 -14.82
C ILE C 248 -10.93 3.32 -14.19
N ILE C 249 -11.75 3.83 -13.29
CA ILE C 249 -11.49 5.13 -12.73
C ILE C 249 -10.59 5.06 -11.50
N ALA C 250 -9.47 5.79 -11.58
CA ALA C 250 -8.45 5.84 -10.52
C ALA C 250 -8.67 6.84 -9.39
N LEU C 251 -9.28 7.99 -9.68
CA LEU C 251 -9.42 9.08 -8.69
C LEU C 251 -10.75 9.84 -8.79
N MET C 252 -11.24 10.33 -7.66
CA MET C 252 -12.42 11.18 -7.68
C MET C 252 -12.19 12.49 -6.93
N VAL C 253 -12.80 13.57 -7.40
CA VAL C 253 -12.70 14.84 -6.69
C VAL C 253 -13.55 14.74 -5.44
N TYR C 254 -13.05 15.16 -4.26
CA TYR C 254 -13.87 15.05 -3.03
C TYR C 254 -15.23 15.73 -3.29
N ARG C 255 -16.32 15.06 -2.94
CA ARG C 255 -17.65 15.70 -3.02
C ARG C 255 -18.35 15.81 -1.64
N CYS C 256 -18.64 14.66 -1.01
CA CYS C 256 -19.32 14.68 0.27
C CYS C 256 -18.47 14.08 1.38
N ALA C 257 -18.74 14.45 2.63
CA ALA C 257 -18.08 13.81 3.75
C ALA C 257 -18.34 12.28 3.69
N PRO C 258 -17.28 11.45 3.91
CA PRO C 258 -17.45 9.98 3.81
C PRO C 258 -18.50 9.34 4.78
N PRO C 259 -19.18 8.30 4.28
CA PRO C 259 -20.28 7.59 4.96
C PRO C 259 -19.89 6.84 6.23
N PRO C 260 -20.89 6.46 7.02
CA PRO C 260 -20.72 5.67 8.27
C PRO C 260 -20.45 4.14 8.16
N SER C 261 -20.78 3.44 7.09
CA SER C 261 -20.62 1.98 7.16
C SER C 261 -21.25 1.24 6.00
N ASN D 1 13.77 34.66 -31.51
CA ASN D 1 12.56 33.81 -31.58
C ASN D 1 12.82 32.41 -32.17
N MET D 2 12.62 31.37 -31.35
CA MET D 2 12.94 29.97 -31.67
C MET D 2 11.73 29.12 -32.05
N GLN D 3 11.96 28.16 -32.96
CA GLN D 3 10.90 27.42 -33.67
C GLN D 3 11.39 26.09 -34.36
N VAL D 4 10.54 25.51 -35.23
CA VAL D 4 10.90 24.35 -36.08
C VAL D 4 11.40 24.69 -37.51
N GLN D 5 11.29 25.96 -37.88
CA GLN D 5 12.10 26.52 -38.98
C GLN D 5 12.02 25.80 -40.34
N LEU D 6 10.91 25.97 -41.04
CA LEU D 6 10.69 25.36 -42.34
C LEU D 6 11.09 26.28 -43.47
N VAL D 7 11.62 25.72 -44.56
CA VAL D 7 11.87 26.57 -45.73
C VAL D 7 11.71 25.95 -47.12
N GLU D 8 11.22 26.78 -48.03
CA GLU D 8 10.85 26.37 -49.38
C GLU D 8 11.51 27.26 -50.43
N SER D 9 11.91 26.65 -51.55
CA SER D 9 12.49 27.38 -52.67
C SER D 9 11.66 26.93 -53.84
N GLY D 10 12.02 27.36 -55.04
CA GLY D 10 11.31 26.91 -56.25
C GLY D 10 10.33 27.89 -56.90
N GLY D 11 10.05 28.98 -56.21
CA GLY D 11 9.14 29.97 -56.77
C GLY D 11 9.75 30.75 -57.92
N GLY D 12 8.87 31.33 -58.74
CA GLY D 12 9.33 32.17 -59.82
C GLY D 12 8.27 32.51 -60.82
N LEU D 13 8.75 32.88 -61.99
CA LEU D 13 7.85 33.34 -63.01
C LEU D 13 7.83 32.32 -64.13
N VAL D 14 6.63 31.90 -64.50
CA VAL D 14 6.49 31.10 -65.70
C VAL D 14 5.51 31.77 -66.63
N GLN D 15 5.56 31.38 -67.90
CA GLN D 15 4.50 31.77 -68.81
C GLN D 15 3.32 30.95 -68.44
N ALA D 16 2.15 31.42 -68.84
CA ALA D 16 0.97 30.60 -68.63
C ALA D 16 1.22 29.24 -69.28
N GLY D 17 0.87 28.18 -68.55
CA GLY D 17 0.97 26.82 -69.07
C GLY D 17 2.25 26.12 -68.69
N GLY D 18 3.18 26.91 -68.18
CA GLY D 18 4.45 26.37 -67.77
C GLY D 18 4.32 25.47 -66.55
N SER D 19 5.44 24.83 -66.22
CA SER D 19 5.51 23.98 -65.05
C SER D 19 6.56 24.53 -64.08
N LEU D 20 6.40 24.23 -62.82
CA LEU D 20 7.28 24.76 -61.80
C LEU D 20 7.28 23.79 -60.65
N ARG D 21 8.34 23.77 -59.84
CA ARG D 21 8.36 22.80 -58.74
C ARG D 21 8.87 23.31 -57.40
N LEU D 22 8.05 23.15 -56.37
CA LEU D 22 8.40 23.64 -55.08
C LEU D 22 9.04 22.58 -54.19
N SER D 23 9.99 23.03 -53.37
CA SER D 23 10.75 22.17 -52.45
C SER D 23 10.77 22.74 -51.02
N CYS D 24 10.88 21.87 -50.01
CA CYS D 24 10.78 22.30 -48.62
C CYS D 24 11.69 21.49 -47.64
N ALA D 25 12.23 22.14 -46.61
CA ALA D 25 13.06 21.42 -45.65
C ALA D 25 12.72 21.64 -44.16
N ALA D 26 12.43 20.56 -43.45
CA ALA D 26 12.23 20.71 -42.03
C ALA D 26 13.59 20.68 -41.42
N SER D 27 13.75 21.44 -40.37
CA SER D 27 15.02 21.53 -39.67
C SER D 27 15.00 20.91 -38.26
N GLY D 28 16.10 21.10 -37.54
CA GLY D 28 16.69 19.95 -36.91
C GLY D 28 15.95 19.04 -35.99
N ARG D 29 15.42 19.45 -34.82
CA ARG D 29 14.91 18.32 -34.04
C ARG D 29 13.40 18.31 -34.18
N THR D 30 13.04 17.50 -35.16
CA THR D 30 11.70 17.39 -35.70
C THR D 30 11.48 15.93 -36.06
N PHE D 31 10.44 15.33 -35.51
CA PHE D 31 10.29 13.88 -35.68
C PHE D 31 8.92 13.39 -36.19
N SER D 32 7.93 13.49 -35.29
CA SER D 32 6.57 13.06 -35.53
C SER D 32 5.82 14.13 -36.28
N ARG D 33 5.08 13.77 -37.32
CA ARG D 33 4.48 14.81 -38.15
C ARG D 33 3.00 14.62 -38.24
N SER D 34 2.59 13.47 -38.79
CA SER D 34 1.18 13.16 -39.04
C SER D 34 0.61 13.86 -40.28
N SER D 35 1.30 14.89 -40.78
CA SER D 35 0.97 15.54 -42.06
C SER D 35 1.86 16.73 -42.43
N MET D 36 1.85 17.09 -43.72
CA MET D 36 2.46 18.35 -44.19
C MET D 36 1.67 18.80 -45.40
N GLY D 37 1.61 20.10 -45.61
CA GLY D 37 0.73 20.58 -46.67
C GLY D 37 1.12 21.94 -47.19
N TRP D 38 0.70 22.24 -48.43
CA TRP D 38 0.99 23.51 -49.07
C TRP D 38 -0.28 24.34 -49.20
N PHE D 39 -0.20 25.58 -48.74
CA PHE D 39 -1.26 26.56 -48.88
C PHE D 39 -0.79 27.70 -49.76
N ARG D 40 -1.72 28.39 -50.42
CA ARG D 40 -1.35 29.54 -51.27
C ARG D 40 -2.18 30.75 -50.89
N GLN D 41 -1.56 31.94 -50.97
CA GLN D 41 -2.26 33.16 -50.63
C GLN D 41 -2.04 34.29 -51.62
N ALA D 42 -3.12 34.70 -52.28
CA ALA D 42 -3.07 35.90 -53.10
C ALA D 42 -3.20 37.10 -52.17
N PRO D 43 -2.42 38.16 -52.43
CA PRO D 43 -2.31 39.30 -51.50
C PRO D 43 -3.68 39.89 -51.16
N GLY D 44 -3.93 40.05 -49.87
CA GLY D 44 -5.16 40.66 -49.41
C GLY D 44 -6.25 39.65 -49.20
N LYS D 45 -6.13 38.50 -49.88
CA LYS D 45 -7.02 37.37 -49.67
C LYS D 45 -6.45 36.49 -48.54
N GLU D 46 -7.00 35.32 -48.28
CA GLU D 46 -6.50 34.46 -47.18
C GLU D 46 -6.06 33.11 -47.75
N ARG D 47 -5.35 32.32 -46.93
CA ARG D 47 -4.61 31.19 -47.46
C ARG D 47 -5.57 30.15 -47.97
N GLU D 48 -5.46 29.81 -49.26
CA GLU D 48 -6.21 28.70 -49.81
C GLU D 48 -5.45 27.46 -49.40
N PHE D 49 -6.16 26.38 -49.13
CA PHE D 49 -5.51 25.10 -49.05
C PHE D 49 -5.20 24.70 -50.47
N VAL D 50 -4.18 23.89 -50.63
CA VAL D 50 -3.81 23.44 -51.97
C VAL D 50 -3.66 21.91 -52.04
N ALA D 51 -2.67 21.37 -51.33
CA ALA D 51 -2.45 19.92 -51.36
C ALA D 51 -1.77 19.56 -50.08
N SER D 52 -1.86 18.31 -49.65
CA SER D 52 -1.10 17.84 -48.47
C SER D 52 -0.85 16.33 -48.51
N ILE D 53 0.18 15.88 -47.79
CA ILE D 53 0.46 14.47 -47.79
C ILE D 53 0.52 13.96 -46.37
N VAL D 54 -0.43 13.10 -46.04
CA VAL D 54 -0.44 12.52 -44.72
C VAL D 54 0.86 11.79 -44.48
N TRP D 55 1.58 12.17 -43.43
CA TRP D 55 2.79 11.47 -43.08
C TRP D 55 2.23 10.15 -42.58
N ALA D 56 3.04 9.24 -42.04
CA ALA D 56 2.57 7.85 -41.88
C ALA D 56 2.28 7.36 -43.29
N ASP D 57 1.02 7.05 -43.59
CA ASP D 57 0.64 6.48 -44.90
C ASP D 57 1.16 7.14 -46.21
N GLY D 58 1.19 8.46 -46.34
CA GLY D 58 1.57 9.08 -47.61
C GLY D 58 0.40 9.25 -48.59
N THR D 59 -0.79 9.34 -48.02
CA THR D 59 -1.98 9.60 -48.79
C THR D 59 -1.94 11.02 -49.28
N THR D 60 -2.20 11.25 -50.56
CA THR D 60 -2.21 12.62 -50.96
C THR D 60 -3.58 13.18 -51.10
N LEU D 61 -3.70 14.47 -50.73
CA LEU D 61 -4.98 15.20 -50.79
C LEU D 61 -4.85 16.57 -51.43
N TYR D 62 -5.71 16.86 -52.40
CA TYR D 62 -5.57 18.09 -53.16
C TYR D 62 -6.85 18.87 -53.08
N GLY D 63 -6.67 20.19 -52.99
CA GLY D 63 -7.75 21.14 -52.89
C GLY D 63 -8.39 21.24 -54.24
N ASP D 64 -9.59 21.83 -54.29
CA ASP D 64 -10.44 21.75 -55.47
C ASP D 64 -9.79 22.19 -56.77
N SER D 65 -9.49 23.48 -56.87
CA SER D 65 -9.07 24.11 -58.14
C SER D 65 -7.88 23.44 -58.82
N VAL D 66 -7.01 22.89 -58.01
CA VAL D 66 -5.75 22.36 -58.49
C VAL D 66 -5.69 20.84 -58.73
N LYS D 67 -6.75 20.11 -58.39
CA LYS D 67 -6.57 18.68 -58.09
C LYS D 67 -5.73 17.97 -59.14
N GLY D 68 -5.97 18.28 -60.42
CA GLY D 68 -5.33 17.58 -61.53
C GLY D 68 -3.89 17.94 -61.94
N ARG D 69 -3.54 19.22 -61.85
CA ARG D 69 -2.23 19.68 -62.29
C ARG D 69 -1.08 19.53 -61.25
N PHE D 70 -1.44 19.41 -59.97
CA PHE D 70 -0.45 19.42 -58.88
C PHE D 70 -0.32 18.04 -58.27
N THR D 71 0.91 17.65 -57.95
CA THR D 71 1.13 16.37 -57.31
C THR D 71 2.08 16.58 -56.13
N VAL D 72 1.87 15.86 -55.04
CA VAL D 72 2.69 16.03 -53.81
C VAL D 72 3.41 14.73 -53.37
N SER D 73 4.64 14.87 -52.81
CA SER D 73 5.42 13.71 -52.35
C SER D 73 6.37 13.96 -51.17
N ARG D 74 6.54 12.93 -50.35
N ARG D 74 6.52 12.96 -50.32
CA ARG D 74 7.39 13.03 -49.18
CA ARG D 74 7.41 13.07 -49.16
C ARG D 74 8.85 12.81 -49.63
C ARG D 74 8.84 12.80 -49.62
N ASP D 75 9.78 12.93 -48.69
CA ASP D 75 11.12 12.40 -48.83
C ASP D 75 11.77 12.13 -47.46
N ASN D 76 12.62 11.10 -47.37
CA ASN D 76 13.30 10.73 -46.11
C ASN D 76 12.35 10.62 -44.90
N ASN D 79 12.49 15.25 -42.79
CA ASN D 79 13.48 15.80 -43.74
C ASN D 79 12.97 16.73 -44.86
N MET D 80 12.40 16.13 -45.90
CA MET D 80 12.03 16.89 -47.11
C MET D 80 10.71 16.54 -47.88
N VAL D 81 10.09 17.53 -48.55
CA VAL D 81 8.78 17.36 -49.16
C VAL D 81 8.56 18.28 -50.40
N TYR D 82 7.74 17.87 -51.38
CA TYR D 82 7.73 18.52 -52.71
C TYR D 82 6.35 18.76 -53.32
N LEU D 83 6.22 19.85 -54.09
CA LEU D 83 4.99 20.12 -54.83
C LEU D 83 5.19 20.43 -56.29
N GLN D 84 4.71 19.53 -57.16
CA GLN D 84 4.81 19.69 -58.59
C GLN D 84 3.68 20.56 -59.02
N MET D 85 3.98 21.60 -59.78
CA MET D 85 2.91 22.40 -60.40
C MET D 85 2.98 22.35 -61.93
N ASN D 86 1.92 21.83 -62.55
CA ASN D 86 1.90 21.70 -64.00
C ASN D 86 0.78 22.47 -64.66
N ASN D 87 1.00 22.93 -65.90
CA ASN D 87 0.02 23.75 -66.58
C ASN D 87 -0.44 24.94 -65.69
N LEU D 88 0.42 25.93 -65.51
CA LEU D 88 0.02 27.08 -64.69
C LEU D 88 -0.96 28.06 -65.38
N LYS D 89 -2.02 28.36 -64.65
CA LYS D 89 -2.87 29.47 -64.99
C LYS D 89 -2.49 30.75 -64.27
N PRO D 90 -2.69 31.90 -64.94
CA PRO D 90 -2.42 33.20 -64.34
C PRO D 90 -3.13 33.34 -62.99
N GLU D 91 -4.15 32.53 -62.73
CA GLU D 91 -4.89 32.58 -61.47
C GLU D 91 -4.13 31.92 -60.31
N ASP D 92 -3.14 31.11 -60.66
CA ASP D 92 -2.29 30.48 -59.66
C ASP D 92 -1.30 31.49 -59.05
N THR D 93 -1.27 32.69 -59.62
CA THR D 93 -0.35 33.71 -59.15
C THR D 93 -0.65 33.92 -57.66
N ALA D 94 0.36 33.69 -56.83
CA ALA D 94 0.18 33.83 -55.39
C ALA D 94 1.39 33.42 -54.60
N LEU D 95 1.33 33.66 -53.31
CA LEU D 95 2.43 33.24 -52.45
C LEU D 95 2.14 31.83 -51.96
N TYR D 96 3.12 30.93 -52.07
CA TYR D 96 2.91 29.54 -51.68
C TYR D 96 3.68 29.17 -50.39
N TYR D 97 3.06 28.38 -49.49
CA TYR D 97 3.63 28.07 -48.17
C TYR D 97 3.77 26.60 -47.82
N CYS D 98 4.67 26.33 -46.88
CA CYS D 98 4.91 24.98 -46.42
C CYS D 98 4.36 24.86 -45.01
N ALA D 99 3.73 23.74 -44.67
CA ALA D 99 3.19 23.64 -43.33
C ALA D 99 3.53 22.31 -42.70
N ASP D 100 3.83 22.31 -41.41
CA ASP D 100 4.00 21.07 -40.71
C ASP D 100 2.86 21.01 -39.74
N ASN D 101 1.91 20.09 -39.96
CA ASN D 101 0.85 19.82 -38.94
C ASN D 101 1.28 18.69 -38.04
N LYS D 102 1.56 19.01 -36.80
CA LYS D 102 2.12 18.01 -35.93
C LYS D 102 1.02 17.25 -35.23
N PHE D 103 -0.22 17.71 -35.39
CA PHE D 103 -1.34 17.34 -34.46
C PHE D 103 -2.61 16.65 -34.97
N VAL D 104 -3.29 17.32 -35.90
CA VAL D 104 -4.59 16.88 -36.37
C VAL D 104 -4.52 15.58 -37.17
N ARG D 105 -5.55 14.72 -37.00
CA ARG D 105 -5.58 13.46 -37.70
C ARG D 105 -5.42 13.88 -39.15
N GLY D 106 -4.42 13.32 -39.81
CA GLY D 106 -3.88 13.94 -40.99
C GLY D 106 -4.87 14.09 -42.12
N LEU D 107 -5.93 13.29 -42.08
CA LEU D 107 -6.92 13.33 -43.18
C LEU D 107 -7.77 14.56 -42.98
N VAL D 108 -8.24 14.75 -41.76
CA VAL D 108 -9.18 15.81 -41.47
C VAL D 108 -8.58 17.24 -41.49
N ALA D 109 -7.25 17.42 -41.58
CA ALA D 109 -6.71 18.79 -41.46
C ALA D 109 -6.35 19.43 -42.79
N VAL D 110 -7.29 20.26 -43.19
CA VAL D 110 -7.24 21.20 -44.31
C VAL D 110 -7.11 22.71 -44.10
N ARG D 111 -6.81 23.20 -42.91
CA ARG D 111 -7.00 24.64 -42.69
C ARG D 111 -5.82 25.39 -42.05
N ALA D 112 -5.72 26.68 -42.35
CA ALA D 112 -4.69 27.51 -41.74
C ALA D 112 -4.67 27.25 -40.21
N ILE D 113 -5.83 27.11 -39.59
CA ILE D 113 -5.84 26.81 -38.19
C ILE D 113 -5.22 25.45 -37.87
N ASP D 114 -5.23 24.52 -38.82
CA ASP D 114 -4.85 23.16 -38.50
C ASP D 114 -3.33 22.88 -38.45
N TYR D 115 -2.53 23.77 -39.05
CA TYR D 115 -1.07 23.58 -39.07
C TYR D 115 -0.33 24.43 -38.02
N ASP D 116 0.63 23.80 -37.37
CA ASP D 116 1.36 24.38 -36.25
C ASP D 116 2.50 25.34 -36.61
N TYR D 117 3.23 25.04 -37.67
CA TYR D 117 4.35 25.86 -38.09
C TYR D 117 4.32 26.13 -39.59
N TRP D 118 4.72 27.34 -39.92
CA TRP D 118 4.65 27.86 -41.27
C TRP D 118 6.00 28.14 -41.94
N GLY D 119 6.15 27.68 -43.16
CA GLY D 119 7.30 28.03 -43.98
C GLY D 119 7.27 29.52 -44.28
N GLN D 120 8.34 30.06 -44.85
CA GLN D 120 8.50 31.51 -45.01
C GLN D 120 7.75 32.03 -46.24
N GLY D 121 7.76 31.21 -47.29
CA GLY D 121 7.01 31.43 -48.51
C GLY D 121 7.87 31.74 -49.72
N THR D 122 7.35 31.42 -50.92
CA THR D 122 8.02 31.72 -52.19
C THR D 122 6.97 32.04 -53.24
N GLN D 123 7.27 33.00 -54.11
CA GLN D 123 6.32 33.54 -55.09
C GLN D 123 6.11 32.76 -56.41
N VAL D 124 4.93 32.94 -57.03
CA VAL D 124 4.61 32.31 -58.30
C VAL D 124 3.90 33.31 -59.23
N THR D 125 4.07 33.20 -60.54
CA THR D 125 3.38 34.13 -61.43
C THR D 125 3.23 33.55 -62.86
N VAL D 126 2.57 34.27 -63.78
CA VAL D 126 2.22 33.70 -65.10
C VAL D 126 1.83 34.71 -66.24
N SER D 127 1.60 34.26 -67.47
CA SER D 127 1.19 35.18 -68.51
C SER D 127 0.14 36.18 -67.98
N GLN E 2 -26.10 -41.98 -7.23
CA GLN E 2 -25.10 -42.65 -6.38
C GLN E 2 -24.38 -41.78 -5.29
N TYR E 3 -25.16 -41.02 -4.53
CA TYR E 3 -24.75 -39.70 -4.02
C TYR E 3 -23.53 -39.59 -3.13
N PRO E 4 -22.73 -38.54 -3.40
CA PRO E 4 -21.52 -38.15 -2.66
C PRO E 4 -21.91 -37.81 -1.23
N ILE E 5 -21.18 -38.30 -0.22
CA ILE E 5 -21.44 -37.91 1.19
C ILE E 5 -20.30 -37.20 1.95
N ILE E 6 -20.70 -36.32 2.87
CA ILE E 6 -19.76 -35.62 3.73
C ILE E 6 -20.03 -36.01 5.16
N ASN E 7 -19.08 -36.66 5.80
CA ASN E 7 -19.26 -37.00 7.19
C ASN E 7 -19.01 -35.80 8.09
N PHE E 8 -19.65 -35.82 9.26
CA PHE E 8 -19.23 -34.96 10.35
C PHE E 8 -19.62 -35.57 11.70
N THR E 9 -18.88 -35.21 12.74
CA THR E 9 -19.20 -35.65 14.09
C THR E 9 -19.18 -34.47 15.01
N THR E 10 -20.14 -34.49 15.91
CA THR E 10 -20.31 -33.48 16.89
C THR E 10 -19.27 -33.74 17.98
N ALA E 11 -18.73 -34.96 17.96
CA ALA E 11 -18.01 -35.59 19.08
C ALA E 11 -17.01 -34.71 19.79
N GLY E 12 -15.93 -34.43 19.08
CA GLY E 12 -14.86 -33.60 19.58
C GLY E 12 -14.72 -32.26 18.90
N ALA E 13 -15.75 -31.82 18.18
CA ALA E 13 -15.56 -30.86 17.07
C ALA E 13 -14.83 -29.49 17.31
N THR E 14 -13.78 -29.20 16.52
CA THR E 14 -13.05 -27.91 16.57
C THR E 14 -13.84 -26.78 15.93
N VAL E 15 -13.33 -25.56 16.06
CA VAL E 15 -13.73 -24.44 15.20
C VAL E 15 -13.35 -24.83 13.75
N GLN E 16 -12.10 -25.28 13.59
CA GLN E 16 -11.57 -25.70 12.29
C GLN E 16 -12.37 -26.84 11.67
N SER E 17 -12.62 -27.87 12.46
CA SER E 17 -13.32 -29.06 11.99
C SER E 17 -14.68 -28.75 11.35
N TYR E 18 -15.35 -27.73 11.89
CA TYR E 18 -16.64 -27.27 11.41
C TYR E 18 -16.53 -26.37 10.20
N THR E 19 -15.59 -25.43 10.24
CA THR E 19 -15.32 -24.61 9.07
C THR E 19 -14.87 -25.57 7.97
N ASN E 20 -14.06 -26.55 8.36
CA ASN E 20 -13.62 -27.61 7.47
C ASN E 20 -14.79 -28.23 6.78
N PHE E 21 -15.84 -28.45 7.57
CA PHE E 21 -17.03 -29.17 7.16
C PHE E 21 -17.84 -28.37 6.15
N ILE E 22 -18.32 -27.22 6.58
CA ILE E 22 -19.08 -26.31 5.72
C ILE E 22 -18.32 -25.98 4.43
N ARG E 23 -17.08 -25.50 4.55
CA ARG E 23 -16.27 -25.12 3.39
C ARG E 23 -16.31 -26.31 2.40
N ALA E 24 -16.49 -27.53 2.94
CA ALA E 24 -16.50 -28.80 2.18
C ALA E 24 -17.77 -29.11 1.39
N VAL E 25 -18.91 -28.94 2.07
CA VAL E 25 -20.18 -29.27 1.48
C VAL E 25 -20.57 -28.24 0.45
N ARG E 26 -20.24 -26.97 0.70
CA ARG E 26 -20.39 -25.97 -0.35
C ARG E 26 -19.78 -26.53 -1.65
N GLY E 27 -18.57 -27.07 -1.56
CA GLY E 27 -17.90 -27.61 -2.73
C GLY E 27 -18.71 -28.65 -3.49
N ARG E 28 -19.32 -29.54 -2.70
CA ARG E 28 -20.15 -30.64 -3.21
C ARG E 28 -21.53 -30.15 -3.62
N LEU E 29 -21.89 -28.97 -3.13
CA LEU E 29 -23.16 -28.34 -3.49
C LEU E 29 -23.10 -27.64 -4.85
N THR E 30 -22.07 -26.86 -5.05
CA THR E 30 -22.17 -25.84 -6.04
C THR E 30 -21.29 -26.07 -7.22
N THR E 31 -21.75 -25.45 -8.31
CA THR E 31 -21.28 -25.72 -9.66
C THR E 31 -19.78 -25.47 -9.81
N GLY E 32 -19.11 -24.96 -8.76
CA GLY E 32 -17.88 -24.25 -9.03
C GLY E 32 -18.34 -22.94 -9.68
N ALA E 33 -17.90 -22.59 -10.88
CA ALA E 33 -18.25 -21.24 -11.28
C ALA E 33 -19.45 -21.07 -12.22
N ASP E 34 -20.56 -20.68 -11.62
CA ASP E 34 -21.55 -19.82 -12.26
C ASP E 34 -21.70 -18.79 -11.15
N VAL E 35 -21.20 -17.59 -11.39
CA VAL E 35 -21.21 -16.56 -10.36
C VAL E 35 -21.61 -15.20 -10.91
N ARG E 36 -22.64 -14.62 -10.29
CA ARG E 36 -23.13 -13.29 -10.67
C ARG E 36 -22.55 -12.26 -9.71
N HIS E 37 -21.94 -11.20 -10.27
CA HIS E 37 -21.57 -10.04 -9.47
C HIS E 37 -21.01 -10.58 -8.14
N GLU E 38 -20.16 -11.60 -8.31
CA GLU E 38 -19.26 -12.19 -7.30
C GLU E 38 -19.80 -13.30 -6.40
N ILE E 39 -21.11 -13.52 -6.41
CA ILE E 39 -21.68 -14.57 -5.57
C ILE E 39 -22.01 -15.83 -6.39
N PRO E 40 -21.59 -17.01 -5.89
CA PRO E 40 -21.79 -18.35 -6.47
C PRO E 40 -23.24 -18.76 -6.58
N VAL E 41 -23.62 -19.34 -7.72
CA VAL E 41 -25.02 -19.76 -7.94
C VAL E 41 -25.22 -21.27 -7.91
N LEU E 42 -26.11 -21.74 -7.04
CA LEU E 42 -26.38 -23.16 -6.98
C LEU E 42 -26.80 -23.66 -8.37
N PRO E 43 -26.64 -24.97 -8.60
CA PRO E 43 -27.15 -25.54 -9.84
C PRO E 43 -28.66 -25.29 -10.03
N ASN E 44 -29.04 -25.26 -11.30
CA ASN E 44 -30.36 -24.89 -11.79
C ASN E 44 -31.29 -26.10 -11.92
N ARG E 45 -32.39 -26.11 -11.18
CA ARG E 45 -33.27 -27.31 -11.10
C ARG E 45 -33.57 -27.96 -12.47
N VAL E 46 -33.76 -27.13 -13.50
CA VAL E 46 -34.26 -27.64 -14.78
C VAL E 46 -33.40 -28.70 -15.52
N GLY E 47 -32.24 -28.29 -16.05
CA GLY E 47 -31.31 -29.23 -16.66
C GLY E 47 -30.99 -30.45 -15.77
N LEU E 48 -31.00 -30.24 -14.46
CA LEU E 48 -30.33 -31.16 -13.56
C LEU E 48 -30.86 -32.61 -13.60
N PRO E 49 -30.01 -33.58 -14.03
CA PRO E 49 -30.38 -35.00 -13.96
C PRO E 49 -30.37 -35.49 -12.52
N ILE E 50 -31.27 -36.39 -12.15
CA ILE E 50 -31.40 -36.80 -10.76
C ILE E 50 -30.07 -37.35 -10.22
N ASN E 51 -29.28 -37.92 -11.12
CA ASN E 51 -27.94 -38.37 -10.78
C ASN E 51 -27.20 -37.38 -9.91
N GLN E 52 -27.30 -36.10 -10.28
CA GLN E 52 -26.65 -34.99 -9.57
C GLN E 52 -27.54 -34.18 -8.57
N ARG E 53 -28.81 -34.52 -8.45
CA ARG E 53 -29.78 -33.67 -7.78
C ARG E 53 -29.56 -33.52 -6.26
N PHE E 54 -28.79 -34.44 -5.66
CA PHE E 54 -28.61 -34.41 -4.20
C PHE E 54 -27.19 -34.65 -3.71
N ILE E 55 -26.99 -34.29 -2.43
CA ILE E 55 -25.82 -34.75 -1.69
C ILE E 55 -26.28 -35.19 -0.29
N LEU E 56 -25.51 -36.11 0.29
CA LEU E 56 -25.82 -36.72 1.58
C LEU E 56 -24.82 -36.29 2.67
N VAL E 57 -25.28 -36.25 3.92
CA VAL E 57 -24.43 -35.84 5.04
C VAL E 57 -24.53 -36.75 6.24
N GLU E 58 -23.44 -37.47 6.50
CA GLU E 58 -23.39 -38.43 7.61
C GLU E 58 -23.01 -37.73 8.91
N LEU E 59 -23.92 -37.72 9.88
CA LEU E 59 -23.69 -37.03 11.16
C LEU E 59 -23.59 -37.96 12.37
N SER E 60 -22.48 -37.87 13.12
CA SER E 60 -22.25 -38.79 14.23
C SER E 60 -22.10 -38.10 15.59
N ASN E 61 -21.95 -38.88 16.65
CA ASN E 61 -22.10 -38.41 18.01
C ASN E 61 -21.02 -38.80 18.97
N HIS E 62 -20.95 -38.08 20.09
CA HIS E 62 -20.18 -38.57 21.24
C HIS E 62 -21.04 -39.60 21.94
N ALA E 63 -22.32 -39.60 21.57
CA ALA E 63 -23.29 -40.60 22.00
C ALA E 63 -23.15 -41.79 21.07
N GLU E 64 -22.23 -41.67 20.13
CA GLU E 64 -21.81 -42.77 19.27
C GLU E 64 -22.86 -43.27 18.30
N LEU E 65 -23.76 -42.41 17.86
CA LEU E 65 -24.69 -42.87 16.84
C LEU E 65 -24.83 -41.87 15.70
N SER E 66 -25.39 -42.31 14.59
CA SER E 66 -25.42 -41.43 13.41
C SER E 66 -26.68 -41.51 12.57
N VAL E 67 -26.86 -40.48 11.75
CA VAL E 67 -27.95 -40.41 10.78
C VAL E 67 -27.49 -39.69 9.48
N THR E 68 -28.18 -39.93 8.38
CA THR E 68 -27.82 -39.29 7.11
C THR E 68 -28.87 -38.33 6.51
N LEU E 69 -28.43 -37.13 6.16
CA LEU E 69 -29.39 -36.13 5.70
C LEU E 69 -29.28 -35.96 4.25
N ALA E 70 -30.42 -35.76 3.58
CA ALA E 70 -30.36 -35.49 2.16
C ALA E 70 -30.61 -34.02 1.89
N LEU E 71 -29.80 -33.46 0.99
CA LEU E 71 -29.91 -32.07 0.60
C LEU E 71 -30.19 -31.93 -0.86
N ASP E 72 -31.10 -31.01 -1.17
CA ASP E 72 -31.44 -30.70 -2.55
C ASP E 72 -30.31 -29.79 -3.03
N VAL E 73 -29.66 -30.16 -4.11
CA VAL E 73 -28.52 -29.38 -4.48
C VAL E 73 -28.92 -28.01 -5.03
N THR E 74 -30.08 -27.96 -5.68
CA THR E 74 -30.61 -26.73 -6.28
C THR E 74 -30.98 -25.80 -5.11
N ASN E 75 -31.40 -26.46 -4.05
CA ASN E 75 -32.05 -25.86 -2.88
C ASN E 75 -31.07 -25.41 -1.81
N ALA E 76 -30.26 -26.38 -1.39
CA ALA E 76 -29.37 -26.33 -0.26
C ALA E 76 -30.15 -26.79 0.93
N TYR E 77 -31.47 -26.95 0.79
CA TYR E 77 -32.29 -27.30 1.97
C TYR E 77 -32.33 -28.80 2.19
N VAL E 78 -33.00 -29.22 3.27
CA VAL E 78 -33.11 -30.63 3.60
C VAL E 78 -34.43 -31.24 3.15
N VAL E 79 -34.32 -32.31 2.39
CA VAL E 79 -35.50 -33.03 1.91
C VAL E 79 -35.92 -34.21 2.76
N GLY E 80 -35.04 -34.63 3.68
CA GLY E 80 -35.31 -35.83 4.46
C GLY E 80 -34.05 -36.52 4.96
N TYR E 81 -34.22 -37.59 5.75
CA TYR E 81 -33.07 -38.35 6.23
C TYR E 81 -33.28 -39.83 6.52
N ARG E 82 -32.16 -40.52 6.57
CA ARG E 82 -32.14 -41.92 6.96
C ARG E 82 -31.46 -42.05 8.31
N ALA E 83 -32.08 -42.79 9.20
CA ALA E 83 -31.43 -43.25 10.42
C ALA E 83 -31.57 -44.76 10.42
N GLY E 84 -30.45 -45.47 10.30
CA GLY E 84 -30.50 -46.91 10.18
C GLY E 84 -31.38 -47.35 9.02
N ASN E 85 -32.37 -48.16 9.37
CA ASN E 85 -33.18 -48.85 8.39
C ASN E 85 -34.45 -48.13 8.03
N SER E 86 -34.62 -46.95 8.58
CA SER E 86 -35.76 -46.15 8.19
C SER E 86 -35.29 -44.84 7.53
N ALA E 87 -36.07 -44.32 6.59
CA ALA E 87 -35.76 -43.03 6.02
C ALA E 87 -37.04 -42.22 6.08
N TYR E 88 -36.89 -40.91 6.26
CA TYR E 88 -38.03 -40.02 6.36
C TYR E 88 -37.88 -38.83 5.40
N PHE E 89 -38.94 -38.45 4.68
CA PHE E 89 -38.89 -37.31 3.77
C PHE E 89 -40.04 -36.34 4.03
N PHE E 90 -39.81 -35.06 3.76
CA PHE E 90 -40.88 -34.08 3.79
C PHE E 90 -41.84 -34.18 2.65
N HIS E 91 -43.08 -33.78 2.89
CA HIS E 91 -44.05 -33.71 1.81
C HIS E 91 -43.52 -32.83 0.63
N PRO E 92 -43.35 -33.47 -0.54
CA PRO E 92 -42.96 -32.79 -1.78
C PRO E 92 -44.02 -31.82 -2.29
N ASP E 93 -43.58 -30.62 -2.60
CA ASP E 93 -44.45 -29.55 -3.08
C ASP E 93 -44.93 -29.77 -4.52
N ASN E 94 -44.38 -30.75 -5.20
CA ASN E 94 -44.93 -31.07 -6.51
C ASN E 94 -44.55 -32.42 -7.10
N GLN E 95 -45.17 -32.73 -8.22
CA GLN E 95 -44.92 -33.97 -8.95
C GLN E 95 -43.42 -34.29 -9.06
N GLU E 96 -42.71 -33.44 -9.80
CA GLU E 96 -41.28 -33.60 -10.14
C GLU E 96 -40.42 -33.85 -8.89
N ASP E 97 -40.58 -32.97 -7.91
CA ASP E 97 -39.83 -33.13 -6.69
C ASP E 97 -40.08 -34.54 -6.14
N ALA E 98 -41.33 -34.92 -5.99
CA ALA E 98 -41.65 -36.20 -5.40
C ALA E 98 -40.97 -37.37 -6.10
N GLU E 99 -40.83 -37.32 -7.44
CA GLU E 99 -40.21 -38.42 -8.14
C GLU E 99 -38.71 -38.47 -7.86
N ALA E 100 -38.11 -37.30 -7.69
CA ALA E 100 -36.69 -37.19 -7.37
C ALA E 100 -36.32 -37.94 -6.08
N ILE E 101 -37.02 -37.64 -4.99
CA ILE E 101 -36.82 -38.28 -3.70
C ILE E 101 -36.71 -39.78 -3.78
N THR E 102 -37.52 -40.38 -4.64
CA THR E 102 -37.58 -41.83 -4.74
C THR E 102 -36.18 -42.35 -4.93
N HIS E 103 -35.31 -41.49 -5.44
CA HIS E 103 -33.93 -41.83 -5.73
C HIS E 103 -33.05 -41.71 -4.50
N LEU E 104 -33.64 -41.44 -3.34
CA LEU E 104 -32.79 -41.17 -2.18
C LEU E 104 -32.35 -42.33 -1.28
N PHE E 105 -33.20 -42.88 -0.46
CA PHE E 105 -32.57 -43.95 0.27
C PHE E 105 -33.29 -45.19 -0.20
N THR E 106 -32.63 -45.85 -1.13
CA THR E 106 -33.29 -46.86 -1.91
C THR E 106 -33.26 -48.21 -1.21
N ASP E 107 -32.08 -48.53 -0.68
CA ASP E 107 -31.87 -49.66 0.24
C ASP E 107 -32.90 -49.73 1.43
N VAL E 108 -33.35 -48.59 1.93
CA VAL E 108 -34.18 -48.56 3.12
C VAL E 108 -35.48 -49.36 3.02
N GLN E 109 -35.74 -50.15 4.05
CA GLN E 109 -36.93 -50.99 4.09
C GLN E 109 -38.19 -50.24 4.46
N ASN E 110 -38.08 -49.26 5.36
CA ASN E 110 -39.19 -48.41 5.71
C ASN E 110 -38.99 -47.00 5.15
N ARG E 111 -39.69 -46.67 4.07
CA ARG E 111 -39.63 -45.30 3.55
C ARG E 111 -40.89 -44.62 4.03
N TYR E 112 -40.70 -43.64 4.91
CA TYR E 112 -41.81 -42.83 5.38
C TYR E 112 -41.80 -41.48 4.70
N THR E 113 -42.99 -40.97 4.36
CA THR E 113 -43.16 -39.63 3.80
C THR E 113 -44.21 -38.82 4.58
N PHE E 114 -43.80 -37.66 5.10
CA PHE E 114 -44.63 -36.76 5.92
C PHE E 114 -45.75 -36.05 5.20
N ALA E 115 -46.73 -35.56 5.96
CA ALA E 115 -47.86 -34.82 5.40
C ALA E 115 -47.55 -33.34 5.24
N PHE E 116 -46.49 -32.91 5.89
CA PHE E 116 -46.20 -31.50 5.95
C PHE E 116 -44.90 -31.14 5.29
N GLY E 117 -44.77 -29.89 4.90
CA GLY E 117 -43.53 -29.41 4.33
C GLY E 117 -42.53 -29.25 5.45
N GLY E 118 -41.30 -28.87 5.08
CA GLY E 118 -40.26 -28.52 6.02
C GLY E 118 -39.93 -27.04 6.13
N ASN E 119 -40.80 -26.16 5.61
CA ASN E 119 -40.65 -24.71 5.78
C ASN E 119 -40.58 -24.38 7.26
N TYR E 120 -39.82 -23.37 7.62
CA TYR E 120 -39.67 -23.06 9.03
C TYR E 120 -41.04 -22.89 9.63
N ASP E 121 -41.86 -22.11 8.95
CA ASP E 121 -43.19 -21.86 9.43
C ASP E 121 -43.84 -23.16 9.87
N ARG E 122 -43.80 -24.15 9.00
CA ARG E 122 -44.45 -25.42 9.32
C ARG E 122 -43.83 -26.06 10.57
N LEU E 123 -42.51 -26.02 10.71
CA LEU E 123 -41.86 -26.75 11.78
C LEU E 123 -42.04 -26.01 13.10
N GLU E 124 -41.81 -24.70 13.07
CA GLU E 124 -42.00 -23.85 14.24
C GLU E 124 -43.32 -24.19 14.88
N GLN E 125 -44.31 -24.42 14.03
CA GLN E 125 -45.66 -24.70 14.47
C GLN E 125 -45.67 -26.01 15.21
N LEU E 126 -45.10 -27.04 14.61
CA LEU E 126 -44.89 -28.34 15.26
C LEU E 126 -43.98 -28.32 16.47
N ALA E 127 -42.89 -27.56 16.37
CA ALA E 127 -41.99 -27.38 17.50
C ALA E 127 -42.73 -26.69 18.62
N GLY E 128 -43.80 -25.96 18.28
CA GLY E 128 -44.65 -25.28 19.26
C GLY E 128 -43.99 -23.99 19.75
N ASN E 129 -42.81 -23.75 19.23
CA ASN E 129 -42.03 -22.58 19.57
C ASN E 129 -41.46 -22.01 18.31
N LEU E 130 -40.89 -20.81 18.42
CA LEU E 130 -40.19 -20.17 17.31
C LEU E 130 -38.65 -20.34 17.30
N ARG E 131 -38.01 -19.96 16.20
CA ARG E 131 -36.59 -20.24 16.05
C ARG E 131 -35.73 -19.64 17.15
N GLU E 132 -36.20 -18.54 17.73
CA GLU E 132 -35.43 -17.73 18.72
C GLU E 132 -35.64 -18.22 20.14
N ASN E 133 -36.52 -19.20 20.29
CA ASN E 133 -36.59 -19.90 21.53
C ASN E 133 -35.87 -21.23 21.47
N ILE E 134 -35.26 -21.48 20.33
CA ILE E 134 -34.65 -22.77 20.10
C ILE E 134 -33.15 -22.61 19.99
N GLU E 135 -32.46 -23.12 21.01
CA GLU E 135 -31.03 -22.89 21.10
C GLU E 135 -30.22 -23.57 19.98
N LEU E 136 -29.24 -22.84 19.48
CA LEU E 136 -28.33 -23.40 18.49
C LEU E 136 -26.93 -23.46 19.11
N GLY E 137 -26.15 -24.39 18.58
CA GLY E 137 -24.79 -24.66 19.04
C GLY E 137 -24.47 -26.13 18.87
N ASN E 138 -23.30 -26.54 19.36
CA ASN E 138 -22.90 -27.95 19.29
C ASN E 138 -23.68 -28.86 20.25
N GLY E 139 -23.74 -28.53 21.54
CA GLY E 139 -24.52 -29.32 22.46
C GLY E 139 -25.89 -29.55 21.89
N PRO E 140 -26.56 -28.48 21.42
CA PRO E 140 -27.87 -28.61 20.80
C PRO E 140 -27.84 -29.61 19.64
N LEU E 141 -26.87 -29.47 18.74
CA LEU E 141 -26.73 -30.35 17.60
C LEU E 141 -26.40 -31.81 17.97
N GLU E 142 -25.61 -32.00 19.02
CA GLU E 142 -25.36 -33.34 19.52
C GLU E 142 -26.72 -33.94 19.82
N GLU E 143 -27.42 -33.37 20.80
CA GLU E 143 -28.70 -33.89 21.23
C GLU E 143 -29.70 -34.02 20.05
N ALA E 144 -29.61 -33.14 19.05
CA ALA E 144 -30.49 -33.19 17.85
C ALA E 144 -30.34 -34.47 17.06
N ILE E 145 -29.12 -34.75 16.62
CA ILE E 145 -28.79 -36.00 15.97
C ILE E 145 -29.36 -37.16 16.78
N SER E 146 -29.04 -37.20 18.08
CA SER E 146 -29.47 -38.29 18.96
C SER E 146 -30.96 -38.46 18.80
N ALA E 147 -31.68 -37.34 18.83
CA ALA E 147 -33.13 -37.35 18.72
C ALA E 147 -33.64 -37.95 17.41
N LEU E 148 -33.10 -37.49 16.28
CA LEU E 148 -33.50 -38.00 14.97
C LEU E 148 -33.32 -39.51 14.86
N TYR E 149 -32.23 -40.02 15.42
CA TYR E 149 -32.06 -41.46 15.47
C TYR E 149 -33.17 -42.02 16.30
N TYR E 150 -33.20 -41.57 17.53
CA TYR E 150 -34.20 -42.00 18.49
C TYR E 150 -35.62 -41.86 17.94
N TYR E 151 -35.79 -40.98 16.96
CA TYR E 151 -37.11 -40.78 16.40
C TYR E 151 -37.59 -42.01 15.66
N SER E 152 -36.68 -42.53 14.84
CA SER E 152 -36.92 -43.73 14.05
C SER E 152 -37.33 -44.88 14.97
N THR E 153 -36.87 -44.84 16.23
CA THR E 153 -37.30 -45.81 17.25
C THR E 153 -38.52 -45.32 18.01
N GLY E 154 -38.89 -44.05 17.80
CA GLY E 154 -40.03 -43.46 18.48
C GLY E 154 -39.91 -43.29 19.99
N GLY E 155 -38.67 -43.22 20.48
CA GLY E 155 -38.41 -42.77 21.84
C GLY E 155 -38.70 -41.29 21.93
N THR E 156 -38.68 -40.63 20.77
CA THR E 156 -38.84 -39.18 20.70
C THR E 156 -40.15 -38.72 20.03
N GLN E 157 -40.75 -37.68 20.66
CA GLN E 157 -42.04 -37.13 20.21
C GLN E 157 -41.87 -36.24 18.94
N LEU E 158 -42.98 -35.77 18.36
CA LEU E 158 -42.88 -34.97 17.14
C LEU E 158 -42.31 -33.54 17.33
N PRO E 159 -42.85 -32.78 18.29
CA PRO E 159 -42.30 -31.43 18.38
C PRO E 159 -40.81 -31.52 18.62
N THR E 160 -40.37 -32.55 19.34
CA THR E 160 -38.95 -32.73 19.59
C THR E 160 -38.25 -32.89 18.22
N LEU E 161 -38.82 -33.73 17.36
CA LEU E 161 -38.24 -33.94 16.04
C LEU E 161 -38.20 -32.65 15.22
N ALA E 162 -39.28 -31.86 15.30
CA ALA E 162 -39.38 -30.58 14.60
C ALA E 162 -38.21 -29.68 14.99
N ARG E 163 -38.12 -29.50 16.31
CA ARG E 163 -37.02 -28.79 16.95
C ARG E 163 -35.66 -29.26 16.42
N SER E 164 -35.50 -30.57 16.24
CA SER E 164 -34.21 -31.10 15.77
C SER E 164 -33.93 -30.59 14.38
N PHE E 165 -34.91 -30.70 13.48
CA PHE E 165 -34.77 -30.20 12.12
C PHE E 165 -34.45 -28.71 12.11
N ILE E 166 -35.24 -27.94 12.86
CA ILE E 166 -35.04 -26.49 12.96
C ILE E 166 -33.60 -26.19 13.36
N ILE E 167 -33.01 -27.06 14.15
CA ILE E 167 -31.61 -26.89 14.50
C ILE E 167 -30.65 -27.14 13.32
N CYS E 168 -30.83 -28.27 12.67
CA CYS E 168 -29.95 -28.69 11.58
C CYS E 168 -30.07 -27.84 10.36
N ILE E 169 -31.28 -27.69 9.83
CA ILE E 169 -31.43 -26.92 8.60
C ILE E 169 -30.67 -25.59 8.76
N GLN E 170 -30.79 -25.01 9.96
CA GLN E 170 -30.13 -23.76 10.26
C GLN E 170 -28.65 -23.96 10.26
N MET E 171 -28.20 -24.90 11.09
CA MET E 171 -26.76 -25.11 11.29
C MET E 171 -26.00 -25.61 10.05
N ILE E 172 -26.74 -26.02 9.04
CA ILE E 172 -26.13 -26.55 7.84
C ILE E 172 -26.57 -25.78 6.61
N SER E 173 -27.81 -26.00 6.18
CA SER E 173 -28.30 -25.32 4.98
C SER E 173 -28.07 -23.80 5.12
N GLU E 174 -28.40 -23.25 6.30
CA GLU E 174 -28.26 -21.82 6.47
C GLU E 174 -26.76 -21.45 6.62
N ALA E 175 -26.02 -22.23 7.41
CA ALA E 175 -24.59 -21.98 7.52
C ALA E 175 -23.90 -22.04 6.15
N ALA E 176 -24.32 -22.98 5.33
CA ALA E 176 -23.75 -23.11 4.00
C ALA E 176 -24.19 -21.96 3.12
N ARG E 177 -25.45 -21.54 3.30
CA ARG E 177 -25.97 -20.44 2.53
C ARG E 177 -25.25 -19.15 2.90
N PHE E 178 -24.86 -19.05 4.16
CA PHE E 178 -24.28 -17.81 4.67
C PHE E 178 -22.98 -17.99 5.47
N GLN E 179 -21.90 -17.40 5.01
CA GLN E 179 -20.69 -17.37 5.80
C GLN E 179 -21.02 -16.70 7.11
N TYR E 180 -21.94 -15.74 7.08
CA TYR E 180 -22.31 -15.00 8.28
C TYR E 180 -22.83 -15.96 9.32
N ILE E 181 -23.67 -16.86 8.84
CA ILE E 181 -24.24 -17.85 9.72
C ILE E 181 -23.18 -18.91 10.10
N GLU E 182 -22.36 -19.31 9.14
CA GLU E 182 -21.23 -20.20 9.40
C GLU E 182 -20.35 -19.59 10.47
N GLY E 183 -19.92 -18.37 10.25
CA GLY E 183 -19.02 -17.72 11.19
C GLY E 183 -19.63 -17.47 12.57
N GLU E 184 -20.94 -17.34 12.61
CA GLU E 184 -21.65 -17.19 13.88
C GLU E 184 -21.66 -18.48 14.70
N MET E 185 -21.75 -19.61 14.00
CA MET E 185 -21.65 -20.90 14.64
C MET E 185 -20.22 -21.14 15.02
N ARG E 186 -19.30 -20.68 14.17
CA ARG E 186 -17.88 -20.78 14.46
C ARG E 186 -17.63 -20.22 15.85
N THR E 187 -18.07 -18.98 16.07
CA THR E 187 -17.74 -18.32 17.32
C THR E 187 -18.60 -18.87 18.43
N ARG E 188 -19.69 -19.53 18.07
CA ARG E 188 -20.56 -20.20 19.05
C ARG E 188 -19.87 -21.45 19.63
N ILE E 189 -19.30 -22.24 18.75
CA ILE E 189 -18.38 -23.32 19.11
C ILE E 189 -17.19 -22.75 19.84
N ARG E 190 -16.57 -21.73 19.24
CA ARG E 190 -15.34 -21.15 19.77
C ARG E 190 -15.50 -20.87 21.31
N TYR E 191 -16.51 -20.11 21.73
CA TYR E 191 -16.67 -19.80 23.14
C TYR E 191 -17.57 -20.79 23.88
N ASN E 192 -17.98 -21.85 23.18
CA ASN E 192 -18.82 -22.89 23.76
C ASN E 192 -20.15 -22.36 24.36
N ARG E 193 -20.90 -21.61 23.55
CA ARG E 193 -22.16 -21.04 23.99
C ARG E 193 -23.33 -21.87 23.40
N ARG E 194 -24.41 -22.00 24.15
CA ARG E 194 -25.65 -22.54 23.60
C ARG E 194 -26.69 -21.42 23.72
N SER E 195 -27.10 -20.87 22.59
CA SER E 195 -28.02 -19.74 22.61
C SER E 195 -28.82 -19.68 21.32
N ALA E 196 -30.06 -19.21 21.40
CA ALA E 196 -30.91 -19.17 20.21
C ALA E 196 -30.39 -18.16 19.18
N PRO E 197 -30.84 -18.27 17.91
CA PRO E 197 -30.43 -17.36 16.81
C PRO E 197 -30.89 -15.91 16.98
N ASP E 198 -30.01 -14.94 16.78
CA ASP E 198 -30.42 -13.52 16.82
C ASP E 198 -31.21 -13.13 15.58
N PRO E 199 -31.82 -11.93 15.57
CA PRO E 199 -32.70 -11.55 14.44
C PRO E 199 -31.98 -11.48 13.09
N SER E 200 -30.74 -11.00 13.09
CA SER E 200 -29.96 -10.87 11.84
C SER E 200 -29.89 -12.22 11.09
N VAL E 201 -29.56 -13.26 11.85
CA VAL E 201 -29.53 -14.63 11.34
C VAL E 201 -30.88 -15.07 10.77
N ILE E 202 -31.93 -14.73 11.49
CA ILE E 202 -33.26 -15.14 11.11
C ILE E 202 -33.74 -14.43 9.85
N THR E 203 -33.72 -13.09 9.86
CA THR E 203 -34.20 -12.34 8.70
C THR E 203 -33.36 -12.65 7.48
N LEU E 204 -32.09 -13.00 7.71
CA LEU E 204 -31.27 -13.57 6.64
C LEU E 204 -31.91 -14.83 6.07
N GLU E 205 -32.34 -15.72 6.97
CA GLU E 205 -32.94 -16.97 6.55
C GLU E 205 -34.21 -16.76 5.76
N ASN E 206 -35.10 -15.87 6.22
CA ASN E 206 -36.31 -15.58 5.44
C ASN E 206 -36.15 -14.79 4.13
N SER E 207 -35.06 -14.03 4.02
CA SER E 207 -34.92 -13.21 2.84
C SER E 207 -34.03 -13.86 1.77
N TRP E 208 -33.44 -15.01 2.09
CA TRP E 208 -32.47 -15.68 1.20
C TRP E 208 -33.02 -15.87 -0.21
N GLY E 209 -34.26 -16.35 -0.28
CA GLY E 209 -34.95 -16.47 -1.55
C GLY E 209 -35.07 -15.15 -2.30
N ARG E 210 -35.35 -14.07 -1.59
CA ARG E 210 -35.60 -12.81 -2.25
C ARG E 210 -34.33 -11.96 -2.44
N LEU E 211 -33.24 -12.43 -1.83
CA LEU E 211 -31.91 -11.87 -2.09
C LEU E 211 -31.34 -12.51 -3.33
N SER E 212 -31.50 -13.84 -3.42
CA SER E 212 -31.03 -14.54 -4.59
C SER E 212 -31.62 -13.85 -5.81
N THR E 213 -32.93 -13.58 -5.77
CA THR E 213 -33.58 -12.84 -6.85
C THR E 213 -32.98 -11.42 -7.05
N ALA E 214 -32.92 -10.65 -5.97
CA ALA E 214 -32.51 -9.23 -6.04
C ALA E 214 -31.16 -9.05 -6.70
N ILE E 215 -30.24 -9.91 -6.30
CA ILE E 215 -28.87 -9.90 -6.81
C ILE E 215 -28.80 -10.22 -8.29
N GLN E 216 -29.31 -11.39 -8.70
CA GLN E 216 -29.06 -11.86 -10.06
C GLN E 216 -29.69 -10.94 -11.06
N GLU E 217 -30.75 -10.28 -10.57
CA GLU E 217 -31.49 -9.30 -11.35
C GLU E 217 -31.02 -7.85 -11.19
N SER E 218 -30.03 -7.65 -10.31
CA SER E 218 -29.46 -6.33 -10.13
C SER E 218 -28.86 -5.83 -11.43
N ASN E 219 -28.71 -4.51 -11.52
CA ASN E 219 -27.93 -3.92 -12.58
C ASN E 219 -26.46 -3.82 -12.13
N GLN E 220 -25.57 -4.61 -12.76
CA GLN E 220 -24.16 -4.59 -12.39
C GLN E 220 -23.97 -4.51 -10.86
N GLY E 221 -24.78 -5.26 -10.11
CA GLY E 221 -24.67 -5.26 -8.67
C GLY E 221 -25.70 -4.40 -7.94
N ALA E 222 -26.31 -3.43 -8.63
CA ALA E 222 -27.22 -2.50 -7.97
C ALA E 222 -28.69 -2.98 -7.92
N PHE E 223 -29.21 -3.20 -6.70
CA PHE E 223 -30.57 -3.75 -6.54
C PHE E 223 -31.67 -2.93 -7.15
N ALA E 224 -32.59 -3.64 -7.80
CA ALA E 224 -33.83 -3.04 -8.24
C ALA E 224 -34.43 -2.32 -7.05
N SER E 225 -34.89 -3.08 -6.06
CA SER E 225 -35.58 -2.50 -4.90
C SER E 225 -34.89 -2.91 -3.62
N PRO E 226 -34.97 -2.05 -2.58
CA PRO E 226 -34.29 -2.33 -1.31
C PRO E 226 -34.85 -3.59 -0.71
N ILE E 227 -34.04 -4.23 0.10
CA ILE E 227 -34.45 -5.40 0.83
C ILE E 227 -34.23 -5.12 2.30
N GLN E 228 -35.31 -5.07 3.09
CA GLN E 228 -35.20 -4.77 4.51
C GLN E 228 -34.57 -5.93 5.28
N LEU E 229 -33.59 -5.62 6.13
CA LEU E 229 -32.98 -6.64 7.00
C LEU E 229 -32.94 -6.16 8.43
N GLN E 230 -32.44 -7.00 9.33
CA GLN E 230 -32.22 -6.61 10.75
C GLN E 230 -30.80 -6.89 11.24
N ARG E 231 -30.27 -5.97 12.06
CA ARG E 231 -28.93 -6.12 12.63
C ARG E 231 -29.02 -7.01 13.86
N ARG E 232 -27.88 -7.32 14.47
CA ARG E 232 -27.88 -8.21 15.62
C ARG E 232 -28.86 -7.71 16.69
N ASN E 233 -29.03 -6.40 16.75
CA ASN E 233 -29.87 -5.79 17.80
C ASN E 233 -31.35 -5.61 17.46
N GLY E 234 -31.76 -6.08 16.28
CA GLY E 234 -33.14 -5.93 15.83
C GLY E 234 -33.39 -4.71 14.94
N SER E 235 -32.45 -3.76 14.94
CA SER E 235 -32.61 -2.53 14.18
C SER E 235 -32.71 -2.86 12.70
N LYS E 236 -33.79 -2.41 12.09
CA LYS E 236 -34.02 -2.62 10.67
C LYS E 236 -33.10 -1.76 9.74
N PHE E 237 -32.66 -2.33 8.64
CA PHE E 237 -31.92 -1.52 7.69
C PHE E 237 -32.04 -2.06 6.26
N SER E 238 -32.01 -1.14 5.32
CA SER E 238 -32.25 -1.49 3.93
C SER E 238 -30.95 -1.79 3.16
N VAL E 239 -31.02 -2.80 2.29
CA VAL E 239 -29.91 -3.22 1.44
C VAL E 239 -30.15 -2.78 0.00
N TYR E 240 -29.35 -1.83 -0.49
CA TYR E 240 -29.52 -1.34 -1.85
C TYR E 240 -28.59 -1.97 -2.93
N ASP E 241 -27.56 -2.70 -2.52
CA ASP E 241 -26.53 -3.12 -3.46
C ASP E 241 -25.90 -4.42 -2.99
N VAL E 242 -25.32 -5.16 -3.92
CA VAL E 242 -24.73 -6.46 -3.61
C VAL E 242 -23.46 -6.35 -2.78
N SER E 243 -22.80 -5.19 -2.88
CA SER E 243 -21.42 -5.00 -2.40
C SER E 243 -21.23 -5.45 -0.96
N ILE E 244 -22.26 -5.20 -0.16
CA ILE E 244 -22.23 -5.47 1.28
C ILE E 244 -22.56 -6.91 1.61
N LEU E 245 -23.18 -7.60 0.65
CA LEU E 245 -23.60 -8.98 0.86
C LEU E 245 -22.47 -9.96 0.65
N ILE E 246 -21.54 -9.54 -0.18
CA ILE E 246 -20.43 -10.38 -0.58
C ILE E 246 -19.80 -11.17 0.59
N PRO E 247 -19.39 -10.48 1.69
CA PRO E 247 -18.81 -11.03 2.93
C PRO E 247 -19.71 -11.96 3.73
N ILE E 248 -20.98 -11.99 3.33
CA ILE E 248 -22.02 -12.71 4.07
C ILE E 248 -22.57 -13.95 3.40
N ILE E 249 -23.20 -13.74 2.26
CA ILE E 249 -23.96 -14.78 1.60
C ILE E 249 -23.07 -15.63 0.66
N ALA E 250 -23.03 -16.93 0.92
CA ALA E 250 -22.23 -17.88 0.16
C ALA E 250 -22.85 -18.44 -1.14
N LEU E 251 -24.17 -18.65 -1.15
CA LEU E 251 -24.81 -19.32 -2.29
C LEU E 251 -26.19 -18.74 -2.66
N MET E 252 -26.55 -18.80 -3.93
CA MET E 252 -27.89 -18.35 -4.36
C MET E 252 -28.54 -19.39 -5.23
N VAL E 253 -29.85 -19.57 -5.07
CA VAL E 253 -30.60 -20.49 -5.91
C VAL E 253 -30.62 -19.89 -7.32
N TYR E 254 -30.35 -20.67 -8.37
CA TYR E 254 -30.38 -20.12 -9.74
C TYR E 254 -31.74 -19.46 -9.95
N ARG E 255 -31.73 -18.22 -10.46
CA ARG E 255 -33.00 -17.55 -10.79
C ARG E 255 -33.13 -17.23 -12.31
N CYS E 256 -32.22 -16.41 -12.83
CA CYS E 256 -32.29 -16.03 -14.23
C CYS E 256 -31.03 -16.48 -14.96
N ALA E 257 -31.12 -16.62 -16.28
CA ALA E 257 -29.93 -16.88 -17.09
C ALA E 257 -28.88 -15.75 -16.86
N PRO E 258 -27.59 -16.11 -16.71
CA PRO E 258 -26.56 -15.09 -16.43
C PRO E 258 -26.37 -14.02 -17.52
N PRO E 259 -26.08 -12.78 -17.08
CA PRO E 259 -25.99 -11.57 -17.93
C PRO E 259 -24.84 -11.59 -18.98
N PRO E 260 -24.83 -10.58 -19.86
CA PRO E 260 -23.80 -10.45 -20.89
C PRO E 260 -22.59 -9.66 -20.40
N GLN F 5 -33.96 -41.98 28.65
CA GLN F 5 -34.23 -42.80 29.84
C GLN F 5 -34.06 -42.10 31.21
N LEU F 6 -35.07 -41.32 31.58
CA LEU F 6 -35.12 -40.57 32.87
C LEU F 6 -35.87 -41.33 33.96
N VAL F 7 -35.44 -41.22 35.21
CA VAL F 7 -36.24 -41.80 36.28
C VAL F 7 -36.24 -41.10 37.62
N GLU F 8 -37.43 -41.10 38.24
CA GLU F 8 -37.70 -40.38 39.47
C GLU F 8 -38.29 -41.30 40.52
N SER F 9 -37.91 -41.05 41.78
CA SER F 9 -38.44 -41.78 42.92
C SER F 9 -38.91 -40.74 43.92
N GLY F 10 -39.36 -41.17 45.09
CA GLY F 10 -39.80 -40.21 46.10
C GLY F 10 -41.29 -39.99 46.30
N GLY F 11 -42.10 -40.53 45.37
CA GLY F 11 -43.55 -40.42 45.50
C GLY F 11 -44.11 -41.20 46.66
N GLY F 12 -45.31 -40.82 47.10
CA GLY F 12 -45.96 -41.56 48.16
C GLY F 12 -47.14 -40.85 48.78
N LEU F 13 -47.48 -41.32 49.96
CA LEU F 13 -48.60 -40.76 50.64
C LEU F 13 -48.15 -39.94 51.81
N VAL F 14 -48.65 -38.72 51.90
CA VAL F 14 -48.46 -37.92 53.11
C VAL F 14 -49.80 -37.49 53.65
N GLN F 15 -49.84 -37.11 54.92
CA GLN F 15 -50.99 -36.43 55.44
C GLN F 15 -50.96 -35.03 54.88
N ALA F 16 -52.11 -34.38 54.90
CA ALA F 16 -52.14 -32.98 54.52
C ALA F 16 -51.14 -32.19 55.38
N GLY F 17 -50.36 -31.33 54.73
CA GLY F 17 -49.40 -30.50 55.45
C GLY F 17 -48.01 -31.12 55.50
N GLY F 18 -47.91 -32.39 55.14
CA GLY F 18 -46.62 -33.08 55.17
C GLY F 18 -45.65 -32.62 54.10
N SER F 19 -44.42 -33.10 54.19
CA SER F 19 -43.39 -32.79 53.19
C SER F 19 -42.93 -34.06 52.50
N LEU F 20 -42.42 -33.89 51.31
CA LEU F 20 -42.04 -35.02 50.50
C LEU F 20 -40.95 -34.56 49.56
N ARG F 21 -40.12 -35.46 49.09
CA ARG F 21 -39.04 -35.04 48.19
C ARG F 21 -38.78 -35.95 47.00
N LEU F 22 -38.81 -35.37 45.81
CA LEU F 22 -38.63 -36.12 44.60
C LEU F 22 -37.20 -36.05 44.08
N SER F 23 -36.76 -37.14 43.47
CA SER F 23 -35.40 -37.24 42.94
C SER F 23 -35.44 -37.76 41.53
N CYS F 24 -34.41 -37.47 40.75
CA CYS F 24 -34.40 -37.85 39.33
C CYS F 24 -32.99 -38.14 38.77
N ALA F 25 -32.88 -39.10 37.86
CA ALA F 25 -31.57 -39.42 37.31
C ALA F 25 -31.54 -39.50 35.78
N ALA F 26 -30.67 -38.69 35.16
CA ALA F 26 -30.44 -38.82 33.71
C ALA F 26 -29.40 -39.91 33.44
N SER F 27 -29.60 -40.66 32.37
CA SER F 27 -28.72 -41.79 32.06
C SER F 27 -27.87 -41.58 30.79
N PHE F 31 -25.65 -34.94 27.89
CA PHE F 31 -24.63 -33.92 28.15
C PHE F 31 -25.20 -32.50 28.28
N SER F 32 -25.58 -31.96 27.13
CA SER F 32 -26.08 -30.60 27.00
C SER F 32 -27.54 -30.62 27.35
N ARG F 33 -27.98 -29.67 28.17
CA ARG F 33 -29.36 -29.74 28.64
C ARG F 33 -30.12 -28.45 28.32
N SER F 34 -29.65 -27.35 28.88
CA SER F 34 -30.31 -26.06 28.79
C SER F 34 -31.51 -25.91 29.73
N SER F 35 -32.03 -27.02 30.26
CA SER F 35 -33.11 -27.01 31.28
C SER F 35 -33.59 -28.39 31.72
N MET F 36 -34.23 -28.44 32.88
CA MET F 36 -34.98 -29.60 33.34
C MET F 36 -36.11 -29.11 34.22
N GLY F 37 -37.21 -29.83 34.21
CA GLY F 37 -38.33 -29.40 35.02
C GLY F 37 -39.26 -30.51 35.47
N TRP F 38 -40.08 -30.21 36.47
CA TRP F 38 -41.15 -31.12 36.90
C TRP F 38 -42.58 -30.70 36.53
N PHE F 39 -43.33 -31.61 35.94
CA PHE F 39 -44.72 -31.37 35.61
C PHE F 39 -45.56 -32.32 36.44
N ARG F 40 -46.79 -31.93 36.77
CA ARG F 40 -47.72 -32.82 37.47
C ARG F 40 -49.04 -33.02 36.69
N GLN F 41 -49.58 -34.23 36.75
CA GLN F 41 -50.83 -34.49 36.06
C GLN F 41 -51.83 -35.28 36.88
N ALA F 42 -52.97 -34.65 37.15
CA ALA F 42 -54.09 -35.32 37.81
C ALA F 42 -54.84 -36.08 36.72
N PRO F 43 -55.29 -37.30 37.04
CA PRO F 43 -55.84 -38.22 36.03
C PRO F 43 -56.97 -37.59 35.22
N GLY F 44 -56.89 -37.68 33.90
CA GLY F 44 -57.95 -37.17 33.07
C GLY F 44 -57.74 -35.72 32.70
N LYS F 45 -56.98 -35.00 33.51
CA LYS F 45 -56.59 -33.63 33.19
C LYS F 45 -55.27 -33.66 32.42
N GLU F 46 -54.63 -32.52 32.19
CA GLU F 46 -53.35 -32.50 31.45
C GLU F 46 -52.20 -31.92 32.29
N ARG F 47 -50.97 -32.06 31.82
CA ARG F 47 -49.81 -31.83 32.67
C ARG F 47 -49.71 -30.38 33.06
N GLU F 48 -49.76 -30.10 34.36
CA GLU F 48 -49.50 -28.76 34.82
C GLU F 48 -48.02 -28.62 34.81
N PHE F 49 -47.54 -27.43 34.48
CA PHE F 49 -46.17 -27.08 34.79
C PHE F 49 -46.07 -26.91 36.30
N VAL F 50 -44.90 -27.16 36.84
CA VAL F 50 -44.70 -27.00 38.28
C VAL F 50 -43.46 -26.15 38.62
N ALA F 51 -42.28 -26.65 38.27
CA ALA F 51 -41.04 -25.93 38.52
C ALA F 51 -39.99 -26.41 37.54
N SER F 52 -38.97 -25.60 37.32
CA SER F 52 -37.85 -26.04 36.50
C SER F 52 -36.60 -25.25 36.82
N ILE F 53 -35.45 -25.84 36.52
CA ILE F 53 -34.18 -25.17 36.77
C ILE F 53 -33.37 -25.10 35.50
N VAL F 54 -33.17 -23.88 35.01
CA VAL F 54 -32.40 -23.67 33.82
C VAL F 54 -31.00 -24.24 34.09
N TRP F 55 -30.57 -25.17 33.26
CA TRP F 55 -29.21 -25.67 33.32
C TRP F 55 -28.41 -24.45 32.87
N ALA F 56 -27.10 -24.59 32.67
CA ALA F 56 -26.28 -23.39 32.59
C ALA F 56 -26.47 -22.65 33.94
N ASP F 57 -27.07 -21.46 33.92
CA ASP F 57 -27.23 -20.64 35.15
C ASP F 57 -27.77 -21.29 36.48
N GLY F 58 -28.79 -22.14 36.42
CA GLY F 58 -29.40 -22.66 37.64
C GLY F 58 -30.48 -21.75 38.21
N THR F 59 -31.08 -20.97 37.33
CA THR F 59 -32.19 -20.09 37.68
C THR F 59 -33.37 -20.95 37.99
N THR F 60 -34.08 -20.69 39.06
CA THR F 60 -35.23 -21.50 39.27
C THR F 60 -36.51 -20.78 38.95
N LEU F 61 -37.44 -21.55 38.40
CA LEU F 61 -38.76 -21.08 37.95
C LEU F 61 -39.88 -21.95 38.45
N TYR F 62 -40.85 -21.36 39.12
CA TYR F 62 -41.93 -22.15 39.66
C TYR F 62 -43.28 -21.70 39.11
N GLY F 63 -44.18 -22.65 38.96
CA GLY F 63 -45.51 -22.39 38.44
C GLY F 63 -46.33 -21.75 39.52
N ASP F 64 -47.50 -21.25 39.14
CA ASP F 64 -48.27 -20.37 40.02
C ASP F 64 -48.59 -20.98 41.35
N SER F 65 -49.43 -22.01 41.35
CA SER F 65 -50.01 -22.58 42.57
C SER F 65 -49.02 -23.00 43.65
N VAL F 66 -47.83 -23.41 43.21
CA VAL F 66 -46.84 -23.98 44.09
C VAL F 66 -45.72 -23.03 44.54
N LYS F 67 -45.69 -21.79 44.04
CA LYS F 67 -44.41 -21.07 43.99
C LYS F 67 -43.67 -21.13 45.33
N GLY F 68 -44.40 -20.97 46.42
CA GLY F 68 -43.80 -20.86 47.73
C GLY F 68 -43.35 -22.12 48.46
N ARG F 69 -44.09 -23.21 48.29
CA ARG F 69 -43.83 -24.46 49.02
C ARG F 69 -42.75 -25.38 48.38
N PHE F 70 -42.54 -25.20 47.07
CA PHE F 70 -41.68 -26.11 46.32
C PHE F 70 -40.37 -25.41 45.97
N THR F 71 -39.26 -26.14 46.04
CA THR F 71 -37.94 -25.60 45.65
C THR F 71 -37.20 -26.62 44.76
N VAL F 72 -36.45 -26.14 43.78
CA VAL F 72 -35.78 -27.02 42.80
C VAL F 72 -34.25 -26.81 42.73
N SER F 73 -33.48 -27.89 42.51
CA SER F 73 -32.00 -27.82 42.47
C SER F 73 -31.30 -28.86 41.58
N ARG F 74 -30.17 -28.46 41.00
CA ARG F 74 -29.45 -29.32 40.07
C ARG F 74 -28.32 -29.99 40.85
N ASP F 75 -27.92 -31.18 40.43
CA ASP F 75 -26.75 -31.85 40.99
C ASP F 75 -25.79 -32.38 39.90
N ASN F 76 -24.49 -32.41 40.20
CA ASN F 76 -23.47 -32.87 39.23
C ASN F 76 -23.60 -32.27 37.81
N ASN F 79 -26.49 -35.48 35.26
CA ASN F 79 -26.53 -36.49 36.31
C ASN F 79 -27.86 -36.53 37.06
N MET F 80 -28.07 -35.57 37.97
CA MET F 80 -29.16 -35.63 38.96
C MET F 80 -29.84 -34.30 39.37
N VAL F 81 -31.15 -34.35 39.70
CA VAL F 81 -31.96 -33.16 39.94
C VAL F 81 -33.11 -33.41 40.92
N TYR F 82 -33.52 -32.38 41.68
CA TYR F 82 -34.39 -32.57 42.85
C TYR F 82 -35.57 -31.59 43.00
N LEU F 83 -36.68 -32.10 43.52
CA LEU F 83 -37.85 -31.28 43.85
C LEU F 83 -38.37 -31.43 45.31
N GLN F 84 -38.24 -30.36 46.10
CA GLN F 84 -38.72 -30.35 47.46
C GLN F 84 -40.17 -29.96 47.48
N MET F 85 -40.99 -30.72 48.18
CA MET F 85 -42.40 -30.39 48.33
C MET F 85 -42.77 -30.24 49.79
N ASN F 86 -43.18 -29.03 50.16
CA ASN F 86 -43.49 -28.73 51.56
C ASN F 86 -44.90 -28.24 51.78
N ASN F 87 -45.47 -28.52 52.95
CA ASN F 87 -46.87 -28.20 53.20
C ASN F 87 -47.80 -28.72 52.08
N LEU F 88 -48.06 -30.01 52.02
CA LEU F 88 -48.88 -30.53 50.94
C LEU F 88 -50.37 -30.33 51.19
N LYS F 89 -51.06 -29.93 50.14
CA LYS F 89 -52.49 -29.86 50.18
C LYS F 89 -53.05 -30.99 49.33
N PRO F 90 -54.23 -31.48 49.73
CA PRO F 90 -54.91 -32.58 49.04
C PRO F 90 -55.02 -32.33 47.54
N GLU F 91 -54.90 -31.07 47.12
CA GLU F 91 -55.03 -30.71 45.71
C GLU F 91 -53.75 -31.02 44.95
N ASP F 92 -52.67 -31.25 45.69
CA ASP F 92 -51.41 -31.62 45.06
C ASP F 92 -51.44 -33.08 44.63
N THR F 93 -52.49 -33.79 45.02
CA THR F 93 -52.60 -35.18 44.66
C THR F 93 -52.52 -35.28 43.14
N ALA F 94 -51.53 -36.02 42.64
CA ALA F 94 -51.32 -36.17 41.19
C ALA F 94 -50.05 -36.96 40.85
N LEU F 95 -49.86 -37.22 39.57
CA LEU F 95 -48.66 -37.89 39.12
C LEU F 95 -47.63 -36.85 38.77
N TYR F 96 -46.42 -37.04 39.25
CA TYR F 96 -45.36 -36.06 39.03
C TYR F 96 -44.27 -36.59 38.07
N TYR F 97 -43.77 -35.73 37.17
CA TYR F 97 -42.85 -36.15 36.12
C TYR F 97 -41.57 -35.35 36.03
N CYS F 98 -40.55 -35.98 35.44
CA CYS F 98 -39.24 -35.37 35.23
C CYS F 98 -39.11 -35.07 33.75
N ALA F 99 -38.52 -33.93 33.40
CA ALA F 99 -38.40 -33.62 31.98
C ALA F 99 -37.01 -33.10 31.64
N ASP F 100 -36.45 -33.56 30.51
CA ASP F 100 -35.21 -32.98 30.03
C ASP F 100 -35.56 -32.17 28.80
N ASN F 101 -35.43 -30.84 28.89
CA ASN F 101 -35.54 -29.99 27.71
C ASN F 101 -34.16 -29.74 27.15
N LYS F 102 -33.88 -30.35 25.99
CA LYS F 102 -32.55 -30.25 25.39
C LYS F 102 -32.45 -29.01 24.52
N PHE F 103 -33.58 -28.34 24.26
CA PHE F 103 -33.66 -27.38 23.16
C PHE F 103 -34.04 -25.93 23.43
N VAL F 104 -35.20 -25.71 24.03
CA VAL F 104 -35.70 -24.36 24.18
C VAL F 104 -34.88 -23.51 25.15
N ARG F 105 -34.73 -22.21 24.81
CA ARG F 105 -33.97 -21.25 25.60
C ARG F 105 -34.61 -21.48 26.92
N GLY F 106 -33.81 -21.82 27.92
CA GLY F 106 -34.32 -22.40 29.15
C GLY F 106 -35.36 -21.62 29.93
N LEU F 107 -35.35 -20.30 29.76
CA LEU F 107 -36.27 -19.44 30.48
C LEU F 107 -37.64 -19.61 29.87
N VAL F 108 -37.70 -19.54 28.55
CA VAL F 108 -38.96 -19.51 27.83
C VAL F 108 -39.74 -20.85 27.83
N ALA F 109 -39.14 -21.96 28.27
CA ALA F 109 -39.85 -23.24 28.11
C ALA F 109 -40.55 -23.72 29.36
N VAL F 110 -41.86 -23.48 29.42
CA VAL F 110 -42.67 -24.16 30.42
C VAL F 110 -43.89 -24.90 29.85
N ARG F 111 -43.71 -25.95 29.06
CA ARG F 111 -44.87 -26.60 28.44
C ARG F 111 -44.60 -28.03 28.05
N ALA F 112 -45.62 -28.87 28.15
CA ALA F 112 -45.46 -30.25 27.76
C ALA F 112 -44.75 -30.31 26.40
N ILE F 113 -45.12 -29.42 25.48
CA ILE F 113 -44.53 -29.41 24.15
C ILE F 113 -43.05 -29.10 24.19
N ASP F 114 -42.64 -28.37 25.22
CA ASP F 114 -41.29 -27.82 25.23
C ASP F 114 -40.20 -28.80 25.64
N TYR F 115 -40.56 -29.90 26.29
CA TYR F 115 -39.55 -30.88 26.72
C TYR F 115 -39.50 -32.11 25.82
N ASP F 116 -38.28 -32.55 25.53
CA ASP F 116 -38.00 -33.63 24.60
C ASP F 116 -38.17 -35.06 25.16
N TYR F 117 -37.85 -35.25 26.44
CA TYR F 117 -37.91 -36.58 27.03
C TYR F 117 -38.53 -36.55 28.41
N TRP F 118 -39.34 -37.57 28.66
CA TRP F 118 -40.17 -37.66 29.86
C TRP F 118 -39.77 -38.81 30.80
N GLY F 119 -39.64 -38.50 32.08
CA GLY F 119 -39.48 -39.53 33.08
C GLY F 119 -40.74 -40.38 33.15
N GLN F 120 -40.71 -41.45 33.94
CA GLN F 120 -41.80 -42.43 33.96
C GLN F 120 -42.95 -42.01 34.88
N GLY F 121 -42.59 -41.38 35.98
CA GLY F 121 -43.54 -40.77 36.90
C GLY F 121 -43.62 -41.45 38.25
N THR F 122 -43.99 -40.69 39.27
CA THR F 122 -44.23 -41.24 40.63
C THR F 122 -45.39 -40.52 41.31
N GLN F 123 -46.18 -41.27 42.11
CA GLN F 123 -47.42 -40.74 42.71
C GLN F 123 -47.31 -39.93 44.01
N VAL F 124 -48.30 -39.07 44.23
CA VAL F 124 -48.36 -38.25 45.44
C VAL F 124 -49.81 -38.16 45.93
N THR F 125 -50.03 -38.05 47.24
CA THR F 125 -51.39 -38.00 47.78
C THR F 125 -51.42 -37.30 49.15
N VAL F 126 -52.60 -37.17 49.75
CA VAL F 126 -52.75 -36.36 50.98
C VAL F 126 -54.09 -36.55 51.78
N SER F 127 -54.22 -35.92 52.95
CA SER F 127 -55.44 -36.08 53.74
C SER F 127 -56.69 -36.02 52.86
N GLN G 2 -49.39 -44.17 -14.45
CA GLN G 2 -50.78 -43.79 -14.06
C GLN G 2 -51.84 -44.95 -13.97
N TYR G 3 -51.43 -46.07 -13.40
CA TYR G 3 -51.92 -47.40 -13.81
C TYR G 3 -53.42 -47.71 -13.80
N PRO G 4 -53.88 -48.41 -14.88
CA PRO G 4 -55.23 -48.97 -15.06
C PRO G 4 -55.59 -49.95 -13.93
N ILE G 5 -56.76 -49.80 -13.30
CA ILE G 5 -57.19 -50.76 -12.27
C ILE G 5 -58.48 -51.56 -12.55
N ILE G 6 -58.50 -52.81 -12.08
CA ILE G 6 -59.67 -53.68 -12.20
C ILE G 6 -60.16 -54.01 -10.83
N ASN G 7 -61.38 -53.59 -10.51
CA ASN G 7 -61.98 -53.90 -9.22
C ASN G 7 -62.50 -55.32 -9.21
N PHE G 8 -62.55 -55.88 -8.01
CA PHE G 8 -63.36 -57.07 -7.79
C PHE G 8 -63.77 -57.16 -6.34
N THR G 9 -64.90 -57.82 -6.10
CA THR G 9 -65.37 -58.04 -4.74
C THR G 9 -65.71 -59.50 -4.56
N THR G 10 -65.33 -59.98 -3.39
CA THR G 10 -65.54 -61.34 -3.00
C THR G 10 -67.03 -61.43 -2.60
N ALA G 11 -67.61 -60.26 -2.35
CA ALA G 11 -68.86 -60.07 -1.59
C ALA G 11 -69.98 -61.02 -1.92
N GLY G 12 -70.50 -60.81 -3.13
CA GLY G 12 -71.57 -61.63 -3.66
C GLY G 12 -71.17 -62.51 -4.81
N ALA G 13 -69.88 -62.73 -5.02
CA ALA G 13 -69.38 -63.12 -6.35
C ALA G 13 -69.97 -64.37 -7.10
N THR G 14 -70.42 -64.17 -8.36
CA THR G 14 -70.93 -65.23 -9.26
C THR G 14 -69.81 -66.08 -9.85
N VAL G 15 -70.19 -67.15 -10.55
CA VAL G 15 -69.26 -67.84 -11.45
C VAL G 15 -68.91 -66.82 -12.55
N GLN G 16 -69.94 -66.16 -13.06
CA GLN G 16 -69.81 -65.18 -14.13
C GLN G 16 -68.95 -64.02 -13.70
N SER G 17 -69.26 -63.47 -12.54
CA SER G 17 -68.58 -62.28 -12.04
C SER G 17 -67.06 -62.47 -11.98
N TYR G 18 -66.64 -63.69 -11.65
CA TYR G 18 -65.23 -64.07 -11.59
C TYR G 18 -64.64 -64.34 -12.95
N THR G 19 -65.35 -65.10 -13.77
CA THR G 19 -64.88 -65.32 -15.12
C THR G 19 -64.80 -63.93 -15.74
N ASN G 20 -65.82 -63.11 -15.46
CA ASN G 20 -65.84 -61.71 -15.91
C ASN G 20 -64.54 -61.01 -15.58
N PHE G 21 -64.14 -61.22 -14.33
CA PHE G 21 -62.96 -60.63 -13.74
C PHE G 21 -61.69 -61.01 -14.50
N ILE G 22 -61.35 -62.29 -14.42
CA ILE G 22 -60.15 -62.81 -15.07
C ILE G 22 -60.12 -62.44 -16.57
N ARG G 23 -61.19 -62.76 -17.29
CA ARG G 23 -61.23 -62.49 -18.73
C ARG G 23 -60.82 -61.01 -18.91
N ALA G 24 -61.10 -60.20 -17.89
CA ALA G 24 -60.86 -58.75 -17.94
C ALA G 24 -59.41 -58.30 -17.71
N VAL G 25 -58.77 -58.89 -16.73
CA VAL G 25 -57.41 -58.52 -16.40
C VAL G 25 -56.44 -59.04 -17.46
N ARG G 26 -56.70 -60.23 -18.00
CA ARG G 26 -55.93 -60.70 -19.12
C ARG G 26 -55.84 -59.58 -20.16
N GLY G 27 -56.98 -58.97 -20.47
CA GLY G 27 -57.02 -57.89 -21.44
C GLY G 27 -56.07 -56.74 -21.15
N ARG G 28 -56.06 -56.34 -19.87
CA ARG G 28 -55.22 -55.25 -19.39
C ARG G 28 -53.77 -55.69 -19.25
N LEU G 29 -53.58 -57.00 -19.19
CA LEU G 29 -52.25 -57.58 -19.07
C LEU G 29 -51.53 -57.60 -20.40
N THR G 30 -52.22 -58.12 -21.40
CA THR G 30 -51.51 -58.64 -22.53
C THR G 30 -51.68 -57.78 -23.74
N THR G 31 -50.68 -57.90 -24.59
CA THR G 31 -50.45 -57.05 -25.74
C THR G 31 -51.63 -57.04 -26.72
N GLY G 32 -52.64 -57.89 -26.50
CA GLY G 32 -53.51 -58.24 -27.60
C GLY G 32 -52.62 -59.18 -28.39
N ALA G 33 -52.37 -58.93 -29.68
CA ALA G 33 -51.69 -60.02 -30.41
C ALA G 33 -50.19 -59.89 -30.59
N ASP G 34 -49.47 -60.62 -29.74
CA ASP G 34 -48.22 -61.25 -30.08
C ASP G 34 -48.52 -62.66 -29.62
N VAL G 35 -48.67 -63.58 -30.57
CA VAL G 35 -49.07 -64.94 -30.25
C VAL G 35 -48.30 -65.98 -31.07
N ARG G 36 -47.65 -66.90 -30.34
CA ARG G 36 -46.90 -67.97 -30.96
C ARG G 36 -47.77 -69.23 -30.97
N HIS G 37 -47.89 -69.85 -32.14
CA HIS G 37 -48.47 -71.19 -32.22
C HIS G 37 -49.71 -71.21 -31.31
N GLU G 38 -50.46 -70.11 -31.39
CA GLU G 38 -51.80 -69.89 -30.83
C GLU G 38 -51.91 -69.35 -29.42
N ILE G 39 -50.82 -69.33 -28.67
CA ILE G 39 -50.87 -68.84 -27.29
C ILE G 39 -50.32 -67.42 -27.20
N PRO G 40 -51.07 -66.52 -26.51
CA PRO G 40 -50.75 -65.11 -26.26
C PRO G 40 -49.49 -64.85 -25.43
N VAL G 41 -48.67 -63.87 -25.83
CA VAL G 41 -47.42 -63.59 -25.14
C VAL G 41 -47.43 -62.27 -24.39
N LEU G 42 -47.16 -62.33 -23.10
CA LEU G 42 -47.11 -61.12 -22.29
C LEU G 42 -46.14 -60.17 -22.94
N PRO G 43 -46.29 -58.88 -22.61
CA PRO G 43 -45.30 -57.87 -23.01
C PRO G 43 -43.88 -58.24 -22.53
N ASN G 44 -42.91 -57.79 -23.34
CA ASN G 44 -41.50 -58.09 -23.20
C ASN G 44 -40.77 -57.06 -22.30
N ARG G 45 -40.21 -57.50 -21.18
CA ARG G 45 -39.65 -56.57 -20.17
C ARG G 45 -38.76 -55.45 -20.76
N VAL G 46 -37.98 -55.78 -21.78
CA VAL G 46 -36.98 -54.82 -22.29
C VAL G 46 -37.48 -53.46 -22.81
N GLY G 47 -38.17 -53.47 -23.96
CA GLY G 47 -38.75 -52.24 -24.46
C GLY G 47 -39.60 -51.50 -23.42
N LEU G 48 -40.26 -52.25 -22.56
CA LEU G 48 -41.38 -51.70 -21.84
C LEU G 48 -41.07 -50.45 -20.99
N PRO G 49 -41.70 -49.30 -21.31
CA PRO G 49 -41.61 -48.12 -20.43
C PRO G 49 -42.38 -48.33 -19.13
N ILE G 50 -41.87 -47.78 -18.02
CA ILE G 50 -42.50 -48.01 -16.73
C ILE G 50 -43.98 -47.59 -16.76
N ASN G 51 -44.28 -46.58 -17.56
CA ASN G 51 -45.65 -46.12 -17.78
C ASN G 51 -46.61 -47.30 -17.93
N GLN G 52 -46.16 -48.29 -18.70
CA GLN G 52 -46.95 -49.49 -19.00
C GLN G 52 -46.58 -50.74 -18.17
N ARG G 53 -45.58 -50.62 -17.32
CA ARG G 53 -45.03 -51.79 -16.68
C ARG G 53 -45.97 -52.54 -15.71
N PHE G 54 -47.02 -51.88 -15.23
CA PHE G 54 -47.91 -52.51 -14.26
C PHE G 54 -49.42 -52.34 -14.51
N ILE G 55 -50.20 -53.14 -13.77
CA ILE G 55 -51.63 -52.91 -13.62
C ILE G 55 -52.02 -53.19 -12.18
N LEU G 56 -53.07 -52.51 -11.72
CA LEU G 56 -53.51 -52.58 -10.32
C LEU G 56 -54.85 -53.31 -10.17
N VAL G 57 -55.05 -53.96 -9.03
CA VAL G 57 -56.31 -54.68 -8.78
C VAL G 57 -56.94 -54.40 -7.41
N GLU G 58 -58.11 -53.76 -7.43
CA GLU G 58 -58.79 -53.35 -6.21
C GLU G 58 -59.72 -54.44 -5.76
N LEU G 59 -59.43 -55.01 -4.58
CA LEU G 59 -60.18 -56.15 -4.03
C LEU G 59 -60.96 -55.81 -2.77
N SER G 60 -62.27 -56.06 -2.78
CA SER G 60 -63.11 -55.67 -1.66
C SER G 60 -63.89 -56.84 -1.06
N ASN G 61 -64.63 -56.56 0.01
CA ASN G 61 -65.14 -57.59 0.92
C ASN G 61 -66.61 -57.54 1.26
N HIS G 62 -67.14 -58.64 1.77
CA HIS G 62 -68.45 -58.58 2.44
C HIS G 62 -68.18 -58.07 3.84
N ALA G 63 -66.90 -58.10 4.21
CA ALA G 63 -66.39 -57.54 5.43
C ALA G 63 -66.17 -56.07 5.17
N GLU G 64 -66.49 -55.67 3.96
CA GLU G 64 -66.54 -54.25 3.58
C GLU G 64 -65.20 -53.52 3.62
N LEU G 65 -64.10 -54.22 3.36
CA LEU G 65 -62.84 -53.50 3.21
C LEU G 65 -62.07 -53.91 1.97
N SER G 66 -61.07 -53.11 1.60
CA SER G 66 -60.36 -53.39 0.36
C SER G 66 -58.85 -53.14 0.40
N VAL G 67 -58.15 -53.68 -0.59
CA VAL G 67 -56.72 -53.49 -0.78
C VAL G 67 -56.41 -53.55 -2.27
N THR G 68 -55.29 -52.95 -2.66
CA THR G 68 -54.88 -52.91 -4.07
C THR G 68 -53.57 -53.66 -4.38
N LEU G 69 -53.62 -54.58 -5.33
CA LEU G 69 -52.45 -55.39 -5.67
C LEU G 69 -51.79 -54.89 -6.91
N ALA G 70 -50.47 -54.94 -6.93
CA ALA G 70 -49.76 -54.56 -8.13
C ALA G 70 -49.25 -55.78 -8.84
N LEU G 71 -49.43 -55.78 -10.16
CA LEU G 71 -48.97 -56.87 -11.01
C LEU G 71 -47.97 -56.41 -12.05
N ASP G 72 -46.93 -57.21 -12.22
CA ASP G 72 -45.92 -56.96 -13.24
C ASP G 72 -46.49 -57.46 -14.53
N VAL G 73 -46.56 -56.59 -15.52
CA VAL G 73 -47.27 -56.93 -16.74
C VAL G 73 -46.50 -57.98 -17.52
N THR G 74 -45.17 -57.88 -17.46
CA THR G 74 -44.27 -58.82 -18.11
C THR G 74 -44.44 -60.17 -17.45
N ASN G 75 -44.66 -60.09 -16.16
CA ASN G 75 -44.62 -61.20 -15.25
C ASN G 75 -45.95 -61.92 -15.12
N ALA G 76 -46.95 -61.12 -14.77
CA ALA G 76 -48.26 -61.57 -14.36
C ALA G 76 -48.27 -61.78 -12.88
N TYR G 77 -47.10 -61.77 -12.27
CA TYR G 77 -47.02 -62.03 -10.83
C TYR G 77 -47.27 -60.77 -9.99
N VAL G 78 -47.32 -60.96 -8.68
CA VAL G 78 -47.54 -59.85 -7.79
C VAL G 78 -46.25 -59.31 -7.22
N VAL G 79 -46.08 -57.99 -7.34
CA VAL G 79 -44.92 -57.29 -6.80
C VAL G 79 -45.11 -56.65 -5.41
N GLY G 80 -46.37 -56.59 -4.96
CA GLY G 80 -46.71 -55.83 -3.77
C GLY G 80 -48.14 -55.31 -3.72
N TYR G 81 -48.51 -54.67 -2.61
CA TYR G 81 -49.84 -54.08 -2.46
C TYR G 81 -49.98 -52.93 -1.49
N ARG G 82 -51.03 -52.17 -1.73
CA ARG G 82 -51.41 -51.08 -0.86
C ARG G 82 -52.68 -51.43 -0.12
N ALA G 83 -52.67 -51.24 1.19
CA ALA G 83 -53.90 -51.26 1.96
C ALA G 83 -53.98 -49.93 2.70
N GLY G 84 -54.95 -49.10 2.33
CA GLY G 84 -54.99 -47.75 2.88
C GLY G 84 -53.73 -46.94 2.66
N ASN G 85 -53.14 -46.51 3.76
CA ASN G 85 -52.05 -45.58 3.68
C ASN G 85 -50.68 -46.24 3.70
N SER G 86 -50.68 -47.56 3.71
CA SER G 86 -49.42 -48.27 3.67
C SER G 86 -49.36 -49.12 2.41
N ALA G 87 -48.16 -49.29 1.87
CA ALA G 87 -47.96 -50.16 0.75
C ALA G 87 -46.81 -51.08 1.05
N TYR G 88 -46.90 -52.32 0.59
CA TYR G 88 -45.85 -53.30 0.82
C TYR G 88 -45.36 -53.95 -0.50
N PHE G 89 -44.04 -54.09 -0.69
CA PHE G 89 -43.47 -54.71 -1.89
C PHE G 89 -42.48 -55.83 -1.57
N PHE G 90 -42.37 -56.79 -2.47
CA PHE G 90 -41.39 -57.85 -2.31
C PHE G 90 -40.01 -57.38 -2.62
N HIS G 91 -39.02 -58.03 -1.99
CA HIS G 91 -37.63 -57.78 -2.35
C HIS G 91 -37.36 -58.00 -3.87
N PRO G 92 -37.00 -56.89 -4.54
CA PRO G 92 -36.61 -56.92 -5.94
C PRO G 92 -35.34 -57.71 -6.19
N ASP G 93 -35.44 -58.61 -7.16
CA ASP G 93 -34.34 -59.46 -7.55
C ASP G 93 -33.21 -58.71 -8.29
N ASN G 94 -33.45 -57.45 -8.65
CA ASN G 94 -32.37 -56.68 -9.25
C ASN G 94 -32.57 -55.17 -9.28
N GLN G 95 -31.52 -54.51 -9.73
CA GLN G 95 -31.51 -53.06 -9.87
C GLN G 95 -32.78 -52.52 -10.58
N GLU G 96 -32.90 -52.88 -11.86
CA GLU G 96 -33.96 -52.38 -12.74
C GLU G 96 -35.34 -52.56 -12.10
N ASP G 97 -35.61 -53.79 -11.66
CA ASP G 97 -36.88 -54.10 -11.05
C ASP G 97 -37.14 -53.14 -9.89
N ALA G 98 -36.16 -52.98 -9.01
CA ALA G 98 -36.33 -52.11 -7.85
C ALA G 98 -36.71 -50.67 -8.21
N GLU G 99 -36.16 -50.14 -9.30
CA GLU G 99 -36.48 -48.77 -9.68
C GLU G 99 -37.92 -48.66 -10.18
N ALA G 100 -38.36 -49.68 -10.90
CA ALA G 100 -39.74 -49.75 -11.39
C ALA G 100 -40.77 -49.59 -10.26
N ILE G 101 -40.67 -50.43 -9.23
CA ILE G 101 -41.59 -50.40 -8.10
C ILE G 101 -41.83 -49.00 -7.58
N THR G 102 -40.78 -48.18 -7.58
CA THR G 102 -40.84 -46.86 -6.97
C THR G 102 -42.01 -46.12 -7.59
N HIS G 103 -42.39 -46.56 -8.76
CA HIS G 103 -43.47 -45.95 -9.52
C HIS G 103 -44.85 -46.46 -9.07
N LEU G 104 -44.89 -47.28 -8.03
CA LEU G 104 -46.16 -47.91 -7.71
C LEU G 104 -47.11 -47.20 -6.76
N PHE G 105 -46.87 -47.17 -5.48
CA PHE G 105 -47.89 -46.44 -4.79
C PHE G 105 -47.19 -45.25 -4.24
N THR G 106 -47.35 -44.17 -4.98
CA THR G 106 -46.51 -43.01 -4.82
C THR G 106 -47.04 -42.09 -3.72
N ASP G 107 -48.36 -41.91 -3.75
CA ASP G 107 -49.16 -41.27 -2.68
C ASP G 107 -48.88 -41.84 -1.25
N VAL G 108 -48.60 -43.13 -1.15
CA VAL G 108 -48.51 -43.76 0.15
C VAL G 108 -47.46 -43.14 1.04
N GLN G 109 -47.85 -42.93 2.29
CA GLN G 109 -46.94 -42.37 3.29
C GLN G 109 -45.95 -43.35 3.88
N ASN G 110 -46.38 -44.59 4.05
CA ASN G 110 -45.47 -45.62 4.53
C ASN G 110 -45.20 -46.61 3.43
N ARG G 111 -44.02 -46.53 2.81
CA ARG G 111 -43.64 -47.54 1.80
C ARG G 111 -42.71 -48.52 2.49
N TYR G 112 -43.20 -49.73 2.70
CA TYR G 112 -42.38 -50.79 3.23
C TYR G 112 -41.87 -51.72 2.10
N THR G 113 -40.62 -52.18 2.23
CA THR G 113 -40.08 -53.18 1.30
C THR G 113 -39.47 -54.38 2.06
N PHE G 114 -39.95 -55.59 1.75
CA PHE G 114 -39.56 -56.84 2.41
C PHE G 114 -38.16 -57.32 2.08
N ALA G 115 -37.66 -58.22 2.93
CA ALA G 115 -36.34 -58.79 2.73
C ALA G 115 -36.35 -59.99 1.81
N PHE G 116 -37.54 -60.54 1.61
CA PHE G 116 -37.63 -61.80 0.91
C PHE G 116 -38.36 -61.67 -0.42
N GLY G 117 -38.10 -62.63 -1.30
CA GLY G 117 -38.82 -62.68 -2.56
C GLY G 117 -40.25 -63.12 -2.30
N GLY G 118 -41.05 -63.15 -3.36
CA GLY G 118 -42.40 -63.68 -3.33
C GLY G 118 -42.58 -65.03 -4.01
N ASN G 119 -41.47 -65.70 -4.34
CA ASN G 119 -41.48 -67.04 -4.91
C ASN G 119 -42.27 -67.96 -3.96
N TYR G 120 -43.05 -68.88 -4.50
CA TYR G 120 -43.81 -69.78 -3.67
C TYR G 120 -42.91 -70.34 -2.62
N ASP G 121 -41.76 -70.85 -3.06
CA ASP G 121 -40.83 -71.47 -2.14
C ASP G 121 -40.65 -70.60 -0.92
N ARG G 122 -40.36 -69.33 -1.17
CA ARG G 122 -40.13 -68.43 -0.07
C ARG G 122 -41.33 -68.30 0.86
N LEU G 123 -42.54 -68.24 0.30
CA LEU G 123 -43.75 -68.01 1.08
C LEU G 123 -44.20 -69.24 1.82
N GLU G 124 -44.21 -70.37 1.12
CA GLU G 124 -44.53 -71.65 1.74
C GLU G 124 -43.72 -71.79 3.01
N GLN G 125 -42.49 -71.32 2.92
CA GLN G 125 -41.58 -71.40 4.06
C GLN G 125 -42.11 -70.58 5.24
N LEU G 126 -42.42 -69.30 4.97
CA LEU G 126 -43.06 -68.42 5.93
C LEU G 126 -44.48 -68.85 6.31
N ALA G 127 -45.25 -69.38 5.36
CA ALA G 127 -46.57 -69.87 5.68
C ALA G 127 -46.44 -71.04 6.66
N GLY G 128 -45.28 -71.68 6.60
CA GLY G 128 -44.95 -72.81 7.46
C GLY G 128 -45.56 -74.06 6.87
N ASN G 129 -46.29 -73.87 5.78
CA ASN G 129 -46.99 -74.97 5.16
C ASN G 129 -46.81 -74.89 3.69
N LEU G 130 -47.13 -75.98 3.01
CA LEU G 130 -47.19 -76.05 1.53
C LEU G 130 -48.50 -75.65 0.87
N ARG G 131 -48.44 -75.31 -0.40
CA ARG G 131 -49.63 -74.88 -1.13
C ARG G 131 -50.84 -75.82 -1.00
N GLU G 132 -50.59 -77.11 -0.79
CA GLU G 132 -51.64 -78.15 -0.79
C GLU G 132 -52.26 -78.34 0.57
N ASN G 133 -51.71 -77.66 1.56
CA ASN G 133 -52.36 -77.59 2.84
C ASN G 133 -53.12 -76.27 3.02
N ILE G 134 -53.08 -75.47 1.96
CA ILE G 134 -53.64 -74.14 1.97
C ILE G 134 -54.85 -74.05 1.08
N GLU G 135 -56.02 -73.94 1.70
CA GLU G 135 -57.27 -74.01 0.97
C GLU G 135 -57.50 -72.82 0.00
N LEU G 136 -58.02 -73.14 -1.17
CA LEU G 136 -58.37 -72.10 -2.09
C LEU G 136 -59.85 -72.14 -2.30
N GLY G 137 -60.39 -70.99 -2.69
CA GLY G 137 -61.81 -70.81 -2.92
C GLY G 137 -62.16 -69.38 -2.58
N ASN G 138 -63.44 -69.03 -2.67
CA ASN G 138 -63.90 -67.68 -2.29
C ASN G 138 -63.80 -67.36 -0.76
N GLY G 139 -64.39 -68.19 0.10
CA GLY G 139 -64.26 -67.99 1.52
C GLY G 139 -62.79 -67.73 1.87
N PRO G 140 -61.88 -68.59 1.36
CA PRO G 140 -60.46 -68.38 1.60
C PRO G 140 -60.04 -66.98 1.20
N LEU G 141 -60.44 -66.56 0.01
CA LEU G 141 -60.05 -65.27 -0.55
C LEU G 141 -60.66 -64.09 0.17
N GLU G 142 -61.92 -64.24 0.60
CA GLU G 142 -62.51 -63.23 1.46
C GLU G 142 -61.58 -63.01 2.64
N GLU G 143 -61.40 -64.05 3.46
CA GLU G 143 -60.59 -63.91 4.65
C GLU G 143 -59.14 -63.44 4.35
N ALA G 144 -58.59 -63.82 3.19
CA ALA G 144 -57.28 -63.34 2.69
C ALA G 144 -57.16 -61.82 2.56
N ILE G 145 -58.06 -61.24 1.79
CA ILE G 145 -58.14 -59.80 1.69
C ILE G 145 -58.17 -59.15 3.07
N SER G 146 -59.12 -59.59 3.90
CA SER G 146 -59.28 -59.08 5.25
C SER G 146 -57.92 -59.07 5.93
N ALA G 147 -57.22 -60.19 5.84
CA ALA G 147 -55.92 -60.33 6.48
C ALA G 147 -54.91 -59.27 6.03
N LEU G 148 -54.77 -59.09 4.72
CA LEU G 148 -53.79 -58.17 4.17
C LEU G 148 -54.05 -56.74 4.62
N TYR G 149 -55.33 -56.38 4.72
CA TYR G 149 -55.66 -55.09 5.28
C TYR G 149 -55.18 -55.07 6.71
N TYR G 150 -55.71 -56.02 7.47
CA TYR G 150 -55.43 -56.15 8.87
C TYR G 150 -53.93 -56.23 9.09
N TYR G 151 -53.20 -56.62 8.06
CA TYR G 151 -51.76 -56.76 8.21
C TYR G 151 -51.16 -55.39 8.45
N SER G 152 -51.60 -54.46 7.63
CA SER G 152 -51.10 -53.10 7.64
C SER G 152 -51.35 -52.52 9.04
N THR G 153 -52.35 -53.03 9.74
CA THR G 153 -52.60 -52.64 11.14
C THR G 153 -51.90 -53.58 12.12
N GLY G 154 -51.31 -54.67 11.62
CA GLY G 154 -50.63 -55.64 12.47
C GLY G 154 -51.50 -56.39 13.47
N GLY G 155 -52.79 -56.50 13.19
CA GLY G 155 -53.63 -57.48 13.85
C GLY G 155 -53.25 -58.88 13.37
N THR G 156 -52.57 -58.95 12.24
CA THR G 156 -52.23 -60.24 11.64
C THR G 156 -50.73 -60.54 11.63
N GLN G 157 -50.41 -61.81 11.94
CA GLN G 157 -49.02 -62.30 12.00
C GLN G 157 -48.41 -62.55 10.59
N LEU G 158 -47.13 -62.86 10.50
CA LEU G 158 -46.50 -63.03 9.19
C LEU G 158 -46.92 -64.29 8.42
N PRO G 159 -46.92 -65.45 9.08
CA PRO G 159 -47.26 -66.63 8.30
C PRO G 159 -48.66 -66.46 7.76
N THR G 160 -49.48 -65.73 8.49
CA THR G 160 -50.85 -65.52 8.06
C THR G 160 -50.78 -64.72 6.76
N LEU G 161 -49.95 -63.68 6.76
CA LEU G 161 -49.79 -62.88 5.56
C LEU G 161 -49.30 -63.71 4.37
N ALA G 162 -48.36 -64.61 4.63
CA ALA G 162 -47.74 -65.42 3.59
C ALA G 162 -48.82 -66.23 2.94
N ARG G 163 -49.54 -66.97 3.78
CA ARG G 163 -50.70 -67.74 3.36
C ARG G 163 -51.66 -66.91 2.52
N SER G 164 -51.86 -65.65 2.89
CA SER G 164 -52.78 -64.80 2.13
C SER G 164 -52.27 -64.59 0.73
N PHE G 165 -51.00 -64.25 0.59
CA PHE G 165 -50.38 -64.11 -0.72
C PHE G 165 -50.48 -65.39 -1.53
N ILE G 166 -50.07 -66.49 -0.90
CA ILE G 166 -50.09 -67.80 -1.53
C ILE G 166 -51.48 -68.06 -2.11
N ILE G 167 -52.51 -67.55 -1.43
CA ILE G 167 -53.88 -67.67 -1.95
C ILE G 167 -54.12 -66.79 -3.19
N CYS G 168 -53.72 -65.53 -3.13
CA CYS G 168 -54.02 -64.60 -4.18
C CYS G 168 -53.20 -64.85 -5.42
N ILE G 169 -51.89 -64.95 -5.26
CA ILE G 169 -51.05 -65.10 -6.44
C ILE G 169 -51.63 -66.21 -7.28
N GLN G 170 -52.10 -67.27 -6.59
CA GLN G 170 -52.67 -68.44 -7.27
C GLN G 170 -54.00 -68.12 -7.92
N MET G 171 -54.92 -67.59 -7.11
CA MET G 171 -56.26 -67.29 -7.60
C MET G 171 -56.32 -66.20 -8.69
N ILE G 172 -55.23 -65.49 -8.89
CA ILE G 172 -55.22 -64.42 -9.86
C ILE G 172 -54.12 -64.62 -10.89
N SER G 173 -52.88 -64.37 -10.51
CA SER G 173 -51.76 -64.57 -11.46
C SER G 173 -51.85 -65.96 -12.11
N GLU G 174 -52.10 -67.00 -11.31
CA GLU G 174 -52.13 -68.33 -11.89
C GLU G 174 -53.46 -68.54 -12.63
N ALA G 175 -54.57 -68.08 -12.08
CA ALA G 175 -55.83 -68.18 -12.81
C ALA G 175 -55.76 -67.46 -14.15
N ALA G 176 -55.09 -66.31 -14.15
CA ALA G 176 -54.89 -65.53 -15.36
C ALA G 176 -53.94 -66.26 -16.32
N ARG G 177 -52.89 -66.85 -15.76
CA ARG G 177 -51.94 -67.60 -16.55
C ARG G 177 -52.61 -68.82 -17.16
N PHE G 178 -53.57 -69.39 -16.45
CA PHE G 178 -54.17 -70.65 -16.88
C PHE G 178 -55.70 -70.66 -16.84
N GLN G 179 -56.31 -70.83 -18.00
CA GLN G 179 -57.76 -71.08 -18.04
C GLN G 179 -58.09 -72.30 -17.20
N TYR G 180 -57.18 -73.26 -17.18
CA TYR G 180 -57.37 -74.47 -16.39
C TYR G 180 -57.53 -74.10 -14.94
N ILE G 181 -56.69 -73.19 -14.49
CA ILE G 181 -56.74 -72.75 -13.13
C ILE G 181 -57.95 -71.83 -12.90
N GLU G 182 -58.21 -70.95 -13.88
CA GLU G 182 -59.43 -70.15 -13.85
C GLU G 182 -60.67 -71.05 -13.74
N GLY G 183 -60.81 -71.98 -14.69
CA GLY G 183 -61.98 -72.83 -14.72
C GLY G 183 -62.12 -73.69 -13.47
N GLU G 184 -61.00 -73.95 -12.79
CA GLU G 184 -61.00 -74.78 -11.59
C GLU G 184 -61.58 -73.98 -10.45
N MET G 185 -61.24 -72.71 -10.43
CA MET G 185 -61.81 -71.80 -9.43
C MET G 185 -63.27 -71.59 -9.76
N ARG G 186 -63.55 -71.48 -11.04
CA ARG G 186 -64.92 -71.31 -11.49
C ARG G 186 -65.76 -72.40 -10.81
N THR G 187 -65.35 -73.65 -10.97
CA THR G 187 -66.18 -74.73 -10.46
C THR G 187 -66.06 -74.82 -8.95
N ARG G 188 -65.01 -74.24 -8.38
CA ARG G 188 -64.87 -74.19 -6.92
C ARG G 188 -65.90 -73.24 -6.31
N ILE G 189 -66.04 -72.06 -6.90
CA ILE G 189 -67.13 -71.14 -6.61
C ILE G 189 -68.45 -71.80 -6.91
N ARG G 190 -68.55 -72.39 -8.11
CA ARG G 190 -69.81 -72.97 -8.58
C ARG G 190 -70.40 -73.88 -7.46
N TYR G 191 -69.64 -74.87 -7.00
CA TYR G 191 -70.19 -75.77 -6.00
C TYR G 191 -69.88 -75.30 -4.57
N ASN G 192 -69.30 -74.11 -4.44
CA ASN G 192 -69.00 -73.54 -3.13
C ASN G 192 -68.14 -74.45 -2.26
N ARG G 193 -67.00 -74.90 -2.81
CA ARG G 193 -66.06 -75.75 -2.09
C ARG G 193 -64.87 -74.91 -1.61
N ARG G 194 -64.33 -75.23 -0.43
CA ARG G 194 -63.06 -74.67 0.01
C ARG G 194 -62.11 -75.86 0.12
N SER G 195 -61.14 -75.91 -0.78
CA SER G 195 -60.23 -77.04 -0.78
C SER G 195 -58.88 -76.64 -1.36
N ALA G 196 -57.81 -77.26 -0.88
CA ALA G 196 -56.48 -76.89 -1.34
C ALA G 196 -56.32 -77.28 -2.80
N PRO G 197 -55.28 -76.73 -3.47
CA PRO G 197 -54.96 -77.04 -4.87
C PRO G 197 -54.47 -78.48 -5.15
N ASP G 198 -55.04 -79.16 -6.14
CA ASP G 198 -54.53 -80.47 -6.54
C ASP G 198 -53.15 -80.38 -7.23
N PRO G 199 -52.46 -81.52 -7.45
CA PRO G 199 -51.11 -81.49 -8.05
C PRO G 199 -51.07 -80.89 -9.46
N SER G 200 -52.08 -81.17 -10.29
CA SER G 200 -52.09 -80.65 -11.68
C SER G 200 -51.96 -79.14 -11.66
N VAL G 201 -52.70 -78.50 -10.78
CA VAL G 201 -52.65 -77.05 -10.62
C VAL G 201 -51.28 -76.58 -10.19
N ILE G 202 -50.69 -77.35 -9.30
CA ILE G 202 -49.40 -76.98 -8.75
C ILE G 202 -48.25 -77.12 -9.76
N THR G 203 -48.09 -78.32 -10.32
CA THR G 203 -47.03 -78.54 -11.29
C THR G 203 -47.16 -77.58 -12.48
N LEU G 204 -48.39 -77.24 -12.83
CA LEU G 204 -48.67 -76.19 -13.79
C LEU G 204 -47.97 -74.91 -13.34
N GLU G 205 -48.16 -74.55 -12.08
CA GLU G 205 -47.59 -73.31 -11.56
C GLU G 205 -46.06 -73.29 -11.64
N ASN G 206 -45.44 -74.40 -11.25
CA ASN G 206 -43.97 -74.50 -11.29
C ASN G 206 -43.37 -74.67 -12.69
N SER G 207 -44.15 -75.17 -13.64
CA SER G 207 -43.58 -75.35 -14.96
C SER G 207 -43.89 -74.21 -15.91
N TRP G 208 -44.70 -73.25 -15.48
CA TRP G 208 -45.16 -72.16 -16.35
C TRP G 208 -43.99 -71.44 -17.04
N GLY G 209 -42.92 -71.22 -16.28
CA GLY G 209 -41.73 -70.61 -16.83
C GLY G 209 -41.10 -71.45 -17.94
N ARG G 210 -41.07 -72.76 -17.74
CA ARG G 210 -40.39 -73.63 -18.68
C ARG G 210 -41.30 -74.14 -19.79
N LEU G 211 -42.58 -73.85 -19.64
CA LEU G 211 -43.52 -74.06 -20.70
C LEU G 211 -43.44 -72.90 -21.64
N SER G 212 -43.40 -71.71 -21.05
CA SER G 212 -43.30 -70.52 -21.88
C SER G 212 -42.12 -70.66 -22.81
N THR G 213 -40.98 -71.10 -22.26
CA THR G 213 -39.81 -71.36 -23.08
C THR G 213 -40.07 -72.47 -24.11
N ALA G 214 -40.55 -73.62 -23.65
CA ALA G 214 -40.73 -74.81 -24.50
C ALA G 214 -41.54 -74.50 -25.76
N ILE G 215 -42.61 -73.75 -25.55
CA ILE G 215 -43.53 -73.40 -26.61
C ILE G 215 -42.89 -72.47 -27.64
N GLN G 216 -42.41 -71.30 -27.19
CA GLN G 216 -41.99 -70.28 -28.16
C GLN G 216 -40.83 -70.76 -29.01
N GLU G 217 -40.08 -71.69 -28.42
CA GLU G 217 -38.93 -72.31 -29.05
C GLU G 217 -39.26 -73.64 -29.76
N SER G 218 -40.51 -74.07 -29.67
CA SER G 218 -40.92 -75.26 -30.36
C SER G 218 -40.75 -75.08 -31.87
N ASN G 219 -40.69 -76.20 -32.60
CA ASN G 219 -40.78 -76.18 -34.06
C ASN G 219 -42.24 -76.29 -34.49
N GLN G 220 -42.78 -75.20 -35.03
CA GLN G 220 -44.16 -75.19 -35.49
C GLN G 220 -45.09 -75.92 -34.50
N GLY G 221 -44.86 -75.67 -33.22
CA GLY G 221 -45.66 -76.27 -32.18
C GLY G 221 -45.07 -77.48 -31.48
N ALA G 222 -44.11 -78.14 -32.11
CA ALA G 222 -43.54 -79.36 -31.55
C ALA G 222 -42.36 -79.11 -30.59
N PHE G 223 -42.53 -79.48 -29.32
CA PHE G 223 -41.51 -79.23 -28.28
C PHE G 223 -40.17 -79.84 -28.52
N ALA G 224 -39.14 -79.06 -28.28
CA ALA G 224 -37.79 -79.58 -28.24
C ALA G 224 -37.77 -80.82 -27.35
N SER G 225 -37.97 -80.62 -26.05
CA SER G 225 -37.89 -81.72 -25.10
C SER G 225 -39.19 -81.82 -24.32
N PRO G 226 -39.53 -83.04 -23.85
CA PRO G 226 -40.77 -83.24 -23.09
C PRO G 226 -40.75 -82.42 -21.83
N ILE G 227 -41.94 -82.09 -21.34
CA ILE G 227 -42.10 -81.42 -20.07
C ILE G 227 -43.02 -82.26 -19.19
N GLN G 228 -42.46 -82.82 -18.12
CA GLN G 228 -43.23 -83.69 -17.25
C GLN G 228 -44.29 -82.89 -16.47
N LEU G 229 -45.53 -83.41 -16.47
CA LEU G 229 -46.60 -82.80 -15.68
C LEU G 229 -47.31 -83.81 -14.82
N GLN G 230 -48.28 -83.34 -14.03
CA GLN G 230 -49.12 -84.25 -13.23
C GLN G 230 -50.61 -84.05 -13.48
N ARG G 231 -51.38 -85.15 -13.49
CA ARG G 231 -52.83 -85.09 -13.66
C ARG G 231 -53.47 -84.83 -12.31
N ARG G 232 -54.80 -84.67 -12.29
CA ARG G 232 -55.49 -84.35 -11.04
C ARG G 232 -55.12 -85.37 -9.97
N ASN G 233 -54.84 -86.61 -10.39
CA ASN G 233 -54.58 -87.73 -9.46
C ASN G 233 -53.10 -87.96 -9.07
N GLY G 234 -52.22 -87.08 -9.55
CA GLY G 234 -50.79 -87.17 -9.24
C GLY G 234 -49.99 -87.94 -10.28
N SER G 235 -50.69 -88.66 -11.16
CA SER G 235 -50.05 -89.46 -12.20
C SER G 235 -49.28 -88.55 -13.16
N LYS G 236 -47.99 -88.85 -13.31
CA LYS G 236 -47.10 -88.05 -14.13
C LYS G 236 -47.30 -88.32 -15.62
N PHE G 237 -47.23 -87.27 -16.43
CA PHE G 237 -47.26 -87.47 -17.87
C PHE G 237 -46.50 -86.41 -18.65
N SER G 238 -45.96 -86.82 -19.78
CA SER G 238 -45.09 -85.96 -20.52
C SER G 238 -45.87 -85.21 -21.61
N VAL G 239 -45.47 -83.95 -21.80
CA VAL G 239 -46.04 -83.07 -22.81
C VAL G 239 -45.06 -82.88 -23.96
N TYR G 240 -45.39 -83.43 -25.13
CA TYR G 240 -44.52 -83.30 -26.30
C TYR G 240 -44.85 -82.17 -27.33
N ASP G 241 -46.03 -81.56 -27.21
CA ASP G 241 -46.51 -80.65 -28.25
C ASP G 241 -47.44 -79.59 -27.65
N VAL G 242 -47.50 -78.43 -28.30
CA VAL G 242 -48.32 -77.32 -27.82
C VAL G 242 -49.81 -77.59 -27.90
N SER G 243 -50.19 -78.45 -28.84
CA SER G 243 -51.58 -78.69 -29.21
C SER G 243 -52.50 -78.90 -28.01
N ILE G 244 -51.99 -79.61 -27.01
CA ILE G 244 -52.79 -79.98 -25.85
C ILE G 244 -52.87 -78.87 -24.83
N LEU G 245 -51.92 -77.94 -24.89
CA LEU G 245 -51.84 -76.86 -23.90
C LEU G 245 -52.80 -75.76 -24.21
N ILE G 246 -53.10 -75.62 -25.50
CA ILE G 246 -53.95 -74.54 -25.99
C ILE G 246 -55.17 -74.26 -25.09
N PRO G 247 -55.96 -75.30 -24.75
CA PRO G 247 -57.17 -75.24 -23.91
C PRO G 247 -56.89 -74.85 -22.45
N ILE G 248 -55.62 -74.84 -22.08
CA ILE G 248 -55.22 -74.65 -20.69
C ILE G 248 -54.55 -73.32 -20.37
N ILE G 249 -53.41 -73.09 -21.01
CA ILE G 249 -52.56 -71.97 -20.69
C ILE G 249 -52.95 -70.70 -21.48
N ALA G 250 -53.29 -69.64 -20.75
CA ALA G 250 -53.69 -68.36 -21.32
C ALA G 250 -52.56 -67.39 -21.73
N LEU G 251 -51.45 -67.37 -21.01
CA LEU G 251 -50.40 -66.36 -21.25
C LEU G 251 -48.97 -66.91 -21.08
N MET G 252 -48.02 -66.38 -21.85
CA MET G 252 -46.62 -66.76 -21.68
C MET G 252 -45.75 -65.55 -21.52
N VAL G 253 -44.75 -65.62 -20.65
CA VAL G 253 -43.76 -64.54 -20.53
C VAL G 253 -42.93 -64.47 -21.82
N TYR G 254 -42.74 -63.28 -22.40
CA TYR G 254 -41.94 -63.20 -23.64
C TYR G 254 -40.61 -63.92 -23.39
N ARG G 255 -40.18 -64.78 -24.32
CA ARG G 255 -38.85 -65.40 -24.24
C ARG G 255 -38.00 -65.06 -25.48
N CYS G 256 -38.41 -65.46 -26.68
CA CYS G 256 -37.60 -65.19 -27.86
C CYS G 256 -38.34 -64.31 -28.85
N ALA G 257 -37.60 -63.65 -29.74
CA ALA G 257 -38.24 -62.91 -30.83
C ALA G 257 -39.11 -63.87 -31.68
N PRO G 258 -40.34 -63.44 -32.07
CA PRO G 258 -41.26 -64.34 -32.81
C PRO G 258 -40.75 -64.83 -34.16
N PRO G 259 -41.08 -66.09 -34.53
CA PRO G 259 -40.60 -66.78 -35.73
C PRO G 259 -41.05 -66.18 -37.08
N PRO G 260 -40.50 -66.68 -38.19
CA PRO G 260 -40.82 -66.20 -39.54
C PRO G 260 -42.01 -66.94 -40.15
N GLN H 5 -61.13 -60.36 16.34
CA GLN H 5 -61.58 -60.13 17.71
C GLN H 5 -62.31 -61.34 18.33
N LEU H 6 -61.53 -62.32 18.80
CA LEU H 6 -62.05 -63.54 19.44
C LEU H 6 -62.04 -63.46 20.96
N VAL H 7 -63.00 -64.07 21.64
CA VAL H 7 -62.93 -64.08 23.11
C VAL H 7 -63.51 -65.29 23.81
N GLU H 8 -62.81 -65.69 24.87
CA GLU H 8 -63.11 -66.88 25.65
C GLU H 8 -63.27 -66.56 27.12
N SER H 9 -64.20 -67.27 27.76
CA SER H 9 -64.41 -67.17 29.20
C SER H 9 -64.36 -68.58 29.73
N GLY H 10 -64.57 -68.76 31.03
CA GLY H 10 -64.61 -70.10 31.57
C GLY H 10 -63.40 -70.56 32.38
N GLY H 11 -62.32 -69.79 32.33
CA GLY H 11 -61.16 -70.07 33.15
C GLY H 11 -61.35 -69.93 34.66
N GLY H 12 -60.52 -70.64 35.41
CA GLY H 12 -60.56 -70.48 36.84
C GLY H 12 -59.77 -71.52 37.58
N LEU H 13 -60.14 -71.68 38.85
CA LEU H 13 -59.43 -72.58 39.71
C LEU H 13 -60.31 -73.77 40.01
N VAL H 14 -59.79 -74.98 39.78
CA VAL H 14 -60.45 -76.16 40.26
C VAL H 14 -59.50 -76.93 41.16
N GLN H 15 -60.06 -77.82 41.96
CA GLN H 15 -59.26 -78.81 42.65
C GLN H 15 -58.83 -79.83 41.63
N ALA H 16 -57.76 -80.55 41.94
CA ALA H 16 -57.36 -81.63 41.07
C ALA H 16 -58.56 -82.56 40.90
N GLY H 17 -58.80 -82.99 39.66
CA GLY H 17 -59.88 -83.92 39.36
C GLY H 17 -61.17 -83.23 38.95
N GLY H 18 -61.23 -81.92 39.16
CA GLY H 18 -62.41 -81.15 38.83
C GLY H 18 -62.63 -81.00 37.33
N SER H 19 -63.80 -80.46 36.99
CA SER H 19 -64.14 -80.22 35.61
C SER H 19 -64.37 -78.74 35.41
N LEU H 20 -64.19 -78.31 34.17
CA LEU H 20 -64.26 -76.90 33.84
C LEU H 20 -64.65 -76.78 32.37
N ARG H 21 -65.26 -75.67 31.98
CA ARG H 21 -65.68 -75.54 30.59
C ARG H 21 -65.43 -74.18 29.94
N LEU H 22 -64.74 -74.20 28.82
CA LEU H 22 -64.38 -72.96 28.15
C LEU H 22 -65.33 -72.64 26.99
N SER H 23 -65.56 -71.36 26.78
CA SER H 23 -66.47 -70.88 25.75
C SER H 23 -65.79 -69.78 24.96
N CYS H 24 -66.21 -69.58 23.72
CA CYS H 24 -65.56 -68.65 22.80
C CYS H 24 -66.51 -67.98 21.79
N ALA H 25 -66.27 -66.72 21.46
CA ALA H 25 -67.16 -66.03 20.53
C ALA H 25 -66.43 -65.32 19.37
N ALA H 26 -66.76 -65.67 18.12
CA ALA H 26 -66.23 -64.92 16.97
C ALA H 26 -67.13 -63.72 16.72
N SER H 27 -66.51 -62.61 16.33
CA SER H 27 -67.26 -61.36 16.14
C SER H 27 -67.33 -60.94 14.68
N THR H 30 -67.37 -62.23 10.01
CA THR H 30 -66.66 -63.51 10.10
C THR H 30 -67.51 -64.66 9.57
N PHE H 31 -67.01 -65.33 8.54
CA PHE H 31 -67.84 -66.27 7.79
C PHE H 31 -67.22 -67.68 7.58
N SER H 32 -66.23 -67.70 6.69
CA SER H 32 -65.56 -68.91 6.24
C SER H 32 -64.49 -69.24 7.26
N ARG H 33 -64.44 -70.47 7.72
CA ARG H 33 -63.50 -70.79 8.78
C ARG H 33 -62.54 -71.89 8.36
N SER H 34 -63.09 -73.07 8.08
CA SER H 34 -62.31 -74.27 7.80
C SER H 34 -61.74 -74.96 9.06
N SER H 35 -61.68 -74.23 10.18
CA SER H 35 -61.27 -74.78 11.50
C SER H 35 -61.27 -73.78 12.64
N MET H 36 -61.32 -74.30 13.85
CA MET H 36 -61.04 -73.53 15.06
C MET H 36 -60.42 -74.47 16.07
N GLY H 37 -59.54 -73.94 16.91
CA GLY H 37 -58.85 -74.78 17.88
C GLY H 37 -58.41 -74.11 19.18
N TRP H 38 -58.16 -74.92 20.21
CA TRP H 38 -57.67 -74.44 21.52
C TRP H 38 -56.24 -74.85 21.80
N PHE H 39 -55.40 -73.88 22.13
CA PHE H 39 -54.01 -74.12 22.44
C PHE H 39 -53.80 -73.71 23.86
N ARG H 40 -52.87 -74.34 24.55
CA ARG H 40 -52.54 -73.98 25.94
C ARG H 40 -51.06 -73.64 26.10
N GLN H 41 -50.77 -72.66 26.96
CA GLN H 41 -49.40 -72.28 27.19
C GLN H 41 -49.07 -72.07 28.66
N ALA H 42 -48.17 -72.89 29.19
CA ALA H 42 -47.59 -72.68 30.53
C ALA H 42 -46.51 -71.62 30.43
N PRO H 43 -46.44 -70.73 31.43
CA PRO H 43 -45.60 -69.53 31.32
C PRO H 43 -44.16 -69.89 31.01
N GLY H 44 -43.56 -69.22 30.03
CA GLY H 44 -42.16 -69.45 29.72
C GLY H 44 -41.99 -70.57 28.71
N LYS H 45 -42.95 -71.48 28.65
CA LYS H 45 -42.98 -72.50 27.61
C LYS H 45 -43.71 -71.96 26.34
N GLU H 46 -44.02 -72.80 25.36
CA GLU H 46 -44.70 -72.33 24.13
C GLU H 46 -46.04 -73.08 23.97
N ARG H 47 -46.87 -72.62 23.02
CA ARG H 47 -48.26 -73.04 22.98
C ARG H 47 -48.34 -74.50 22.58
N GLU H 48 -48.91 -75.32 23.47
CA GLU H 48 -49.19 -76.69 23.14
C GLU H 48 -50.45 -76.68 22.32
N PHE H 49 -50.51 -77.52 21.30
CA PHE H 49 -51.80 -77.79 20.71
C PHE H 49 -52.63 -78.56 21.76
N VAL H 50 -53.95 -78.43 21.67
CA VAL H 50 -54.82 -79.17 22.58
C VAL H 50 -55.94 -79.92 21.86
N ALA H 51 -56.87 -79.19 21.23
CA ALA H 51 -57.97 -79.79 20.49
C ALA H 51 -58.44 -78.81 19.44
N SER H 52 -59.08 -79.32 18.38
CA SER H 52 -59.67 -78.45 17.34
C SER H 52 -60.80 -79.13 16.60
N ILE H 53 -61.70 -78.33 16.04
CA ILE H 53 -62.84 -78.88 15.32
C ILE H 53 -62.91 -78.32 13.92
N VAL H 54 -62.69 -79.20 12.95
CA VAL H 54 -62.75 -78.78 11.59
C VAL H 54 -64.12 -78.22 11.34
N TRP H 55 -64.18 -76.97 10.91
CA TRP H 55 -65.43 -76.39 10.49
C TRP H 55 -65.72 -77.18 9.22
N ALA H 56 -66.76 -76.83 8.47
CA ALA H 56 -67.29 -77.78 7.49
C ALA H 56 -67.72 -79.05 8.28
N ASP H 57 -67.06 -80.18 8.04
CA ASP H 57 -67.44 -81.43 8.70
C ASP H 57 -67.70 -81.46 10.25
N GLY H 58 -66.88 -80.82 11.09
CA GLY H 58 -67.05 -80.93 12.54
C GLY H 58 -66.34 -82.14 13.11
N THR H 59 -65.26 -82.55 12.44
CA THR H 59 -64.40 -83.62 12.90
C THR H 59 -63.60 -83.10 14.02
N THR H 60 -63.49 -83.88 15.09
CA THR H 60 -62.74 -83.40 16.23
C THR H 60 -61.38 -84.06 16.36
N LEU H 61 -60.39 -83.24 16.71
CA LEU H 61 -59.00 -83.65 16.83
C LEU H 61 -58.41 -83.20 18.13
N TYR H 62 -57.84 -84.13 18.89
CA TYR H 62 -57.28 -83.79 20.18
C TYR H 62 -55.80 -84.15 20.26
N GLY H 63 -55.04 -83.29 20.95
CA GLY H 63 -53.61 -83.45 21.08
C GLY H 63 -53.36 -84.56 22.03
N ASP H 64 -52.11 -84.98 22.15
CA ASP H 64 -51.79 -86.24 22.85
C ASP H 64 -52.27 -86.34 24.30
N SER H 65 -51.68 -85.53 25.18
CA SER H 65 -51.86 -85.64 26.63
C SER H 65 -53.32 -85.61 27.11
N VAL H 66 -54.15 -84.91 26.36
CA VAL H 66 -55.54 -84.65 26.75
C VAL H 66 -56.61 -85.54 26.13
N LYS H 67 -56.23 -86.42 25.19
CA LYS H 67 -57.21 -86.88 24.20
C LYS H 67 -58.53 -87.30 24.86
N GLY H 68 -58.44 -87.99 26.00
CA GLY H 68 -59.60 -88.58 26.64
C GLY H 68 -60.50 -87.71 27.50
N ARG H 69 -59.92 -86.78 28.24
CA ARG H 69 -60.67 -85.96 29.18
C ARG H 69 -61.36 -84.73 28.55
N PHE H 70 -60.87 -84.31 27.37
CA PHE H 70 -61.36 -83.08 26.73
C PHE H 70 -62.22 -83.39 25.50
N THR H 71 -63.31 -82.64 25.33
CA THR H 71 -64.16 -82.78 24.15
C THR H 71 -64.48 -81.39 23.54
N VAL H 72 -64.56 -81.31 22.20
CA VAL H 72 -64.77 -80.02 21.51
C VAL H 72 -66.02 -80.00 20.61
N SER H 73 -66.69 -78.84 20.51
CA SER H 73 -67.91 -78.72 19.70
C SER H 73 -68.18 -77.32 19.11
N ARG H 74 -68.80 -77.30 17.93
CA ARG H 74 -69.09 -76.06 17.22
C ARG H 74 -70.54 -75.66 17.50
N ASP H 75 -70.83 -74.36 17.47
CA ASP H 75 -72.19 -73.87 17.60
C ASP H 75 -72.54 -72.80 16.55
N ASN H 76 -73.79 -72.77 16.10
CA ASN H 76 -74.25 -71.81 15.09
C ASN H 76 -73.41 -71.76 13.79
N ASN H 79 -69.99 -68.11 14.71
CA ASN H 79 -70.61 -67.70 15.97
C ASN H 79 -69.87 -68.14 17.25
N MET H 80 -70.02 -69.41 17.62
CA MET H 80 -69.57 -69.87 18.94
C MET H 80 -69.00 -71.30 18.99
N VAL H 81 -68.06 -71.54 19.91
CA VAL H 81 -67.36 -72.84 20.02
C VAL H 81 -66.90 -73.18 21.45
N TYR H 82 -66.80 -74.47 21.79
CA TYR H 82 -66.65 -74.91 23.19
C TYR H 82 -65.61 -76.01 23.50
N LEU H 83 -64.99 -75.93 24.69
CA LEU H 83 -64.05 -76.94 25.15
C LEU H 83 -64.35 -77.45 26.56
N GLN H 84 -64.75 -78.71 26.64
CA GLN H 84 -65.02 -79.37 27.91
C GLN H 84 -63.72 -79.88 28.48
N MET H 85 -63.45 -79.59 29.74
CA MET H 85 -62.27 -80.15 30.40
C MET H 85 -62.68 -80.97 31.61
N ASN H 86 -62.36 -82.26 31.58
CA ASN H 86 -62.75 -83.17 32.66
C ASN H 86 -61.57 -83.87 33.36
N ASN H 87 -61.72 -84.16 34.65
CA ASN H 87 -60.60 -84.71 35.40
C ASN H 87 -59.32 -83.89 35.24
N LEU H 88 -59.28 -82.72 35.86
CA LEU H 88 -58.09 -81.89 35.72
C LEU H 88 -56.91 -82.33 36.57
N LYS H 89 -55.76 -82.45 35.91
CA LYS H 89 -54.50 -82.62 36.60
C LYS H 89 -53.77 -81.29 36.80
N PRO H 90 -53.02 -81.15 37.90
CA PRO H 90 -52.23 -79.96 38.18
C PRO H 90 -51.33 -79.56 36.99
N GLU H 91 -51.05 -80.50 36.10
CA GLU H 91 -50.19 -80.24 34.93
C GLU H 91 -50.95 -79.48 33.86
N ASP H 92 -52.27 -79.50 33.97
CA ASP H 92 -53.08 -78.76 33.03
C ASP H 92 -53.01 -77.26 33.32
N THR H 93 -52.43 -76.91 34.47
CA THR H 93 -52.33 -75.52 34.84
C THR H 93 -51.63 -74.78 33.70
N ALA H 94 -52.32 -73.77 33.14
CA ALA H 94 -51.83 -73.01 31.98
C ALA H 94 -52.84 -72.02 31.42
N LEU H 95 -52.36 -71.19 30.50
CA LEU H 95 -53.22 -70.23 29.84
C LEU H 95 -53.80 -70.89 28.60
N TYR H 96 -55.10 -70.82 28.45
CA TYR H 96 -55.76 -71.48 27.33
C TYR H 96 -56.29 -70.45 26.30
N TYR H 97 -56.14 -70.76 25.01
CA TYR H 97 -56.48 -69.85 23.91
C TYR H 97 -57.46 -70.36 22.86
N CYS H 98 -58.13 -69.43 22.22
CA CYS H 98 -59.03 -69.70 21.10
C CYS H 98 -58.35 -69.34 19.77
N ALA H 99 -58.52 -70.14 18.73
CA ALA H 99 -57.89 -69.81 17.46
C ALA H 99 -58.85 -69.96 16.30
N ASP H 100 -58.84 -68.99 15.38
CA ASP H 100 -59.59 -69.15 14.16
C ASP H 100 -58.60 -69.40 13.04
N ASN H 101 -58.57 -70.61 12.50
CA ASN H 101 -57.76 -70.88 11.31
C ASN H 101 -58.64 -70.72 10.10
N LYS H 102 -58.37 -69.65 9.34
CA LYS H 102 -59.19 -69.34 8.19
C LYS H 102 -58.70 -70.08 6.92
N PHE H 103 -57.51 -70.69 6.99
CA PHE H 103 -56.74 -71.08 5.79
C PHE H 103 -56.38 -72.56 5.57
N VAL H 104 -55.67 -73.16 6.51
CA VAL H 104 -55.17 -74.52 6.34
C VAL H 104 -56.28 -75.63 6.33
N ARG H 105 -56.07 -76.76 5.63
CA ARG H 105 -57.13 -77.70 5.09
C ARG H 105 -58.20 -78.17 6.11
N GLY H 106 -57.83 -77.93 7.34
CA GLY H 106 -58.55 -78.13 8.55
C GLY H 106 -58.05 -79.36 9.31
N LEU H 107 -57.68 -80.41 8.58
CA LEU H 107 -57.17 -81.62 9.22
C LEU H 107 -55.69 -81.39 9.55
N VAL H 108 -54.97 -80.87 8.56
CA VAL H 108 -53.53 -80.73 8.64
C VAL H 108 -53.03 -79.66 9.63
N ALA H 109 -53.90 -78.77 10.13
CA ALA H 109 -53.38 -77.64 10.91
C ALA H 109 -53.47 -77.82 12.41
N VAL H 110 -52.34 -78.20 13.01
CA VAL H 110 -52.23 -78.12 14.44
C VAL H 110 -51.01 -77.36 14.94
N ARG H 111 -50.92 -76.06 14.69
CA ARG H 111 -49.70 -75.35 15.11
C ARG H 111 -49.92 -73.85 15.27
N ALA H 112 -49.21 -73.26 16.23
CA ALA H 112 -49.31 -71.83 16.43
C ALA H 112 -49.21 -71.11 15.09
N ILE H 113 -48.34 -71.63 14.21
CA ILE H 113 -48.17 -70.98 12.91
C ILE H 113 -49.40 -71.10 12.05
N ASP H 114 -50.21 -72.13 12.31
CA ASP H 114 -51.30 -72.44 11.40
C ASP H 114 -52.60 -71.63 11.60
N TYR H 115 -52.75 -70.96 12.75
CA TYR H 115 -53.94 -70.17 12.98
C TYR H 115 -53.68 -68.66 12.80
N ASP H 116 -54.64 -68.00 12.19
CA ASP H 116 -54.54 -66.61 11.76
C ASP H 116 -54.83 -65.57 12.85
N TYR H 117 -55.82 -65.86 13.70
CA TYR H 117 -56.20 -64.95 14.76
C TYR H 117 -56.33 -65.66 16.09
N TRP H 118 -55.89 -64.95 17.13
CA TRP H 118 -55.81 -65.48 18.48
C TRP H 118 -56.76 -64.81 19.50
N GLY H 119 -57.48 -65.62 20.24
CA GLY H 119 -58.25 -65.12 21.36
C GLY H 119 -57.31 -64.52 22.40
N GLN H 120 -57.89 -63.90 23.44
CA GLN H 120 -57.12 -63.14 24.43
C GLN H 120 -56.52 -64.03 25.52
N GLY H 121 -57.29 -65.04 25.91
CA GLY H 121 -56.87 -66.10 26.80
C GLY H 121 -57.57 -66.05 28.13
N THR H 122 -57.67 -67.22 28.78
CA THR H 122 -58.20 -67.32 30.14
C THR H 122 -57.47 -68.43 30.94
N GLN H 123 -57.27 -68.20 32.23
CA GLN H 123 -56.43 -69.05 33.08
C GLN H 123 -57.08 -70.33 33.66
N VAL H 124 -56.26 -71.33 33.99
CA VAL H 124 -56.72 -72.60 34.59
C VAL H 124 -55.72 -73.06 35.67
N THR H 125 -56.19 -73.70 36.73
CA THR H 125 -55.29 -74.17 37.81
C THR H 125 -55.90 -75.34 38.59
N VAL H 126 -55.15 -75.90 39.55
CA VAL H 126 -55.54 -77.17 40.18
C VAL H 126 -54.80 -77.49 41.52
N SER H 127 -55.18 -78.58 42.20
CA SER H 127 -54.54 -78.93 43.45
C SER H 127 -53.03 -78.77 43.33
N GLN I 2 17.62 -17.60 -8.54
CA GLN I 2 16.61 -16.83 -9.29
C GLN I 2 16.95 -15.31 -9.51
N TYR I 3 18.22 -15.04 -9.78
CA TYR I 3 18.89 -13.79 -9.37
C TYR I 3 18.33 -12.41 -9.76
N PRO I 4 18.41 -11.47 -8.78
CA PRO I 4 18.01 -10.06 -8.84
C PRO I 4 18.79 -9.35 -9.91
N ILE I 5 18.16 -8.58 -10.79
CA ILE I 5 18.93 -7.79 -11.76
C ILE I 5 18.79 -6.25 -11.68
N ILE I 6 19.87 -5.56 -12.02
CA ILE I 6 19.89 -4.10 -12.13
C ILE I 6 20.17 -3.69 -13.56
N ASN I 7 19.21 -3.01 -14.17
CA ASN I 7 19.41 -2.52 -15.52
C ASN I 7 20.25 -1.27 -15.50
N PHE I 8 20.96 -1.03 -16.59
CA PHE I 8 21.48 0.31 -16.85
C PHE I 8 21.68 0.52 -18.34
N THR I 9 21.64 1.77 -18.78
CA THR I 9 21.85 2.05 -20.18
C THR I 9 22.79 3.18 -20.27
N THR I 10 23.67 3.04 -21.24
CA THR I 10 24.72 3.99 -21.50
C THR I 10 24.05 5.15 -22.22
N ALA I 11 22.85 4.89 -22.74
CA ALA I 11 22.19 5.63 -23.81
C ALA I 11 22.23 7.12 -23.64
N GLY I 12 21.48 7.58 -22.66
CA GLY I 12 21.43 9.00 -22.38
C GLY I 12 22.10 9.41 -21.11
N ALA I 13 22.99 8.59 -20.56
CA ALA I 13 23.17 8.53 -19.09
C ALA I 13 23.58 9.84 -18.35
N THR I 14 22.87 10.26 -17.28
CA THR I 14 23.26 11.40 -16.41
C THR I 14 24.44 11.07 -15.48
N VAL I 15 24.94 12.09 -14.77
CA VAL I 15 25.75 11.89 -13.55
C VAL I 15 24.87 11.14 -12.54
N GLN I 16 23.67 11.68 -12.35
CA GLN I 16 22.69 11.10 -11.44
C GLN I 16 22.38 9.65 -11.75
N SER I 17 22.09 9.38 -13.00
CA SER I 17 21.64 8.06 -13.41
C SER I 17 22.66 6.98 -13.10
N TYR I 18 23.92 7.36 -13.18
CA TYR I 18 25.04 6.47 -12.85
C TYR I 18 25.26 6.34 -11.40
N THR I 19 25.27 7.46 -10.69
CA THR I 19 25.39 7.38 -9.24
C THR I 19 24.20 6.54 -8.79
N ASN I 20 23.04 6.78 -9.41
CA ASN I 20 21.80 6.05 -9.11
C ASN I 20 22.08 4.58 -9.21
N PHE I 21 22.88 4.24 -10.20
CA PHE I 21 23.12 2.88 -10.60
C PHE I 21 23.96 2.24 -9.51
N ILE I 22 25.18 2.72 -9.37
CA ILE I 22 26.09 2.17 -8.39
C ILE I 22 25.45 2.11 -6.99
N ARG I 23 24.92 3.22 -6.53
CA ARG I 23 24.37 3.29 -5.20
C ARG I 23 23.41 2.07 -5.10
N ALA I 24 22.84 1.67 -6.23
CA ALA I 24 21.80 0.62 -6.27
C ALA I 24 22.31 -0.80 -6.15
N VAL I 25 23.34 -1.09 -6.92
CA VAL I 25 23.91 -2.42 -6.93
C VAL I 25 24.66 -2.77 -5.64
N ARG I 26 25.37 -1.78 -5.07
CA ARG I 26 25.89 -1.95 -3.72
C ARG I 26 24.75 -2.50 -2.84
N GLY I 27 23.57 -1.90 -2.91
CA GLY I 27 22.44 -2.40 -2.13
C GLY I 27 22.17 -3.88 -2.29
N ARG I 28 22.15 -4.31 -3.55
CA ARG I 28 21.90 -5.69 -3.93
C ARG I 28 23.11 -6.59 -3.68
N LEU I 29 24.29 -5.97 -3.60
CA LEU I 29 25.55 -6.67 -3.26
C LEU I 29 25.67 -7.04 -1.80
N THR I 30 25.39 -6.07 -0.93
CA THR I 30 25.91 -6.19 0.40
C THR I 30 24.89 -6.39 1.48
N THR I 31 25.37 -6.98 2.56
CA THR I 31 24.53 -7.55 3.59
C THR I 31 23.60 -6.50 4.21
N GLY I 32 23.75 -5.22 3.84
CA GLY I 32 23.30 -4.17 4.74
C GLY I 32 24.34 -4.25 5.85
N ALA I 33 23.98 -4.44 7.11
CA ALA I 33 25.05 -4.22 8.07
C ALA I 33 25.76 -5.47 8.62
N ASP I 34 26.95 -5.67 8.08
CA ASP I 34 28.08 -6.22 8.81
C ASP I 34 29.13 -5.19 8.43
N VAL I 35 29.56 -4.40 9.42
CA VAL I 35 30.49 -3.30 9.14
C VAL I 35 31.57 -3.18 10.23
N ARG I 36 32.81 -3.20 9.79
CA ARG I 36 33.93 -3.08 10.70
C ARG I 36 34.41 -1.64 10.66
N HIS I 37 34.56 -1.01 11.83
CA HIS I 37 35.26 0.26 11.94
C HIS I 37 34.80 1.11 10.74
N GLU I 38 33.47 1.04 10.51
CA GLU I 38 32.68 1.89 9.60
C GLU I 38 32.57 1.51 8.15
N ILE I 39 33.35 0.55 7.70
CA ILE I 39 33.25 0.08 6.31
C ILE I 39 32.45 -1.23 6.19
N PRO I 40 31.48 -1.27 5.27
CA PRO I 40 30.59 -2.41 4.94
C PRO I 40 31.31 -3.65 4.43
N VAL I 41 30.89 -4.83 4.87
CA VAL I 41 31.54 -6.08 4.48
C VAL I 41 30.66 -6.95 3.60
N LEU I 42 31.18 -7.34 2.43
CA LEU I 42 30.44 -8.19 1.53
C LEU I 42 30.08 -9.47 2.26
N PRO I 43 29.04 -10.17 1.78
CA PRO I 43 28.73 -11.50 2.34
C PRO I 43 29.92 -12.45 2.22
N ASN I 44 29.92 -13.41 3.14
CA ASN I 44 31.00 -14.35 3.41
C ASN I 44 30.87 -15.65 2.64
N ARG I 45 31.83 -15.97 1.77
CA ARG I 45 31.65 -17.08 0.81
C ARG I 45 31.09 -18.38 1.45
N VAL I 46 31.54 -18.70 2.68
CA VAL I 46 31.24 -20.02 3.29
C VAL I 46 29.81 -20.41 3.63
N GLY I 47 29.15 -19.68 4.54
CA GLY I 47 27.72 -19.85 4.68
C GLY I 47 26.89 -19.77 3.38
N LEU I 48 27.32 -18.95 2.43
CA LEU I 48 26.41 -18.46 1.40
C LEU I 48 25.78 -19.56 0.51
N PRO I 49 24.43 -19.73 0.55
CA PRO I 49 23.75 -20.62 -0.40
C PRO I 49 23.77 -20.06 -1.81
N ILE I 50 23.83 -20.94 -2.81
CA ILE I 50 23.97 -20.48 -4.20
C ILE I 50 22.80 -19.58 -4.58
N ASN I 51 21.67 -19.81 -3.90
CA ASN I 51 20.49 -18.98 -4.06
C ASN I 51 20.86 -17.50 -4.02
N GLN I 52 21.70 -17.16 -3.06
CA GLN I 52 22.16 -15.78 -2.87
C GLN I 52 23.52 -15.39 -3.46
N ARG I 53 24.17 -16.32 -4.14
CA ARG I 53 25.59 -16.16 -4.50
C ARG I 53 25.87 -15.08 -5.52
N PHE I 54 24.87 -14.70 -6.32
CA PHE I 54 25.13 -13.73 -7.41
C PHE I 54 24.10 -12.63 -7.54
N ILE I 55 24.45 -11.60 -8.31
CA ILE I 55 23.47 -10.67 -8.83
C ILE I 55 23.83 -10.42 -10.28
N LEU I 56 22.82 -10.06 -11.10
CA LEU I 56 22.95 -9.83 -12.56
C LEU I 56 22.80 -8.35 -12.91
N VAL I 57 23.49 -7.92 -13.96
CA VAL I 57 23.38 -6.53 -14.42
C VAL I 57 23.14 -6.33 -15.92
N GLU I 58 21.98 -5.79 -16.27
CA GLU I 58 21.53 -5.70 -17.67
C GLU I 58 22.00 -4.39 -18.23
N LEU I 59 22.90 -4.45 -19.21
CA LEU I 59 23.46 -3.25 -19.80
C LEU I 59 23.05 -2.96 -21.21
N SER I 60 22.55 -1.76 -21.50
CA SER I 60 21.99 -1.49 -22.82
C SER I 60 22.61 -0.26 -23.48
N ASN I 61 22.21 0.01 -24.71
CA ASN I 61 22.93 0.89 -25.62
C ASN I 61 22.13 1.96 -26.33
N HIS I 62 22.82 3.01 -26.79
CA HIS I 62 22.20 3.90 -27.77
C HIS I 62 22.26 3.18 -29.14
N ALA I 63 23.07 2.12 -29.16
CA ALA I 63 23.22 1.24 -30.31
C ALA I 63 22.14 0.22 -30.16
N GLU I 64 21.36 0.38 -29.09
CA GLU I 64 20.14 -0.40 -28.91
C GLU I 64 20.37 -1.90 -28.74
N LEU I 65 21.53 -2.28 -28.19
CA LEU I 65 21.59 -3.65 -27.74
C LEU I 65 22.03 -3.88 -26.28
N SER I 66 21.84 -5.10 -25.79
CA SER I 66 22.20 -5.33 -24.41
C SER I 66 22.86 -6.71 -24.12
N VAL I 67 23.50 -6.78 -22.94
CA VAL I 67 24.10 -7.98 -22.42
C VAL I 67 23.97 -7.99 -20.90
N THR I 68 24.00 -9.18 -20.31
CA THR I 68 23.92 -9.31 -18.87
C THR I 68 25.21 -9.84 -18.21
N LEU I 69 25.62 -9.15 -17.15
CA LEU I 69 26.83 -9.57 -16.45
C LEU I 69 26.52 -10.20 -15.13
N ALA I 70 27.32 -11.21 -14.75
CA ALA I 70 27.08 -11.89 -13.48
C ALA I 70 28.16 -11.48 -12.54
N LEU I 71 27.75 -11.18 -11.31
CA LEU I 71 28.64 -10.76 -10.26
C LEU I 71 28.65 -11.71 -9.08
N ASP I 72 29.85 -11.99 -8.57
CA ASP I 72 29.99 -12.81 -7.38
C ASP I 72 29.76 -11.86 -6.20
N VAL I 73 28.83 -12.21 -5.35
CA VAL I 73 28.40 -11.26 -4.36
C VAL I 73 29.46 -11.19 -3.29
N THR I 74 30.12 -12.32 -3.04
CA THR I 74 31.24 -12.37 -2.07
C THR I 74 32.38 -11.51 -2.58
N ASN I 75 32.48 -11.52 -3.89
CA ASN I 75 33.60 -11.01 -4.64
C ASN I 75 33.46 -9.52 -4.95
N ALA I 76 32.36 -9.21 -5.64
CA ALA I 76 32.04 -7.96 -6.33
C ALA I 76 32.56 -8.05 -7.72
N TYR I 77 33.35 -9.06 -8.06
CA TYR I 77 33.93 -9.10 -9.42
C TYR I 77 33.01 -9.78 -10.40
N VAL I 78 33.45 -9.83 -11.64
CA VAL I 78 32.65 -10.46 -12.66
C VAL I 78 33.04 -11.90 -12.91
N VAL I 79 32.05 -12.79 -12.92
CA VAL I 79 32.31 -14.17 -13.26
C VAL I 79 32.04 -14.56 -14.71
N GLY I 80 31.37 -13.68 -15.47
CA GLY I 80 30.89 -14.06 -16.79
C GLY I 80 29.70 -13.23 -17.22
N TYR I 81 29.24 -13.44 -18.48
CA TYR I 81 28.04 -12.79 -19.03
C TYR I 81 27.27 -13.50 -20.14
N ARG I 82 26.04 -13.08 -20.27
CA ARG I 82 25.17 -13.57 -21.31
C ARG I 82 24.98 -12.43 -22.29
N ALA I 83 25.09 -12.77 -23.55
CA ALA I 83 24.56 -11.90 -24.59
C ALA I 83 23.63 -12.79 -25.42
N GLY I 84 22.34 -12.47 -25.40
CA GLY I 84 21.38 -13.26 -26.13
C GLY I 84 21.43 -14.71 -25.71
N ASN I 85 21.68 -15.59 -26.67
CA ASN I 85 21.57 -17.03 -26.45
C ASN I 85 22.87 -17.75 -26.10
N SER I 86 23.92 -16.97 -25.96
CA SER I 86 25.17 -17.52 -25.49
C SER I 86 25.52 -16.88 -24.18
N ALA I 87 26.17 -17.65 -23.31
CA ALA I 87 26.71 -17.11 -22.10
C ALA I 87 28.18 -17.52 -22.02
N TYR I 88 29.01 -16.65 -21.43
CA TYR I 88 30.44 -16.89 -21.30
C TYR I 88 30.91 -16.71 -19.86
N PHE I 89 31.78 -17.60 -19.36
CA PHE I 89 32.26 -17.50 -17.97
C PHE I 89 33.75 -17.65 -17.92
N PHE I 90 34.40 -16.96 -16.99
CA PHE I 90 35.83 -17.20 -16.72
C PHE I 90 36.17 -18.55 -16.12
N HIS I 91 37.38 -19.02 -16.42
CA HIS I 91 37.89 -20.23 -15.76
C HIS I 91 37.88 -20.10 -14.20
N PRO I 92 37.08 -20.97 -13.59
CA PRO I 92 36.95 -21.07 -12.13
C PRO I 92 38.23 -21.55 -11.46
N ASP I 93 38.62 -20.81 -10.45
CA ASP I 93 39.83 -21.12 -9.70
C ASP I 93 39.69 -22.34 -8.79
N ASN I 94 38.48 -22.88 -8.67
CA ASN I 94 38.36 -24.12 -7.93
C ASN I 94 37.05 -24.87 -8.12
N GLN I 95 37.01 -26.04 -7.48
CA GLN I 95 35.88 -26.95 -7.56
C GLN I 95 34.56 -26.27 -7.19
N GLU I 96 34.50 -25.72 -5.98
CA GLU I 96 33.30 -25.05 -5.45
C GLU I 96 32.82 -23.91 -6.38
N ASP I 97 33.75 -23.02 -6.73
CA ASP I 97 33.40 -21.90 -7.59
C ASP I 97 32.74 -22.47 -8.83
N ALA I 98 33.41 -23.41 -9.47
CA ALA I 98 32.86 -23.96 -10.73
C ALA I 98 31.41 -24.49 -10.61
N GLU I 99 31.06 -25.12 -9.50
CA GLU I 99 29.72 -25.64 -9.37
C GLU I 99 28.69 -24.51 -9.28
N ALA I 100 29.08 -23.43 -8.60
CA ALA I 100 28.25 -22.24 -8.44
C ALA I 100 27.80 -21.67 -9.78
N ILE I 101 28.74 -21.36 -10.66
CA ILE I 101 28.43 -20.79 -11.98
C ILE I 101 27.29 -21.54 -12.71
N THR I 102 27.27 -22.86 -12.55
CA THR I 102 26.34 -23.70 -13.32
C THR I 102 24.95 -23.18 -13.08
N HIS I 103 24.80 -22.45 -11.99
CA HIS I 103 23.53 -21.85 -11.62
C HIS I 103 23.30 -20.53 -12.33
N LEU I 104 24.20 -20.13 -13.22
CA LEU I 104 24.06 -18.79 -13.77
C LEU I 104 23.19 -18.56 -15.00
N PHE I 105 23.61 -18.90 -16.20
CA PHE I 105 22.57 -18.62 -17.14
C PHE I 105 22.15 -19.96 -17.66
N THR I 106 21.05 -20.39 -17.07
CA THR I 106 20.66 -21.77 -17.22
C THR I 106 19.88 -22.07 -18.50
N ASP I 107 18.97 -21.17 -18.83
CA ASP I 107 18.26 -21.08 -20.12
C ASP I 107 19.22 -21.14 -21.36
N VAL I 108 20.43 -20.60 -21.22
CA VAL I 108 21.29 -20.45 -22.38
C VAL I 108 21.63 -21.74 -23.12
N GLN I 109 21.41 -21.75 -24.42
CA GLN I 109 21.79 -22.91 -25.21
C GLN I 109 23.28 -23.16 -25.41
N ASN I 110 24.06 -22.10 -25.68
CA ASN I 110 25.52 -22.24 -25.72
C ASN I 110 26.20 -21.68 -24.51
N ARG I 111 26.74 -22.55 -23.67
N ARG I 111 26.73 -22.56 -23.70
CA ARG I 111 27.39 -22.08 -22.46
CA ARG I 111 27.41 -22.12 -22.53
C ARG I 111 28.86 -22.36 -22.68
C ARG I 111 28.85 -22.36 -22.91
N TYR I 112 29.62 -21.29 -22.87
CA TYR I 112 31.04 -21.37 -23.10
C TYR I 112 31.79 -21.06 -21.77
N THR I 113 32.87 -21.80 -21.51
CA THR I 113 33.74 -21.47 -20.39
C THR I 113 35.20 -21.36 -20.83
N PHE I 114 35.82 -20.23 -20.50
CA PHE I 114 37.19 -19.83 -20.92
C PHE I 114 38.31 -20.62 -20.26
N ALA I 115 39.52 -20.56 -20.85
CA ALA I 115 40.66 -21.25 -20.25
C ALA I 115 41.36 -20.41 -19.24
N PHE I 116 41.05 -19.12 -19.26
CA PHE I 116 41.82 -18.16 -18.46
C PHE I 116 40.98 -17.46 -17.38
N GLY I 117 41.72 -16.97 -16.37
CA GLY I 117 41.11 -16.22 -15.29
C GLY I 117 40.57 -14.90 -15.82
N GLY I 118 39.91 -14.13 -14.97
CA GLY I 118 39.58 -12.74 -15.27
C GLY I 118 40.40 -11.68 -14.47
N ASN I 119 41.50 -12.09 -13.78
CA ASN I 119 42.47 -11.19 -13.14
C ASN I 119 42.92 -10.19 -14.18
N TYR I 120 43.14 -8.97 -13.72
CA TYR I 120 43.55 -7.91 -14.62
C TYR I 120 44.76 -8.44 -15.33
N ASP I 121 45.70 -8.99 -14.58
CA ASP I 121 46.93 -9.45 -15.19
C ASP I 121 46.65 -10.26 -16.45
N ARG I 122 45.78 -11.24 -16.32
CA ARG I 122 45.50 -12.10 -17.43
C ARG I 122 44.90 -11.30 -18.57
N LEU I 123 44.04 -10.33 -18.28
CA LEU I 123 43.34 -9.64 -19.38
C LEU I 123 44.23 -8.67 -20.07
N GLU I 124 44.92 -7.86 -19.28
CA GLU I 124 45.86 -6.92 -19.83
C GLU I 124 46.72 -7.65 -20.83
N GLN I 125 47.06 -8.88 -20.52
CA GLN I 125 47.95 -9.66 -21.36
C GLN I 125 47.26 -9.89 -22.70
N LEU I 126 46.00 -10.33 -22.60
CA LEU I 126 45.19 -10.53 -23.82
C LEU I 126 44.84 -9.24 -24.51
N ALA I 127 44.59 -8.18 -23.72
CA ALA I 127 44.28 -6.91 -24.33
C ALA I 127 45.52 -6.44 -25.09
N GLY I 128 46.69 -6.94 -24.70
CA GLY I 128 47.94 -6.59 -25.34
C GLY I 128 48.43 -5.24 -24.80
N ASN I 129 47.60 -4.65 -23.93
CA ASN I 129 47.90 -3.36 -23.35
C ASN I 129 47.65 -3.38 -21.88
N LEU I 130 48.21 -2.40 -21.19
CA LEU I 130 47.87 -2.10 -19.79
C LEU I 130 46.65 -1.22 -19.45
N ARG I 131 46.13 -1.33 -18.24
CA ARG I 131 44.92 -0.57 -17.88
C ARG I 131 44.97 0.93 -18.18
N GLU I 132 46.18 1.51 -18.20
CA GLU I 132 46.39 2.95 -18.35
C GLU I 132 46.53 3.35 -19.78
N ASN I 133 46.52 2.35 -20.64
CA ASN I 133 46.39 2.63 -22.02
C ASN I 133 44.97 2.45 -22.53
N ILE I 134 44.10 2.08 -21.61
CA ILE I 134 42.75 1.69 -21.96
C ILE I 134 41.80 2.72 -21.40
N GLU I 135 41.11 3.40 -22.33
CA GLU I 135 40.32 4.56 -21.93
C GLU I 135 39.05 4.17 -21.17
N LEU I 136 38.75 4.95 -20.13
CA LEU I 136 37.51 4.73 -19.41
C LEU I 136 36.65 5.94 -19.55
N GLY I 137 35.36 5.72 -19.45
CA GLY I 137 34.38 6.78 -19.66
C GLY I 137 33.11 6.12 -20.19
N ASN I 138 32.09 6.93 -20.50
CA ASN I 138 30.85 6.41 -21.07
C ASN I 138 30.99 5.95 -22.54
N GLY I 139 31.56 6.79 -23.40
CA GLY I 139 31.79 6.39 -24.79
C GLY I 139 32.49 5.03 -24.80
N PRO I 140 33.54 4.89 -23.97
CA PRO I 140 34.25 3.61 -23.89
C PRO I 140 33.31 2.46 -23.53
N LEU I 141 32.51 2.65 -22.47
CA LEU I 141 31.54 1.69 -22.04
C LEU I 141 30.43 1.39 -23.04
N GLU I 142 29.99 2.39 -23.81
CA GLU I 142 29.02 2.10 -24.87
C GLU I 142 29.71 1.09 -25.80
N GLU I 143 30.82 1.52 -26.34
CA GLU I 143 31.39 0.66 -27.33
C GLU I 143 31.68 -0.72 -26.74
N ALA I 144 32.04 -0.79 -25.44
CA ALA I 144 32.33 -2.06 -24.74
C ALA I 144 31.18 -3.08 -24.81
N ILE I 145 30.01 -2.65 -24.35
CA ILE I 145 28.82 -3.45 -24.38
C ILE I 145 28.64 -3.97 -25.79
N SER I 146 28.59 -3.06 -26.75
CA SER I 146 28.39 -3.40 -28.16
C SER I 146 29.33 -4.54 -28.48
N ALA I 147 30.59 -4.39 -28.11
CA ALA I 147 31.58 -5.40 -28.39
C ALA I 147 31.24 -6.79 -27.84
N LEU I 148 30.87 -6.85 -26.55
CA LEU I 148 30.57 -8.12 -25.88
C LEU I 148 29.46 -8.82 -26.58
N TYR I 149 28.47 -8.04 -27.01
CA TYR I 149 27.39 -8.65 -27.78
C TYR I 149 28.05 -9.22 -29.00
N TYR I 150 28.67 -8.33 -29.72
CA TYR I 150 29.16 -8.62 -31.03
C TYR I 150 30.05 -9.85 -30.89
N TYR I 151 30.44 -10.14 -29.65
CA TYR I 151 31.52 -11.08 -29.48
C TYR I 151 30.92 -12.40 -29.67
N SER I 152 29.74 -12.49 -29.08
CA SER I 152 28.95 -13.71 -29.13
C SER I 152 28.72 -14.10 -30.58
N THR I 153 28.71 -13.10 -31.50
CA THR I 153 28.58 -13.29 -32.96
C THR I 153 29.96 -13.38 -33.63
N GLY I 154 31.03 -13.12 -32.89
CA GLY I 154 32.38 -13.24 -33.44
C GLY I 154 32.76 -12.17 -34.44
N GLY I 155 32.04 -11.06 -34.43
CA GLY I 155 32.47 -9.92 -35.22
C GLY I 155 33.66 -9.27 -34.52
N THR I 156 33.77 -9.58 -33.24
CA THR I 156 34.85 -9.00 -32.44
C THR I 156 35.97 -9.98 -32.04
N GLN I 157 37.19 -9.45 -32.00
CA GLN I 157 38.37 -10.31 -31.75
C GLN I 157 38.62 -10.47 -30.22
N LEU I 158 39.59 -11.29 -29.82
CA LEU I 158 39.81 -11.51 -28.39
C LEU I 158 40.37 -10.35 -27.59
N PRO I 159 41.47 -9.76 -28.08
CA PRO I 159 41.99 -8.66 -27.28
C PRO I 159 40.89 -7.63 -27.16
N THR I 160 40.03 -7.51 -28.14
CA THR I 160 39.01 -6.48 -28.09
C THR I 160 38.12 -6.85 -26.91
N LEU I 161 37.79 -8.12 -26.84
CA LEU I 161 36.96 -8.60 -25.74
C LEU I 161 37.61 -8.31 -24.41
N ALA I 162 38.93 -8.56 -24.31
CA ALA I 162 39.65 -8.38 -23.04
C ALA I 162 39.49 -6.95 -22.61
N ARG I 163 39.84 -6.08 -23.52
CA ARG I 163 39.70 -4.65 -23.37
C ARG I 163 38.31 -4.27 -22.87
N SER I 164 37.29 -4.90 -23.42
CA SER I 164 35.93 -4.58 -22.97
C SER I 164 35.72 -4.95 -21.53
N PHE I 165 36.13 -6.16 -21.16
CA PHE I 165 36.05 -6.57 -19.77
C PHE I 165 36.80 -5.60 -18.83
N ILE I 166 38.06 -5.33 -19.18
CA ILE I 166 38.92 -4.42 -18.42
C ILE I 166 38.19 -3.11 -18.18
N ILE I 167 37.38 -2.73 -19.14
CA ILE I 167 36.58 -1.51 -18.98
C ILE I 167 35.42 -1.66 -17.99
N CYS I 168 34.64 -2.73 -18.11
CA CYS I 168 33.52 -2.94 -17.21
C CYS I 168 33.88 -3.27 -15.79
N ILE I 169 34.69 -4.31 -15.61
CA ILE I 169 35.07 -4.69 -14.24
C ILE I 169 35.44 -3.45 -13.50
N GLN I 170 36.17 -2.57 -14.18
CA GLN I 170 36.60 -1.30 -13.54
C GLN I 170 35.46 -0.34 -13.27
N MET I 171 34.69 -0.06 -14.31
CA MET I 171 33.56 0.86 -14.17
C MET I 171 32.43 0.39 -13.28
N ILE I 172 32.47 -0.88 -12.87
CA ILE I 172 31.44 -1.43 -12.02
C ILE I 172 31.95 -2.05 -10.72
N SER I 173 32.54 -3.23 -10.82
CA SER I 173 33.10 -3.83 -9.62
C SER I 173 34.00 -2.81 -8.93
N GLU I 174 34.86 -2.13 -9.67
CA GLU I 174 35.72 -1.23 -8.94
C GLU I 174 34.98 0.03 -8.47
N ALA I 175 34.09 0.55 -9.29
CA ALA I 175 33.35 1.74 -8.91
C ALA I 175 32.53 1.39 -7.69
N ALA I 176 32.07 0.15 -7.63
CA ALA I 176 31.22 -0.31 -6.53
C ALA I 176 32.06 -0.48 -5.29
N ARG I 177 33.26 -1.01 -5.49
CA ARG I 177 34.20 -1.21 -4.39
C ARG I 177 34.65 0.14 -3.86
N PHE I 178 34.72 1.17 -4.72
CA PHE I 178 35.24 2.42 -4.29
C PHE I 178 34.42 3.60 -4.72
N GLN I 179 33.99 4.38 -3.73
CA GLN I 179 33.32 5.67 -4.02
C GLN I 179 34.27 6.53 -4.76
N TYR I 180 35.55 6.41 -4.39
CA TYR I 180 36.58 7.13 -5.12
C TYR I 180 36.55 6.88 -6.63
N ILE I 181 36.41 5.62 -6.97
CA ILE I 181 36.35 5.20 -8.34
C ILE I 181 35.00 5.56 -8.90
N GLU I 182 33.93 5.29 -8.17
CA GLU I 182 32.60 5.79 -8.58
C GLU I 182 32.65 7.31 -8.86
N GLY I 183 33.06 8.11 -7.89
CA GLY I 183 33.10 9.55 -8.05
C GLY I 183 33.96 10.04 -9.19
N GLU I 184 34.96 9.26 -9.55
CA GLU I 184 35.86 9.61 -10.65
C GLU I 184 35.15 9.42 -11.99
N MET I 185 34.33 8.38 -12.05
CA MET I 185 33.59 8.14 -13.26
C MET I 185 32.51 9.18 -13.35
N ARG I 186 32.01 9.57 -12.17
CA ARG I 186 30.99 10.59 -12.09
C ARG I 186 31.53 11.86 -12.81
N THR I 187 32.72 12.29 -12.42
CA THR I 187 33.20 13.54 -12.98
C THR I 187 33.71 13.30 -14.41
N ARG I 188 34.01 12.06 -14.74
CA ARG I 188 34.37 11.72 -16.11
C ARG I 188 33.19 11.91 -17.05
N ILE I 189 32.05 11.34 -16.67
CA ILE I 189 30.73 11.62 -17.28
C ILE I 189 30.40 13.10 -17.22
N ARG I 190 30.61 13.69 -16.04
N ARG I 190 30.52 13.69 -16.03
CA ARG I 190 30.25 15.08 -15.73
CA ARG I 190 30.17 15.10 -15.79
C ARG I 190 30.78 15.99 -16.85
C ARG I 190 30.77 16.02 -16.86
N TYR I 191 32.08 15.91 -17.11
CA TYR I 191 32.73 16.75 -18.10
C TYR I 191 32.89 16.09 -19.47
N ASN I 192 32.34 14.89 -19.59
CA ASN I 192 32.36 14.15 -20.83
C ASN I 192 33.80 13.87 -21.36
N ARG I 193 34.63 13.32 -20.50
CA ARG I 193 36.00 12.97 -20.88
C ARG I 193 36.13 11.44 -21.15
N ARG I 194 36.98 11.08 -22.09
CA ARG I 194 37.36 9.69 -22.28
C ARG I 194 38.87 9.66 -22.01
N SER I 195 39.26 9.05 -20.90
CA SER I 195 40.67 9.00 -20.57
C SER I 195 40.97 7.77 -19.74
N ALA I 196 42.16 7.21 -19.92
CA ALA I 196 42.56 6.04 -19.12
C ALA I 196 42.64 6.34 -17.61
N PRO I 197 42.61 5.29 -16.78
CA PRO I 197 42.67 5.40 -15.32
C PRO I 197 43.99 5.90 -14.79
N ASP I 198 43.99 6.87 -13.88
CA ASP I 198 45.24 7.31 -13.23
C ASP I 198 45.76 6.29 -12.22
N PRO I 199 47.00 6.48 -11.74
CA PRO I 199 47.60 5.48 -10.85
C PRO I 199 46.83 5.26 -9.58
N SER I 200 46.26 6.32 -8.98
CA SER I 200 45.55 6.18 -7.71
C SER I 200 44.44 5.15 -7.85
N VAL I 201 43.71 5.24 -8.97
CA VAL I 201 42.61 4.35 -9.26
C VAL I 201 43.10 2.91 -9.40
N ILE I 202 44.25 2.80 -10.04
CA ILE I 202 44.84 1.49 -10.28
C ILE I 202 45.32 0.79 -9.02
N THR I 203 46.23 1.44 -8.29
CA THR I 203 46.81 0.87 -7.07
C THR I 203 45.71 0.57 -6.05
N LEU I 204 44.66 1.38 -6.06
CA LEU I 204 43.47 1.07 -5.30
C LEU I 204 42.95 -0.31 -5.74
N GLU I 205 42.93 -0.54 -7.05
CA GLU I 205 42.37 -1.76 -7.56
C GLU I 205 43.21 -2.92 -7.10
N ASN I 206 44.52 -2.80 -7.20
CA ASN I 206 45.38 -3.90 -6.78
C ASN I 206 45.49 -4.13 -5.28
N SER I 207 45.23 -3.10 -4.50
CA SER I 207 45.38 -3.24 -3.06
C SER I 207 44.07 -3.59 -2.32
N TRP I 208 42.96 -3.62 -3.06
CA TRP I 208 41.65 -3.81 -2.49
C TRP I 208 41.57 -5.08 -1.62
N GLY I 209 42.17 -6.16 -2.14
CA GLY I 209 42.29 -7.40 -1.37
C GLY I 209 43.07 -7.19 -0.05
N ARG I 210 44.14 -6.42 -0.13
CA ARG I 210 45.00 -6.32 1.02
C ARG I 210 44.66 -5.18 1.98
N LEU I 211 43.75 -4.33 1.52
CA LEU I 211 43.09 -3.36 2.37
C LEU I 211 41.99 -4.01 3.16
N SER I 212 41.18 -4.80 2.46
CA SER I 212 40.11 -5.52 3.15
C SER I 212 40.71 -6.25 4.37
N THR I 213 41.80 -6.99 4.16
CA THR I 213 42.51 -7.65 5.25
C THR I 213 43.00 -6.67 6.31
N ALA I 214 43.71 -5.62 5.88
CA ALA I 214 44.35 -4.63 6.76
C ALA I 214 43.36 -4.02 7.75
N ILE I 215 42.22 -3.62 7.19
CA ILE I 215 41.14 -3.01 7.94
C ILE I 215 40.54 -3.94 9.01
N GLN I 216 40.02 -5.09 8.60
CA GLN I 216 39.22 -5.92 9.49
C GLN I 216 40.04 -6.44 10.62
N GLU I 217 41.34 -6.55 10.33
CA GLU I 217 42.35 -7.00 11.28
C GLU I 217 43.03 -5.86 12.04
N SER I 218 42.68 -4.62 11.70
CA SER I 218 43.22 -3.47 12.38
C SER I 218 42.80 -3.51 13.83
N ASN I 219 43.56 -2.82 14.68
CA ASN I 219 43.16 -2.57 16.07
C ASN I 219 42.34 -1.30 16.14
N GLN I 220 41.04 -1.45 16.44
CA GLN I 220 40.12 -0.32 16.54
C GLN I 220 40.37 0.69 15.39
N GLY I 221 40.65 0.17 14.20
CA GLY I 221 40.91 1.03 13.05
C GLY I 221 42.38 1.24 12.67
N ALA I 222 43.29 0.94 13.60
CA ALA I 222 44.71 1.19 13.32
C ALA I 222 45.44 0.00 12.67
N PHE I 223 45.92 0.21 11.46
CA PHE I 223 46.50 -0.90 10.68
C PHE I 223 47.68 -1.52 11.34
N ALA I 224 47.73 -2.85 11.23
CA ALA I 224 48.91 -3.62 11.62
C ALA I 224 50.10 -3.01 10.88
N SER I 225 50.12 -3.12 9.56
CA SER I 225 51.28 -2.64 8.82
C SER I 225 50.80 -1.69 7.75
N PRO I 226 51.67 -0.71 7.37
CA PRO I 226 51.30 0.31 6.36
C PRO I 226 50.95 -0.37 5.05
N ILE I 227 50.14 0.30 4.23
CA ILE I 227 49.83 -0.15 2.91
C ILE I 227 50.21 1.00 1.98
N GLN I 228 51.18 0.75 1.08
CA GLN I 228 51.65 1.79 0.14
C GLN I 228 50.63 2.06 -0.92
N LEU I 229 50.32 3.33 -1.16
CA LEU I 229 49.42 3.68 -2.26
C LEU I 229 50.01 4.73 -3.18
N GLN I 230 49.30 5.10 -4.25
CA GLN I 230 49.72 6.23 -5.11
C GLN I 230 48.66 7.30 -5.25
N ARG I 231 49.08 8.57 -5.27
CA ARG I 231 48.15 9.67 -5.45
C ARG I 231 47.93 9.87 -6.95
N ARG I 232 47.07 10.81 -7.30
CA ARG I 232 46.73 10.98 -8.69
C ARG I 232 48.03 11.19 -9.49
N ASN I 233 49.05 11.76 -8.88
CA ASN I 233 50.26 12.11 -9.63
C ASN I 233 51.35 11.02 -9.59
N GLY I 234 51.04 9.89 -8.99
CA GLY I 234 52.01 8.80 -8.94
C GLY I 234 52.83 8.77 -7.66
N SER I 235 52.75 9.88 -6.92
CA SER I 235 53.52 9.96 -5.70
C SER I 235 53.00 8.92 -4.69
N LYS I 236 53.93 8.09 -4.24
CA LYS I 236 53.61 7.02 -3.33
C LYS I 236 53.35 7.55 -1.92
N PHE I 237 52.40 6.95 -1.22
CA PHE I 237 52.21 7.28 0.19
C PHE I 237 51.64 6.13 1.01
N SER I 238 52.03 6.09 2.27
CA SER I 238 51.62 5.00 3.12
C SER I 238 50.31 5.31 3.87
N VAL I 239 49.47 4.27 3.95
CA VAL I 239 48.22 4.28 4.73
C VAL I 239 48.36 3.53 6.08
N TYR I 240 48.33 4.27 7.20
CA TYR I 240 48.47 3.63 8.50
C TYR I 240 47.15 3.36 9.29
N ASP I 241 46.02 3.86 8.80
CA ASP I 241 44.80 3.86 9.61
C ASP I 241 43.59 3.87 8.71
N VAL I 242 42.47 3.36 9.22
CA VAL I 242 41.26 3.27 8.39
C VAL I 242 40.62 4.64 8.12
N SER I 243 40.91 5.58 9.01
CA SER I 243 40.19 6.85 9.09
C SER I 243 40.07 7.53 7.74
N ILE I 244 41.15 7.45 6.97
CA ILE I 244 41.26 8.14 5.69
C ILE I 244 40.63 7.37 4.57
N LEU I 245 40.41 6.06 4.77
CA LEU I 245 39.80 5.21 3.73
C LEU I 245 38.31 5.33 3.66
N ILE I 246 37.70 5.65 4.81
CA ILE I 246 36.27 5.73 4.94
C ILE I 246 35.54 6.43 3.79
N PRO I 247 36.00 7.64 3.37
CA PRO I 247 35.50 8.44 2.22
C PRO I 247 35.69 7.82 0.84
N ILE I 248 36.50 6.77 0.79
CA ILE I 248 36.93 6.12 -0.45
C ILE I 248 36.30 4.77 -0.75
N ILE I 249 36.57 3.83 0.15
CA ILE I 249 36.30 2.46 -0.13
C ILE I 249 34.91 2.14 0.39
N ALA I 250 34.07 1.64 -0.51
CA ALA I 250 32.70 1.24 -0.22
C ALA I 250 32.44 -0.17 0.39
N LEU I 251 33.23 -1.17 -0.02
CA LEU I 251 32.98 -2.59 0.33
C LEU I 251 34.26 -3.39 0.55
N MET I 252 34.20 -4.40 1.41
CA MET I 252 35.35 -5.25 1.69
C MET I 252 34.94 -6.68 1.60
N VAL I 253 35.80 -7.53 1.07
CA VAL I 253 35.53 -8.97 1.06
C VAL I 253 35.62 -9.49 2.50
N TYR I 254 34.65 -10.30 2.95
CA TYR I 254 34.72 -10.80 4.33
C TYR I 254 36.11 -11.43 4.50
N ARG I 255 36.78 -11.13 5.61
CA ARG I 255 38.04 -11.81 5.92
C ARG I 255 37.94 -12.57 7.27
N CYS I 256 37.72 -11.85 8.36
CA CYS I 256 37.70 -12.48 9.65
C CYS I 256 36.34 -12.31 10.32
N ALA I 257 36.04 -13.19 11.27
CA ALA I 257 34.86 -13.00 12.09
C ALA I 257 34.94 -11.61 12.78
N PRO I 258 33.83 -10.84 12.81
CA PRO I 258 33.85 -9.50 13.43
C PRO I 258 34.21 -9.44 14.93
N PRO I 259 34.93 -8.37 15.32
CA PRO I 259 35.45 -8.20 16.70
C PRO I 259 34.37 -8.04 17.80
N PRO I 260 34.81 -8.02 19.06
CA PRO I 260 33.93 -7.83 20.23
C PRO I 260 33.72 -6.34 20.62
N ASN J 1 30.23 -12.70 -37.58
CA ASN J 1 29.07 -12.24 -38.37
C ASN J 1 28.66 -10.71 -38.26
N MET J 2 28.27 -10.28 -37.05
CA MET J 2 27.86 -8.88 -36.77
C MET J 2 29.01 -8.02 -36.15
N GLN J 3 29.29 -6.83 -36.75
CA GLN J 3 30.44 -5.96 -36.34
C GLN J 3 30.32 -4.44 -36.73
N VAL J 4 31.40 -3.63 -36.62
CA VAL J 4 31.37 -2.20 -37.07
C VAL J 4 31.39 -1.94 -38.62
N GLN J 5 31.90 -2.88 -39.42
CA GLN J 5 31.63 -2.74 -40.88
C GLN J 5 32.21 -1.47 -41.43
N LEU J 6 33.54 -1.40 -41.41
CA LEU J 6 34.35 -0.43 -42.15
C LEU J 6 34.48 -1.01 -43.52
N VAL J 7 34.50 -0.16 -44.55
CA VAL J 7 34.83 -0.61 -45.86
C VAL J 7 35.74 0.36 -46.60
N GLU J 8 36.85 -0.15 -47.15
CA GLU J 8 37.84 0.74 -47.82
C GLU J 8 37.74 0.69 -49.35
N SER J 9 38.11 1.79 -50.00
CA SER J 9 37.96 1.91 -51.47
C SER J 9 39.07 2.77 -52.04
N GLY J 10 39.42 2.48 -53.29
CA GLY J 10 40.38 3.29 -54.02
C GLY J 10 41.80 2.78 -54.19
N GLY J 11 42.00 1.51 -53.85
CA GLY J 11 43.26 0.87 -54.19
C GLY J 11 43.35 0.91 -55.70
N GLY J 12 44.56 0.74 -56.22
CA GLY J 12 44.68 0.67 -57.66
C GLY J 12 46.08 0.32 -58.10
N LEU J 13 46.26 0.36 -59.41
CA LEU J 13 47.59 0.22 -59.93
C LEU J 13 48.08 1.64 -60.32
N VAL J 14 49.21 2.08 -59.75
CA VAL J 14 49.74 3.36 -60.20
C VAL J 14 51.15 3.18 -60.65
N GLN J 15 51.50 3.90 -61.70
CA GLN J 15 52.88 3.93 -62.15
C GLN J 15 53.70 4.37 -60.96
N ALA J 16 54.89 3.83 -60.82
CA ALA J 16 55.68 4.32 -59.70
C ALA J 16 55.71 5.86 -59.79
N GLY J 17 55.59 6.50 -58.63
CA GLY J 17 55.63 7.94 -58.53
C GLY J 17 54.28 8.58 -58.33
N GLY J 18 53.21 7.85 -58.60
CA GLY J 18 51.91 8.49 -58.60
C GLY J 18 51.34 8.71 -57.21
N SER J 19 50.16 9.35 -57.22
CA SER J 19 49.35 9.59 -56.03
C SER J 19 48.09 8.72 -56.06
N LEU J 20 47.63 8.35 -54.90
CA LEU J 20 46.39 7.60 -54.74
C LEU J 20 45.66 8.12 -53.48
N ARG J 21 44.34 8.24 -53.57
CA ARG J 21 43.63 8.52 -52.33
C ARG J 21 42.87 7.30 -51.79
N LEU J 22 42.89 7.06 -50.48
CA LEU J 22 42.11 5.93 -49.96
C LEU J 22 40.96 6.40 -49.11
N SER J 23 39.86 5.67 -49.07
CA SER J 23 38.69 6.12 -48.31
C SER J 23 38.17 4.95 -47.51
N CYS J 24 37.67 5.25 -46.32
CA CYS J 24 37.02 4.25 -45.47
C CYS J 24 35.81 4.89 -44.83
N ALA J 25 34.67 4.22 -44.96
CA ALA J 25 33.47 4.67 -44.31
C ALA J 25 33.19 3.61 -43.31
N ALA J 26 32.71 3.97 -42.11
CA ALA J 26 32.27 3.00 -41.11
C ALA J 26 30.80 3.30 -40.81
N SER J 27 30.12 2.37 -40.10
CA SER J 27 28.71 2.57 -39.72
C SER J 27 28.28 1.53 -38.71
N GLY J 28 27.07 1.58 -38.17
CA GLY J 28 26.07 2.63 -38.24
C GLY J 28 25.71 2.26 -36.80
N ARG J 29 25.00 3.14 -36.09
CA ARG J 29 24.91 3.00 -34.63
C ARG J 29 26.33 2.85 -34.03
N THR J 30 27.22 3.77 -34.41
CA THR J 30 28.57 3.82 -33.84
C THR J 30 28.98 5.28 -33.66
N PHE J 31 29.52 5.56 -32.47
CA PHE J 31 29.74 6.95 -32.03
C PHE J 31 31.18 7.39 -31.66
N SER J 32 31.55 6.90 -30.47
CA SER J 32 32.82 7.22 -29.85
C SER J 32 33.89 6.41 -30.54
N ARG J 33 35.11 6.95 -30.61
CA ARG J 33 36.21 6.26 -31.29
C ARG J 33 37.49 6.14 -30.45
N SER J 34 38.16 7.26 -30.19
CA SER J 34 39.51 7.27 -29.58
C SER J 34 40.70 7.00 -30.51
N SER J 35 40.51 6.41 -31.69
CA SER J 35 41.40 6.67 -32.90
C SER J 35 41.02 5.79 -34.13
N MET J 36 41.46 6.20 -35.33
CA MET J 36 41.41 5.34 -36.54
C MET J 36 42.70 5.27 -37.36
N GLY J 37 42.92 4.11 -37.97
CA GLY J 37 44.20 3.93 -38.62
C GLY J 37 44.19 3.10 -39.89
N TRP J 38 45.37 3.11 -40.54
CA TRP J 38 45.68 2.31 -41.71
C TRP J 38 46.89 1.45 -41.47
N PHE J 39 46.93 0.33 -42.19
CA PHE J 39 47.94 -0.71 -42.04
C PHE J 39 48.09 -1.25 -43.41
N ARG J 40 49.32 -1.63 -43.76
CA ARG J 40 49.62 -2.27 -45.06
C ARG J 40 49.88 -3.73 -44.71
N GLN J 41 49.62 -4.60 -45.64
CA GLN J 41 50.09 -5.96 -45.53
C GLN J 41 50.54 -6.47 -46.87
N ALA J 42 51.82 -6.92 -47.00
CA ALA J 42 52.22 -7.75 -48.17
C ALA J 42 51.86 -9.17 -47.83
N PRO J 43 51.77 -10.06 -48.81
CA PRO J 43 51.52 -11.48 -48.45
C PRO J 43 52.73 -12.22 -47.91
N GLY J 44 52.40 -13.02 -46.88
CA GLY J 44 53.33 -13.84 -46.11
C GLY J 44 53.78 -13.03 -44.92
N LYS J 45 53.67 -11.72 -45.06
CA LYS J 45 54.12 -10.77 -44.04
C LYS J 45 52.94 -10.39 -43.13
N GLU J 46 53.24 -9.59 -42.12
CA GLU J 46 52.25 -9.17 -41.14
C GLU J 46 51.74 -7.78 -41.45
N ARG J 47 50.79 -7.30 -40.66
CA ARG J 47 50.33 -5.90 -40.81
C ARG J 47 51.33 -4.87 -40.28
N GLU J 48 51.59 -3.85 -41.07
CA GLU J 48 52.58 -2.87 -40.73
C GLU J 48 51.75 -1.53 -40.57
N PHE J 49 51.87 -0.92 -39.39
CA PHE J 49 51.17 0.31 -39.13
C PHE J 49 51.50 1.32 -40.24
N VAL J 50 50.46 1.91 -40.81
CA VAL J 50 50.68 2.93 -41.83
C VAL J 50 50.45 4.32 -41.27
N ALA J 51 49.21 4.65 -40.93
CA ALA J 51 48.96 5.94 -40.32
C ALA J 51 47.71 5.93 -39.49
N SER J 52 47.55 6.93 -38.64
CA SER J 52 46.39 6.99 -37.73
C SER J 52 46.07 8.45 -37.36
N ILE J 53 44.84 8.67 -36.93
CA ILE J 53 44.40 10.00 -36.58
C ILE J 53 43.61 9.91 -35.29
N VAL J 54 43.82 10.86 -34.40
CA VAL J 54 43.27 10.74 -33.07
C VAL J 54 41.93 11.44 -32.96
N TRP J 55 40.86 10.66 -32.82
CA TRP J 55 39.52 11.27 -32.69
C TRP J 55 39.66 12.04 -31.34
N ALA J 56 38.81 13.06 -31.12
CA ALA J 56 39.21 14.28 -30.37
C ALA J 56 40.25 15.04 -31.21
N ASP J 57 41.45 15.26 -30.68
CA ASP J 57 42.35 16.31 -31.18
C ASP J 57 42.64 16.34 -32.70
N GLY J 58 42.55 15.18 -33.34
CA GLY J 58 42.84 15.10 -34.75
C GLY J 58 44.32 15.07 -35.00
N THR J 59 45.11 14.69 -33.99
CA THR J 59 46.55 14.59 -34.14
C THR J 59 46.84 13.46 -35.08
N THR J 60 47.86 13.60 -35.91
CA THR J 60 48.05 12.53 -36.84
C THR J 60 49.32 11.78 -36.59
N LEU J 61 49.27 10.48 -36.91
CA LEU J 61 50.38 9.53 -36.70
C LEU J 61 50.86 8.70 -37.89
N TYR J 62 52.15 8.71 -38.18
CA TYR J 62 52.59 8.04 -39.39
C TYR J 62 53.73 7.12 -39.04
N GLY J 63 53.61 5.85 -39.43
CA GLY J 63 54.78 4.96 -39.45
C GLY J 63 55.99 5.37 -40.31
N ASP J 64 57.18 5.04 -39.88
CA ASP J 64 58.36 5.74 -40.42
C ASP J 64 58.56 5.66 -41.93
N SER J 65 58.25 4.50 -42.52
CA SER J 65 58.41 4.30 -43.97
C SER J 65 57.72 5.40 -44.83
N VAL J 66 56.48 5.68 -44.48
CA VAL J 66 55.59 6.58 -45.19
C VAL J 66 55.52 8.02 -44.68
N LYS J 67 56.37 8.35 -43.68
CA LYS J 67 56.23 9.59 -42.88
C LYS J 67 56.06 10.84 -43.76
N GLY J 68 57.01 11.13 -44.67
CA GLY J 68 56.84 12.26 -45.57
C GLY J 68 55.66 12.25 -46.55
N ARG J 69 55.40 11.09 -47.15
CA ARG J 69 54.51 11.02 -48.32
C ARG J 69 53.00 10.95 -48.12
N PHE J 70 52.52 10.44 -47.00
CA PHE J 70 51.09 10.08 -46.88
C PHE J 70 50.43 11.07 -45.90
N THR J 71 49.11 11.24 -45.97
CA THR J 71 48.38 12.15 -45.05
C THR J 71 46.99 11.58 -44.62
N VAL J 72 46.65 11.72 -43.34
CA VAL J 72 45.42 11.09 -42.86
C VAL J 72 44.39 12.17 -42.59
N SER J 73 43.11 11.95 -42.97
CA SER J 73 42.09 13.00 -42.96
C SER J 73 40.72 12.40 -42.64
N ARG J 74 39.76 13.21 -42.19
CA ARG J 74 38.56 12.70 -41.51
C ARG J 74 37.26 13.47 -41.94
N ASP J 75 36.09 12.82 -41.85
CA ASP J 75 34.83 13.50 -42.16
C ASP J 75 33.60 13.23 -41.23
N ASN J 76 32.74 14.28 -41.12
CA ASN J 76 31.46 14.34 -40.35
C ASN J 76 31.59 13.78 -38.94
N ASN J 79 31.20 8.55 -39.79
CA ASN J 79 31.31 8.85 -41.23
C ASN J 79 32.54 8.23 -41.92
N MET J 80 33.45 9.11 -42.31
CA MET J 80 34.49 8.78 -43.27
C MET J 80 35.85 9.37 -43.02
N VAL J 81 36.87 8.57 -43.35
CA VAL J 81 38.29 8.87 -43.13
C VAL J 81 39.17 8.50 -44.36
N TYR J 82 40.27 9.19 -44.55
CA TYR J 82 41.03 9.12 -45.80
C TYR J 82 42.51 8.85 -45.63
N LEU J 83 43.11 8.36 -46.70
CA LEU J 83 44.53 8.31 -46.79
C LEU J 83 45.01 8.84 -48.17
N GLN J 84 45.73 9.96 -48.17
CA GLN J 84 46.29 10.44 -49.38
C GLN J 84 47.66 9.76 -49.46
N MET J 85 47.98 9.17 -50.61
CA MET J 85 49.34 8.60 -50.77
C MET J 85 50.01 9.17 -51.96
N ASN J 86 51.09 9.88 -51.72
CA ASN J 86 51.79 10.53 -52.81
C ASN J 86 53.13 9.93 -53.02
N ASN J 87 53.62 10.06 -54.24
CA ASN J 87 54.89 9.45 -54.58
C ASN J 87 54.97 7.99 -54.10
N LEU J 88 54.20 7.13 -54.76
CA LEU J 88 54.24 5.72 -54.46
C LEU J 88 55.43 5.03 -55.16
N LYS J 89 56.27 4.44 -54.32
CA LYS J 89 57.29 3.49 -54.74
C LYS J 89 56.74 2.07 -54.67
N PRO J 90 57.32 1.17 -55.48
CA PRO J 90 57.00 -0.27 -55.55
C PRO J 90 57.04 -0.90 -54.17
N GLU J 91 57.69 -0.25 -53.22
CA GLU J 91 57.74 -0.74 -51.84
C GLU J 91 56.36 -0.62 -51.26
N ASP J 92 55.64 0.43 -51.64
CA ASP J 92 54.33 0.65 -51.04
C ASP J 92 53.38 -0.35 -51.60
N THR J 93 53.81 -1.15 -52.59
CA THR J 93 52.89 -2.20 -53.04
C THR J 93 52.55 -3.12 -51.86
N ALA J 94 51.23 -3.18 -51.58
CA ALA J 94 50.72 -3.75 -50.34
C ALA J 94 49.21 -3.68 -50.30
N LEU J 95 48.64 -4.45 -49.38
CA LEU J 95 47.21 -4.48 -49.15
C LEU J 95 46.79 -3.56 -48.01
N TYR J 96 45.94 -2.58 -48.30
CA TYR J 96 45.68 -1.54 -47.30
C TYR J 96 44.32 -1.65 -46.54
N TYR J 97 44.39 -1.59 -45.20
CA TYR J 97 43.22 -1.71 -44.34
C TYR J 97 43.18 -0.51 -43.49
N CYS J 98 41.98 0.06 -43.43
CA CYS J 98 41.60 0.87 -42.27
C CYS J 98 41.04 0.00 -41.16
N ALA J 99 41.29 0.49 -39.95
CA ALA J 99 40.99 -0.18 -38.70
C ALA J 99 40.53 0.94 -37.68
N ASP J 100 39.73 0.45 -36.71
CA ASP J 100 39.02 1.25 -35.73
C ASP J 100 39.43 0.90 -34.25
N ASN J 101 40.12 1.83 -33.63
CA ASN J 101 40.40 1.65 -32.22
C ASN J 101 39.26 2.25 -31.39
N LYS J 102 38.60 1.40 -30.64
CA LYS J 102 37.58 1.90 -29.74
C LYS J 102 38.13 2.40 -28.35
N PHE J 103 39.33 1.94 -27.93
CA PHE J 103 39.69 1.84 -26.48
C PHE J 103 41.03 2.41 -25.99
N VAL J 104 42.07 1.88 -26.60
CA VAL J 104 43.43 2.27 -26.40
C VAL J 104 43.65 3.81 -26.51
N ARG J 105 44.38 4.39 -25.54
N ARG J 105 44.34 4.39 -25.52
CA ARG J 105 44.60 5.85 -25.51
CA ARG J 105 44.59 5.84 -25.46
C ARG J 105 45.12 6.22 -26.88
C ARG J 105 45.15 6.25 -26.83
N GLY J 106 44.71 7.38 -27.38
CA GLY J 106 44.96 7.66 -28.78
C GLY J 106 46.40 7.59 -29.22
N LEU J 107 47.20 8.35 -28.52
CA LEU J 107 48.57 8.59 -28.94
C LEU J 107 49.42 7.33 -28.75
N VAL J 108 48.92 6.29 -28.07
CA VAL J 108 49.68 5.05 -27.92
C VAL J 108 49.27 3.92 -28.90
N ALA J 109 48.24 4.12 -29.75
CA ALA J 109 47.77 2.91 -30.46
C ALA J 109 48.25 2.80 -31.92
N VAL J 110 49.41 2.13 -31.94
CA VAL J 110 50.26 1.77 -33.09
C VAL J 110 50.46 0.36 -33.63
N ARG J 111 49.62 -0.57 -33.19
CA ARG J 111 49.86 -1.99 -33.36
C ARG J 111 48.50 -2.56 -33.65
N ALA J 112 48.47 -3.71 -34.32
CA ALA J 112 47.19 -4.11 -34.85
C ALA J 112 46.27 -4.50 -33.69
N ILE J 113 46.92 -4.86 -32.59
CA ILE J 113 46.20 -5.44 -31.48
C ILE J 113 45.43 -4.36 -30.79
N ASP J 114 45.74 -3.11 -31.09
CA ASP J 114 45.12 -2.02 -30.34
C ASP J 114 43.85 -1.67 -31.08
N TYR J 115 43.59 -2.43 -32.14
CA TYR J 115 42.39 -2.25 -32.97
C TYR J 115 41.32 -3.39 -32.84
N ASP J 116 40.08 -2.96 -32.94
CA ASP J 116 38.87 -3.75 -32.67
C ASP J 116 38.27 -4.32 -33.91
N TYR J 117 37.96 -3.41 -34.85
CA TYR J 117 37.37 -3.75 -36.12
C TYR J 117 38.13 -3.23 -37.35
N TRP J 118 38.10 -4.10 -38.35
CA TRP J 118 38.83 -3.95 -39.58
C TRP J 118 37.82 -3.92 -40.73
N GLY J 119 38.26 -3.36 -41.84
CA GLY J 119 37.58 -3.51 -43.10
C GLY J 119 38.35 -4.61 -43.81
N GLN J 120 38.15 -4.73 -45.12
CA GLN J 120 38.94 -5.69 -45.86
C GLN J 120 39.60 -4.82 -46.87
N GLY J 121 40.87 -5.04 -47.16
CA GLY J 121 41.65 -4.04 -47.88
C GLY J 121 41.30 -3.63 -49.31
N THR J 122 42.05 -2.66 -49.79
CA THR J 122 42.20 -2.47 -51.22
C THR J 122 43.65 -2.81 -51.52
N GLN J 123 43.88 -3.24 -52.76
CA GLN J 123 45.25 -3.51 -53.18
C GLN J 123 45.93 -2.25 -53.79
N VAL J 124 47.00 -1.78 -53.18
CA VAL J 124 47.83 -0.86 -53.92
C VAL J 124 48.93 -1.62 -54.68
N THR J 125 49.06 -1.31 -55.98
CA THR J 125 50.17 -1.82 -56.75
C THR J 125 50.81 -0.71 -57.57
N VAL J 126 52.15 -0.69 -57.59
CA VAL J 126 52.91 0.33 -58.33
C VAL J 126 53.96 -0.28 -59.35
N SER J 127 54.21 0.39 -60.52
CA SER J 127 55.30 0.04 -61.48
C SER J 127 56.23 -1.12 -60.98
N GLN K 2 40.61 40.88 31.41
CA GLN K 2 39.20 41.24 31.73
C GLN K 2 38.13 40.09 31.87
N TYR K 3 38.54 38.95 32.44
CA TYR K 3 38.09 37.61 32.03
C TYR K 3 36.61 37.31 32.04
N PRO K 4 36.16 36.56 31.00
CA PRO K 4 34.79 36.06 30.78
C PRO K 4 34.43 35.14 31.90
N ILE K 5 33.26 35.27 32.54
CA ILE K 5 32.82 34.28 33.56
C ILE K 5 31.55 33.44 33.27
N ILE K 6 31.56 32.20 33.79
CA ILE K 6 30.39 31.32 33.68
C ILE K 6 29.87 31.00 35.06
N ASN K 7 28.64 31.42 35.34
CA ASN K 7 28.06 31.13 36.63
C ASN K 7 27.51 29.73 36.67
N PHE K 8 27.48 29.16 37.88
CA PHE K 8 26.67 27.97 38.10
C PHE K 8 26.26 27.90 39.56
N THR K 9 25.13 27.22 39.81
CA THR K 9 24.68 27.04 41.18
C THR K 9 24.35 25.60 41.36
N THR K 10 24.68 25.13 42.55
CA THR K 10 24.49 23.77 42.96
C THR K 10 23.02 23.67 43.35
N ALA K 11 22.41 24.83 43.55
CA ALA K 11 21.18 25.02 44.31
C ALA K 11 20.08 24.05 43.98
N GLY K 12 19.57 24.25 42.77
CA GLY K 12 18.49 23.44 42.27
C GLY K 12 18.87 22.51 41.14
N ALA K 13 20.16 22.29 40.93
CA ALA K 13 20.66 21.92 39.60
C ALA K 13 20.08 20.67 38.86
N THR K 14 19.60 20.87 37.61
CA THR K 14 19.11 19.79 36.72
C THR K 14 20.24 18.97 36.11
N VAL K 15 19.89 17.87 35.45
CA VAL K 15 20.81 17.19 34.54
C VAL K 15 21.14 18.19 33.43
N GLN K 16 20.09 18.78 32.88
CA GLN K 16 20.23 19.79 31.81
C GLN K 16 21.09 20.97 32.24
N SER K 17 20.81 21.49 33.43
CA SER K 17 21.46 22.71 33.88
C SER K 17 22.98 22.53 33.95
N TYR K 18 23.41 21.31 34.28
CA TYR K 18 24.82 20.95 34.35
C TYR K 18 25.40 20.69 33.00
N THR K 19 24.69 19.92 32.16
CA THR K 19 25.17 19.69 30.82
C THR K 19 25.24 21.08 30.21
N ASN K 20 24.24 21.90 30.52
CA ASN K 20 24.20 23.28 30.03
C ASN K 20 25.49 23.99 30.35
N PHE K 21 25.89 23.81 31.62
CA PHE K 21 27.08 24.40 32.18
C PHE K 21 28.35 24.01 31.42
N ILE K 22 28.71 22.73 31.54
CA ILE K 22 29.89 22.20 30.87
C ILE K 22 29.89 22.56 29.37
N ARG K 23 28.81 22.24 28.65
CA ARG K 23 28.78 22.48 27.21
C ARG K 23 29.24 23.96 27.01
N ALA K 24 28.98 24.78 28.02
CA ALA K 24 29.21 26.23 27.95
C ALA K 24 30.65 26.67 28.16
N VAL K 25 31.28 26.11 29.17
CA VAL K 25 32.62 26.50 29.48
C VAL K 25 33.58 25.98 28.42
N ARG K 26 33.32 24.79 27.90
CA ARG K 26 34.12 24.30 26.79
C ARG K 26 34.17 25.40 25.71
N GLY K 27 33.03 26.00 25.42
CA GLY K 27 33.00 27.09 24.45
C GLY K 27 33.96 28.23 24.73
N ARG K 28 33.94 28.67 25.97
CA ARG K 28 34.80 29.74 26.45
C ARG K 28 36.25 29.28 26.60
N LEU K 29 36.44 27.98 26.71
CA LEU K 29 37.76 27.39 26.81
C LEU K 29 38.49 27.37 25.48
N THR K 30 37.82 26.88 24.48
CA THR K 30 38.54 26.36 23.34
C THR K 30 38.34 27.16 22.10
N THR K 31 39.35 27.01 21.25
CA THR K 31 39.56 27.87 20.10
C THR K 31 38.35 27.90 19.15
N GLY K 32 37.34 27.05 19.40
CA GLY K 32 36.49 26.66 18.28
C GLY K 32 37.38 25.72 17.49
N ALA K 33 37.62 25.93 16.20
CA ALA K 33 38.31 24.85 15.50
C ALA K 33 39.83 24.97 15.29
N ASP K 34 40.55 24.25 16.15
CA ASP K 34 41.80 23.63 15.80
C ASP K 34 41.51 22.25 16.27
N VAL K 35 41.34 21.32 15.33
CA VAL K 35 40.95 19.97 15.68
C VAL K 35 41.73 18.91 14.88
N ARG K 36 42.36 18.00 15.62
CA ARG K 36 43.13 16.92 15.02
C ARG K 36 42.26 15.67 15.02
N HIS K 37 42.15 15.03 13.85
CA HIS K 37 41.57 13.70 13.75
C HIS K 37 40.36 13.71 14.69
N GLU K 38 39.62 14.80 14.61
CA GLU K 38 38.26 15.02 15.14
C GLU K 38 38.11 15.57 16.53
N ILE K 39 39.20 15.60 17.29
CA ILE K 39 39.16 16.08 18.66
C ILE K 39 39.71 17.51 18.75
N PRO K 40 38.96 18.41 19.42
CA PRO K 40 39.28 19.84 19.63
C PRO K 40 40.53 20.09 20.49
N VAL K 41 41.37 21.06 20.08
CA VAL K 41 42.63 21.35 20.79
C VAL K 41 42.59 22.66 21.52
N LEU K 42 42.89 22.62 22.81
CA LEU K 42 42.91 23.84 23.60
C LEU K 42 43.90 24.80 22.97
N PRO K 43 43.73 26.09 23.27
CA PRO K 43 44.75 27.09 22.88
C PRO K 43 46.15 26.75 23.39
N ASN K 44 47.13 27.21 22.61
CA ASN K 44 48.54 26.89 22.74
C ASN K 44 49.25 27.93 23.59
N ARG K 45 49.79 27.49 24.74
CA ARG K 45 50.37 28.44 25.72
C ARG K 45 51.25 29.56 25.11
N VAL K 46 52.04 29.25 24.10
CA VAL K 46 53.04 30.19 23.58
C VAL K 46 52.57 31.56 23.03
N GLY K 47 51.87 31.53 21.89
CA GLY K 47 51.25 32.74 21.35
C GLY K 47 50.39 33.48 22.39
N LEU K 48 49.74 32.74 23.26
CA LEU K 48 48.62 33.28 23.97
C LEU K 48 48.95 34.53 24.82
N PRO K 49 48.33 35.69 24.52
CA PRO K 49 48.43 36.89 25.37
C PRO K 49 47.64 36.72 26.66
N ILE K 50 48.13 37.29 27.77
CA ILE K 50 47.49 37.05 29.05
C ILE K 50 46.01 37.46 29.02
N ASN K 51 45.71 38.46 28.22
CA ASN K 51 44.34 38.88 28.00
C ASN K 51 43.39 37.71 27.85
N GLN K 52 43.83 36.70 27.12
CA GLN K 52 43.04 35.50 26.82
C GLN K 52 43.41 34.26 27.62
N ARG K 53 44.37 34.39 28.53
CA ARG K 53 44.96 33.22 29.19
C ARG K 53 44.05 32.46 30.11
N PHE K 54 42.98 33.10 30.57
CA PHE K 54 42.08 32.46 31.56
C PHE K 54 40.59 32.64 31.30
N ILE K 55 39.81 31.83 32.01
CA ILE K 55 38.39 32.07 32.23
C ILE K 55 38.00 31.81 33.70
N LEU K 56 36.94 32.49 34.14
CA LEU K 56 36.51 32.45 35.53
C LEU K 56 35.17 31.72 35.66
N VAL K 57 34.97 31.07 36.81
CA VAL K 57 33.72 30.36 37.09
C VAL K 57 33.06 30.65 38.46
N GLU K 58 31.91 31.32 38.44
CA GLU K 58 31.23 31.72 39.64
C GLU K 58 30.34 30.59 40.05
N LEU K 59 30.60 30.03 41.24
CA LEU K 59 29.82 28.92 41.82
C LEU K 59 29.04 29.29 43.05
N SER K 60 27.74 29.01 43.04
CA SER K 60 26.87 29.39 44.16
C SER K 60 26.11 28.22 44.79
N ASN K 61 25.36 28.52 45.86
CA ASN K 61 24.91 27.51 46.83
C ASN K 61 23.45 27.56 47.14
N HIS K 62 22.93 26.46 47.68
CA HIS K 62 21.62 26.53 48.33
C HIS K 62 21.86 27.06 49.72
N ALA K 63 23.14 27.06 50.09
CA ALA K 63 23.62 27.62 51.33
C ALA K 63 23.85 29.08 51.07
N GLU K 64 23.58 29.48 49.82
CA GLU K 64 23.51 30.89 49.41
C GLU K 64 24.83 31.61 49.47
N LEU K 65 25.94 30.91 49.27
CA LEU K 65 27.20 31.64 49.11
C LEU K 65 28.00 31.22 47.88
N SER K 66 28.98 32.02 47.48
CA SER K 66 29.68 31.71 46.25
C SER K 66 31.18 31.96 46.27
N VAL K 67 31.86 31.39 45.29
CA VAL K 67 33.29 31.62 45.08
C VAL K 67 33.62 31.57 43.59
N THR K 68 34.73 32.19 43.19
CA THR K 68 35.14 32.18 41.78
C THR K 68 36.44 31.41 41.53
N LEU K 69 36.41 30.51 40.55
CA LEU K 69 37.57 29.72 40.19
C LEU K 69 38.24 30.20 38.93
N ALA K 70 39.56 30.17 38.93
CA ALA K 70 40.26 30.55 37.71
C ALA K 70 40.81 29.32 37.01
N LEU K 71 40.57 29.28 35.69
CA LEU K 71 41.05 28.19 34.87
C LEU K 71 42.06 28.60 33.83
N ASP K 72 43.08 27.78 33.67
CA ASP K 72 44.08 28.04 32.65
C ASP K 72 43.50 27.56 31.33
N VAL K 73 43.45 28.44 30.36
CA VAL K 73 42.76 28.08 29.16
C VAL K 73 43.54 27.04 28.39
N THR K 74 44.88 27.16 28.45
CA THR K 74 45.77 26.19 27.79
C THR K 74 45.55 24.82 28.44
N ASN K 75 45.29 24.89 29.72
CA ASN K 75 45.37 23.81 30.66
C ASN K 75 44.06 23.09 30.79
N ALA K 76 43.04 23.89 31.10
CA ALA K 76 41.72 23.45 31.53
C ALA K 76 41.74 23.27 33.03
N TYR K 77 42.92 23.24 33.66
CA TYR K 77 42.95 22.98 35.09
C TYR K 77 42.74 24.27 35.89
N VAL K 78 42.70 24.13 37.21
CA VAL K 78 42.47 25.26 38.07
C VAL K 78 43.75 25.84 38.68
N VAL K 79 43.88 27.14 38.58
CA VAL K 79 45.06 27.79 39.07
C VAL K 79 44.89 28.43 40.43
N GLY K 80 43.64 28.51 40.87
CA GLY K 80 43.32 29.25 42.10
C GLY K 80 41.87 29.78 42.14
N TYR K 81 41.50 30.40 43.27
CA TYR K 81 40.17 31.01 43.39
C TYR K 81 40.05 32.20 44.36
N ARG K 82 38.98 32.95 44.13
CA ARG K 82 38.63 34.07 44.99
C ARG K 82 37.36 33.69 45.69
N ALA K 83 37.35 33.87 47.00
CA ALA K 83 36.10 33.87 47.78
C ALA K 83 36.03 35.22 48.49
N GLY K 84 35.04 36.04 48.16
CA GLY K 84 35.00 37.38 48.71
C GLY K 84 36.29 38.17 48.47
N ASN K 85 36.89 38.62 49.56
CA ASN K 85 37.99 39.55 49.49
C ASN K 85 39.36 38.90 49.55
N SER K 86 39.36 37.58 49.55
CA SER K 86 40.64 36.92 49.47
C SER K 86 40.70 36.06 48.20
N ALA K 87 41.90 35.86 47.68
CA ALA K 87 42.06 35.00 46.54
C ALA K 87 43.22 34.09 46.88
N TYR K 88 43.15 32.85 46.40
CA TYR K 88 44.19 31.85 46.65
C TYR K 88 44.67 31.21 45.34
N PHE K 89 45.99 31.05 45.17
CA PHE K 89 46.54 30.41 43.97
C PHE K 89 47.51 29.27 44.29
N PHE K 90 47.58 28.25 43.47
CA PHE K 90 48.62 27.25 43.61
C PHE K 90 50.03 27.74 43.26
N HIS K 91 51.03 27.11 43.86
CA HIS K 91 52.41 27.37 43.51
C HIS K 91 52.68 27.16 42.01
N PRO K 92 53.05 28.25 41.34
CA PRO K 92 53.40 28.23 39.92
C PRO K 92 54.67 27.42 39.65
N ASP K 93 54.55 26.52 38.69
CA ASP K 93 55.66 25.65 38.29
C ASP K 93 56.76 26.40 37.56
N ASN K 94 56.53 27.65 37.17
CA ASN K 94 57.62 28.41 36.59
C ASN K 94 57.44 29.93 36.56
N GLN K 95 58.50 30.59 36.12
CA GLN K 95 58.51 32.04 35.96
C GLN K 95 57.24 32.57 35.25
N GLU K 96 57.11 32.21 33.97
CA GLU K 96 56.04 32.67 33.07
C GLU K 96 54.65 32.48 33.67
N ASP K 97 54.41 31.28 34.18
CA ASP K 97 53.13 30.98 34.79
C ASP K 97 52.86 31.94 35.94
N ALA K 98 53.83 32.10 36.82
CA ALA K 98 53.67 33.01 37.98
C ALA K 98 53.30 34.45 37.60
N GLU K 99 53.86 34.98 36.51
CA GLU K 99 53.55 36.32 36.11
C GLU K 99 52.09 36.43 35.62
N ALA K 100 51.63 35.39 34.93
CA ALA K 100 50.27 35.33 34.44
C ALA K 100 49.23 35.50 35.55
N ILE K 101 49.32 34.67 36.58
CA ILE K 101 48.41 34.69 37.69
C ILE K 101 48.19 36.11 38.19
N THR K 102 49.26 36.90 38.23
CA THR K 102 49.18 38.23 38.81
C THR K 102 48.01 38.97 38.19
N HIS K 103 47.62 38.53 37.00
CA HIS K 103 46.52 39.12 36.25
C HIS K 103 45.16 38.60 36.67
N LEU K 104 45.13 37.81 37.75
CA LEU K 104 43.88 37.19 38.11
C LEU K 104 42.95 37.93 39.05
N PHE K 105 43.21 37.96 40.32
CA PHE K 105 42.15 38.66 40.99
C PHE K 105 42.81 39.90 41.56
N THR K 106 42.63 40.93 40.80
CA THR K 106 43.48 42.09 40.95
C THR K 106 42.95 43.00 42.02
N ASP K 107 41.64 43.18 41.98
CA ASP K 107 40.86 43.84 43.03
C ASP K 107 41.14 43.30 44.47
N VAL K 108 41.44 42.01 44.59
CA VAL K 108 41.50 41.38 45.89
C VAL K 108 42.53 42.00 46.83
N GLN K 109 42.12 42.21 48.09
CA GLN K 109 43.07 42.79 49.05
C GLN K 109 44.07 41.83 49.68
N ASN K 110 43.67 40.58 49.86
CA ASN K 110 44.57 39.54 50.34
C ASN K 110 44.82 38.54 49.23
N ARG K 111 46.01 38.57 48.63
CA ARG K 111 46.34 37.59 47.58
C ARG K 111 47.29 36.65 48.28
N TYR K 112 46.82 35.43 48.51
CA TYR K 112 47.63 34.37 49.06
C TYR K 112 48.12 33.42 47.95
N THR K 113 49.35 32.94 48.08
CA THR K 113 49.89 31.94 47.15
C THR K 113 50.51 30.79 47.92
N PHE K 114 49.97 29.58 47.70
CA PHE K 114 50.44 28.32 48.28
C PHE K 114 51.85 27.82 47.93
N ALA K 115 52.37 26.94 48.78
CA ALA K 115 53.71 26.39 48.60
C ALA K 115 53.68 25.16 47.74
N PHE K 116 52.49 24.61 47.56
CA PHE K 116 52.40 23.36 46.84
C PHE K 116 51.64 23.55 45.53
N GLY K 117 51.88 22.63 44.60
CA GLY K 117 51.13 22.57 43.36
C GLY K 117 49.75 22.02 43.60
N GLY K 118 48.93 22.02 42.57
CA GLY K 118 47.62 21.43 42.66
C GLY K 118 47.46 20.10 41.92
N ASN K 119 48.59 19.40 41.66
CA ASN K 119 48.53 18.05 41.06
C ASN K 119 47.76 17.16 42.01
N TYR K 120 46.99 16.22 41.46
CA TYR K 120 46.24 15.31 42.31
C TYR K 120 47.17 14.75 43.39
N ASP K 121 48.29 14.22 42.95
CA ASP K 121 49.21 13.63 43.88
C ASP K 121 49.38 14.54 45.06
N ARG K 122 49.69 15.80 44.79
CA ARG K 122 49.93 16.72 45.89
C ARG K 122 48.72 16.83 46.82
N LEU K 123 47.51 16.87 46.25
CA LEU K 123 46.28 17.13 47.03
C LEU K 123 45.83 15.92 47.77
N GLU K 124 45.79 14.80 47.07
CA GLU K 124 45.51 13.53 47.74
C GLU K 124 46.32 13.41 49.02
N GLN K 125 47.57 13.86 48.95
CA GLN K 125 48.48 13.76 50.08
C GLN K 125 47.94 14.60 51.19
N LEU K 126 47.66 15.87 50.90
CA LEU K 126 47.01 16.75 51.87
C LEU K 126 45.60 16.31 52.29
N ALA K 127 44.81 15.82 51.34
CA ALA K 127 43.50 15.32 51.67
C ALA K 127 43.65 14.13 52.63
N GLY K 128 44.82 13.50 52.59
CA GLY K 128 45.11 12.38 53.44
C GLY K 128 44.48 11.12 52.88
N ASN K 129 43.73 11.30 51.81
CA ASN K 129 43.05 10.19 51.19
C ASN K 129 43.24 10.28 49.72
N LEU K 130 42.93 9.19 49.02
CA LEU K 130 42.90 9.13 47.56
C LEU K 130 41.58 9.50 46.90
N ARG K 131 41.63 9.80 45.61
CA ARG K 131 40.46 10.22 44.87
C ARG K 131 39.25 9.34 45.05
N GLU K 132 39.47 8.03 45.24
CA GLU K 132 38.43 6.96 45.28
C GLU K 132 37.80 6.81 46.62
N ASN K 133 38.36 7.50 47.57
CA ASN K 133 37.75 7.60 48.85
C ASN K 133 36.99 8.90 48.99
N ILE K 134 36.97 9.64 47.90
CA ILE K 134 36.42 10.98 47.95
C ILE K 134 35.21 11.05 47.06
N GLU K 135 34.05 11.16 47.70
CA GLU K 135 32.78 11.14 46.99
C GLU K 135 32.55 12.29 46.01
N LEU K 136 32.06 11.95 44.83
CA LEU K 136 31.71 12.99 43.87
C LEU K 136 30.23 12.94 43.63
N GLY K 137 29.71 14.10 43.29
CA GLY K 137 28.28 14.32 43.12
C GLY K 137 27.92 15.78 43.44
N ASN K 138 26.63 16.12 43.31
CA ASN K 138 26.14 17.44 43.66
C ASN K 138 26.24 17.78 45.17
N GLY K 139 25.66 16.93 46.05
CA GLY K 139 25.80 17.12 47.49
C GLY K 139 27.26 17.41 47.85
N PRO K 140 28.19 16.57 47.35
CA PRO K 140 29.62 16.78 47.57
C PRO K 140 30.02 18.16 47.15
N LEU K 141 29.61 18.56 45.95
CA LEU K 141 29.99 19.85 45.40
C LEU K 141 29.36 21.04 46.12
N GLU K 142 28.13 20.88 46.59
CA GLU K 142 27.54 21.90 47.41
C GLU K 142 28.50 22.14 48.58
N GLU K 143 28.67 21.12 49.40
CA GLU K 143 29.48 21.27 50.59
C GLU K 143 30.91 21.78 50.28
N ALA K 144 31.47 21.36 49.14
CA ALA K 144 32.78 21.83 48.66
C ALA K 144 32.88 23.32 48.48
N ILE K 145 31.97 23.88 47.70
CA ILE K 145 31.89 25.32 47.59
C ILE K 145 31.86 26.01 48.97
N SER K 146 30.90 25.58 49.78
CA SER K 146 30.76 26.10 51.13
C SER K 146 32.13 26.14 51.79
N ALA K 147 32.84 25.01 51.72
CA ALA K 147 34.12 24.88 52.38
C ALA K 147 35.11 25.93 51.88
N LEU K 148 35.20 26.10 50.57
CA LEU K 148 36.21 26.98 50.02
C LEU K 148 35.95 28.38 50.52
N TYR K 149 34.66 28.72 50.63
CA TYR K 149 34.34 30.03 51.15
C TYR K 149 34.84 30.07 52.58
N TYR K 150 34.32 29.14 53.34
CA TYR K 150 34.60 29.04 54.75
C TYR K 150 36.09 28.96 54.98
N TYR K 151 36.83 28.59 53.94
CA TYR K 151 38.27 28.45 54.10
C TYR K 151 38.89 29.82 54.32
N SER K 152 38.47 30.73 53.44
CA SER K 152 38.93 32.09 53.48
C SER K 152 38.70 32.67 54.91
N THR K 153 37.70 32.16 55.63
CA THR K 153 37.44 32.62 57.00
C THR K 153 38.17 31.73 57.99
N GLY K 154 38.73 30.61 57.50
CA GLY K 154 39.40 29.64 58.34
C GLY K 154 38.55 28.82 59.31
N GLY K 155 37.26 28.69 59.04
CA GLY K 155 36.44 27.73 59.77
C GLY K 155 36.76 26.32 59.29
N THR K 156 37.45 26.24 58.14
CA THR K 156 37.79 24.96 57.52
C THR K 156 39.29 24.70 57.50
N GLN K 157 39.62 23.42 57.77
CA GLN K 157 41.01 22.93 57.86
C GLN K 157 41.65 22.70 56.44
N LEU K 158 42.93 22.36 56.37
CA LEU K 158 43.55 22.16 55.07
C LEU K 158 43.15 20.89 54.33
N PRO K 159 43.16 19.75 55.03
CA PRO K 159 42.81 18.57 54.24
C PRO K 159 41.44 18.79 53.68
N THR K 160 40.61 19.54 54.39
CA THR K 160 39.25 19.71 53.98
C THR K 160 39.30 20.49 52.67
N LEU K 161 40.11 21.52 52.66
CA LEU K 161 40.27 22.32 51.47
C LEU K 161 40.78 21.51 50.28
N ALA K 162 41.71 20.59 50.54
CA ALA K 162 42.31 19.73 49.51
C ALA K 162 41.20 18.94 48.90
N ARG K 163 40.51 18.23 49.78
CA ARG K 163 39.35 17.45 49.39
C ARG K 163 38.41 18.27 48.50
N SER K 164 38.16 19.52 48.86
CA SER K 164 37.25 20.34 48.08
C SER K 164 37.79 20.53 46.66
N PHE K 165 39.06 20.85 46.54
CA PHE K 165 39.65 21.02 45.21
C PHE K 165 39.58 19.74 44.40
N ILE K 166 39.98 18.64 45.04
CA ILE K 166 39.94 17.32 44.41
C ILE K 166 38.55 17.05 43.81
N ILE K 167 37.51 17.53 44.49
CA ILE K 167 36.16 17.41 44.00
C ILE K 167 35.92 18.28 42.76
N CYS K 168 36.31 19.55 42.82
CA CYS K 168 36.02 20.51 41.74
C CYS K 168 36.84 20.27 40.50
N ILE K 169 38.14 20.19 40.67
CA ILE K 169 38.99 19.97 39.50
C ILE K 169 38.39 18.85 38.67
N GLN K 170 37.92 17.81 39.37
CA GLN K 170 37.37 16.62 38.74
C GLN K 170 36.05 16.95 38.10
N MET K 171 35.17 17.54 38.88
CA MET K 171 33.81 17.81 38.39
C MET K 171 33.72 18.87 37.29
N ILE K 172 34.81 19.60 37.11
CA ILE K 172 34.82 20.65 36.10
C ILE K 172 35.89 20.43 35.06
N SER K 173 37.15 20.68 35.41
CA SER K 173 38.24 20.50 34.45
C SER K 173 38.17 19.09 33.81
N GLU K 174 37.89 18.04 34.63
CA GLU K 174 37.91 16.70 34.09
C GLU K 174 36.59 16.47 33.35
N ALA K 175 35.48 16.97 33.89
CA ALA K 175 34.22 16.85 33.15
C ALA K 175 34.33 17.55 31.80
N ALA K 176 34.94 18.71 31.80
CA ALA K 176 35.15 19.44 30.58
C ALA K 176 36.10 18.68 29.65
N ARG K 177 37.15 18.11 30.21
CA ARG K 177 38.11 17.40 29.41
C ARG K 177 37.45 16.17 28.79
N PHE K 178 36.49 15.61 29.51
CA PHE K 178 35.89 14.34 29.09
C PHE K 178 34.37 14.31 29.15
N GLN K 179 33.73 14.13 27.99
CA GLN K 179 32.29 13.91 27.96
C GLN K 179 31.99 12.71 28.83
N TYR K 180 32.94 11.77 28.88
CA TYR K 180 32.72 10.56 29.61
C TYR K 180 32.52 10.92 31.05
N ILE K 181 33.36 11.83 31.49
CA ILE K 181 33.32 12.26 32.86
C ILE K 181 32.13 13.18 33.10
N GLU K 182 31.86 14.09 32.15
CA GLU K 182 30.63 14.90 32.15
C GLU K 182 29.40 13.99 32.24
N GLY K 183 29.31 13.00 31.37
CA GLY K 183 28.13 12.17 31.32
C GLY K 183 27.96 11.30 32.54
N GLU K 184 29.07 10.95 33.15
CA GLU K 184 29.05 10.23 34.45
C GLU K 184 28.48 11.04 35.61
N MET K 185 28.83 12.32 35.64
CA MET K 185 28.27 13.25 36.59
C MET K 185 26.81 13.48 36.28
N ARG K 186 26.51 13.55 34.98
CA ARG K 186 25.14 13.72 34.55
C ARG K 186 24.32 12.62 35.25
N THR K 187 24.71 11.37 35.07
CA THR K 187 23.87 10.30 35.55
C THR K 187 23.99 10.24 37.05
N ARG K 188 25.06 10.81 37.59
CA ARG K 188 25.21 10.89 39.05
C ARG K 188 24.19 11.85 39.69
N ILE K 189 24.04 13.02 39.07
CA ILE K 189 22.95 13.93 39.38
C ILE K 189 21.62 13.24 39.07
N ARG K 190 21.53 12.63 37.89
CA ARG K 190 20.26 12.05 37.42
C ARG K 190 19.67 11.17 38.54
N TYR K 191 20.42 10.19 39.02
CA TYR K 191 19.88 9.28 40.04
C TYR K 191 20.16 9.76 41.47
N ASN K 192 20.70 10.95 41.61
CA ASN K 192 21.00 11.51 42.92
C ASN K 192 21.91 10.64 43.82
N ARG K 193 23.05 10.22 43.27
CA ARG K 193 23.99 9.36 43.98
C ARG K 193 25.17 10.19 44.46
N ARG K 194 25.75 9.86 45.61
CA ARG K 194 27.02 10.45 46.05
C ARG K 194 27.97 9.26 46.18
N SER K 195 28.96 9.19 45.30
CA SER K 195 29.85 8.04 45.29
C SER K 195 31.19 8.45 44.73
N ALA K 196 32.26 7.83 45.19
CA ALA K 196 33.59 8.19 44.70
C ALA K 196 33.79 7.77 43.25
N PRO K 197 34.81 8.34 42.57
CA PRO K 197 35.12 8.05 41.16
C PRO K 197 35.59 6.60 40.90
N ASP K 198 35.04 5.94 39.88
CA ASP K 198 35.52 4.60 39.51
C ASP K 198 36.89 4.68 38.77
N PRO K 199 37.55 3.53 38.55
CA PRO K 199 38.91 3.56 37.98
C PRO K 199 38.99 4.13 36.58
N SER K 200 37.98 3.86 35.75
CA SER K 200 37.95 4.40 34.39
C SER K 200 38.14 5.93 34.37
N VAL K 201 37.39 6.59 35.25
CA VAL K 201 37.41 8.02 35.40
C VAL K 201 38.80 8.47 35.83
N ILE K 202 39.38 7.71 36.73
CA ILE K 202 40.65 8.07 37.30
C ILE K 202 41.82 7.90 36.32
N THR K 203 41.97 6.71 35.75
CA THR K 203 43.02 6.50 34.77
C THR K 203 42.88 7.41 33.56
N LEU K 204 41.64 7.75 33.23
CA LEU K 204 41.37 8.82 32.29
C LEU K 204 42.09 10.10 32.71
N GLU K 205 41.86 10.49 33.95
CA GLU K 205 42.45 11.72 34.46
C GLU K 205 43.97 11.71 34.43
N ASN K 206 44.59 10.60 34.80
CA ASN K 206 46.04 10.50 34.72
C ASN K 206 46.64 10.36 33.32
N SER K 207 45.86 9.86 32.37
CA SER K 207 46.43 9.65 31.06
C SER K 207 46.14 10.80 30.06
N TRP K 208 45.34 11.77 30.49
CA TRP K 208 44.90 12.87 29.63
C TRP K 208 46.07 13.58 28.94
N GLY K 209 47.13 13.83 29.70
CA GLY K 209 48.32 14.43 29.14
C GLY K 209 48.95 13.55 28.06
N ARG K 210 48.93 12.24 28.28
CA ARG K 210 49.62 11.33 27.37
C ARG K 210 48.75 10.82 26.24
N LEU K 211 47.46 11.12 26.35
CA LEU K 211 46.54 10.93 25.26
C LEU K 211 46.61 12.09 24.34
N SER K 212 46.61 13.28 24.92
CA SER K 212 46.74 14.47 24.11
C SER K 212 47.92 14.31 23.15
N THR K 213 49.07 13.90 23.69
CA THR K 213 50.26 13.63 22.88
C THR K 213 49.99 12.49 21.87
N ALA K 214 49.48 11.35 22.34
CA ALA K 214 49.34 10.17 21.50
C ALA K 214 48.53 10.47 20.25
N ILE K 215 47.44 11.20 20.49
CA ILE K 215 46.54 11.56 19.41
C ILE K 215 47.18 12.45 18.37
N GLN K 216 47.66 13.62 18.79
CA GLN K 216 48.08 14.65 17.83
C GLN K 216 49.22 14.15 16.98
N GLU K 217 49.95 13.21 17.60
CA GLU K 217 51.10 12.58 16.97
C GLU K 217 50.78 11.27 16.27
N SER K 218 49.54 10.83 16.38
CA SER K 218 49.11 9.64 15.67
C SER K 218 49.31 9.83 14.18
N ASN K 219 49.38 8.71 13.45
CA ASN K 219 49.29 8.71 11.99
C ASN K 219 47.84 8.61 11.52
N GLN K 220 47.31 9.69 10.95
CA GLN K 220 45.91 9.69 10.51
C GLN K 220 44.99 8.98 11.54
N GLY K 221 45.24 9.22 12.83
CA GLY K 221 44.42 8.63 13.88
C GLY K 221 45.03 7.42 14.59
N ALA K 222 46.01 6.78 13.98
CA ALA K 222 46.54 5.54 14.55
C ALA K 222 47.72 5.79 15.48
N PHE K 223 47.54 5.45 16.76
CA PHE K 223 48.56 5.71 17.80
C PHE K 223 49.90 5.10 17.55
N ALA K 224 50.93 5.88 17.80
CA ALA K 224 52.26 5.36 17.80
C ALA K 224 52.29 4.14 18.69
N SER K 225 52.08 4.34 19.99
CA SER K 225 52.15 3.24 20.96
C SER K 225 50.85 3.14 21.72
N PRO K 226 50.52 1.93 22.19
CA PRO K 226 49.30 1.72 22.99
C PRO K 226 49.31 2.53 24.27
N ILE K 227 48.12 2.87 24.73
CA ILE K 227 47.97 3.57 25.99
C ILE K 227 47.05 2.73 26.87
N GLN K 228 47.60 2.19 27.95
CA GLN K 228 46.83 1.34 28.83
C GLN K 228 45.76 2.14 29.60
N LEU K 229 44.53 1.66 29.58
CA LEU K 229 43.47 2.23 30.40
C LEU K 229 42.76 1.21 31.29
N GLN K 230 41.79 1.67 32.08
CA GLN K 230 40.97 0.75 32.90
C GLN K 230 39.48 0.96 32.68
N ARG K 231 38.70 -0.14 32.66
CA ARG K 231 37.24 -0.07 32.47
C ARG K 231 36.60 0.19 33.82
N ARG K 232 35.28 0.37 33.84
CA ARG K 232 34.59 0.68 35.09
C ARG K 232 34.97 -0.34 36.14
N ASN K 233 35.25 -1.57 35.71
CA ASN K 233 35.51 -2.67 36.65
C ASN K 233 37.00 -2.90 37.04
N GLY K 234 37.87 -2.02 36.56
CA GLY K 234 39.28 -2.13 36.88
C GLY K 234 40.10 -2.88 35.85
N SER K 235 39.40 -3.61 34.97
CA SER K 235 40.04 -4.43 33.93
C SER K 235 40.81 -3.52 32.97
N LYS K 236 42.09 -3.84 32.81
CA LYS K 236 42.99 -3.01 32.01
C LYS K 236 42.81 -3.28 30.52
N PHE K 237 42.87 -2.25 29.70
CA PHE K 237 42.81 -2.47 28.25
C PHE K 237 43.55 -1.41 27.45
N SER K 238 44.08 -1.85 26.32
CA SER K 238 44.94 -0.99 25.57
C SER K 238 44.17 -0.22 24.50
N VAL K 239 44.58 1.04 24.29
CA VAL K 239 44.03 1.93 23.29
C VAL K 239 45.03 2.12 22.14
N TYR K 240 44.69 1.57 20.95
CA TYR K 240 45.55 1.66 19.79
C TYR K 240 45.22 2.79 18.76
N ASP K 241 44.06 3.43 18.89
CA ASP K 241 43.59 4.33 17.83
C ASP K 241 42.66 5.37 18.38
N VAL K 242 42.56 6.51 17.72
CA VAL K 242 41.76 7.60 18.21
C VAL K 242 40.27 7.34 18.13
N SER K 243 39.90 6.45 17.22
CA SER K 243 38.49 6.20 16.87
C SER K 243 37.56 6.02 18.06
N ILE K 244 38.06 5.32 19.06
CA ILE K 244 37.26 4.97 20.24
C ILE K 244 37.20 6.08 21.24
N LEU K 245 38.15 7.00 21.14
CA LEU K 245 38.24 8.10 22.10
C LEU K 245 37.27 9.22 21.79
N ILE K 246 36.95 9.32 20.51
CA ILE K 246 36.11 10.38 20.03
C ILE K 246 34.89 10.66 20.95
N PRO K 247 34.11 9.63 21.30
CA PRO K 247 32.88 9.69 22.12
C PRO K 247 33.14 10.06 23.57
N ILE K 248 34.41 10.07 23.95
CA ILE K 248 34.85 10.29 25.33
C ILE K 248 35.52 11.61 25.62
N ILE K 249 36.64 11.84 24.95
CA ILE K 249 37.49 12.97 25.29
C ILE K 249 37.10 14.21 24.51
N ALA K 250 36.79 15.28 25.25
CA ALA K 250 36.38 16.57 24.68
C ALA K 250 37.50 17.54 24.25
N LEU K 251 38.59 17.61 25.03
CA LEU K 251 39.65 18.60 24.78
C LEU K 251 41.07 18.04 24.93
N MET K 252 42.00 18.53 24.10
CA MET K 252 43.42 18.19 24.26
C MET K 252 44.32 19.44 24.40
N VAL K 253 45.32 19.36 25.28
CA VAL K 253 46.28 20.43 25.39
C VAL K 253 47.10 20.49 24.12
N TYR K 254 47.31 21.67 23.54
CA TYR K 254 48.07 21.74 22.26
C TYR K 254 49.39 21.02 22.49
N ARG K 255 49.82 20.18 21.55
CA ARG K 255 51.15 19.57 21.64
C ARG K 255 52.04 19.91 20.43
N CYS K 256 51.62 19.53 19.23
CA CYS K 256 52.44 19.77 18.07
C CYS K 256 51.66 20.63 17.08
N ALA K 257 52.38 21.31 16.19
CA ALA K 257 51.75 22.03 15.09
C ALA K 257 50.91 21.06 14.23
N PRO K 258 49.68 21.46 13.82
CA PRO K 258 48.77 20.54 13.11
C PRO K 258 49.29 20.05 11.77
N PRO K 259 48.98 18.77 11.45
CA PRO K 259 49.43 18.06 10.23
C PRO K 259 48.92 18.64 8.87
N PRO K 260 49.61 18.27 7.77
CA PRO K 260 49.24 18.66 6.41
C PRO K 260 48.14 17.84 5.70
N SER K 261 48.06 16.56 6.06
CA SER K 261 47.66 15.55 5.08
C SER K 261 46.62 16.04 4.06
N MET L 2 33.41 31.44 60.57
CA MET L 2 32.19 30.89 59.97
C MET L 2 32.36 29.43 59.55
N GLN L 3 31.49 28.54 60.09
CA GLN L 3 31.55 27.08 59.83
C GLN L 3 30.20 26.29 60.01
N VAL L 4 30.23 24.94 60.03
CA VAL L 4 28.99 24.11 60.23
C VAL L 4 28.41 24.12 61.67
N GLN L 5 29.23 24.44 62.67
CA GLN L 5 28.65 24.66 63.99
C GLN L 5 27.91 23.41 64.52
N LEU L 6 28.68 22.36 64.80
CA LEU L 6 28.21 21.23 65.59
C LEU L 6 28.35 21.65 67.03
N VAL L 7 27.48 21.15 67.91
CA VAL L 7 27.65 21.32 69.33
C VAL L 7 27.30 20.06 70.09
N GLU L 8 28.20 19.57 70.94
CA GLU L 8 27.91 18.38 71.76
C GLU L 8 27.49 18.70 73.19
N SER L 9 26.63 17.84 73.75
CA SER L 9 26.12 17.97 75.13
C SER L 9 25.97 16.62 75.84
N GLY L 10 26.09 16.66 77.18
CA GLY L 10 25.88 15.48 78.00
C GLY L 10 27.08 14.77 78.58
N GLY L 11 28.26 15.37 78.46
CA GLY L 11 29.41 14.85 79.18
C GLY L 11 29.00 14.91 80.65
N GLY L 12 29.76 14.25 81.52
CA GLY L 12 29.50 14.34 82.94
C GLY L 12 30.46 13.51 83.72
N LEU L 13 30.22 13.45 85.02
CA LEU L 13 30.99 12.57 85.84
C LEU L 13 30.11 11.37 86.18
N VAL L 14 30.55 10.16 85.84
CA VAL L 14 29.81 8.96 86.23
C VAL L 14 30.66 8.00 87.03
N GLN L 15 30.04 7.39 88.02
CA GLN L 15 30.70 6.35 88.80
C GLN L 15 31.13 5.33 87.79
N ALA L 16 32.29 4.73 87.98
CA ALA L 16 32.67 3.69 87.06
C ALA L 16 31.51 2.69 86.96
N GLY L 17 31.25 2.28 85.73
CA GLY L 17 30.17 1.34 85.47
C GLY L 17 28.93 1.94 84.86
N GLY L 18 28.76 3.25 84.99
CA GLY L 18 27.53 3.88 84.54
C GLY L 18 27.34 4.04 83.04
N SER L 19 26.17 4.56 82.69
CA SER L 19 25.83 4.89 81.31
C SER L 19 25.70 6.40 81.15
N LEU L 20 26.03 6.88 79.96
CA LEU L 20 25.89 8.28 79.64
C LEU L 20 25.43 8.39 78.18
N ARG L 21 24.58 9.37 77.88
CA ARG L 21 24.21 9.59 76.47
C ARG L 21 24.79 10.91 75.92
N LEU L 22 25.37 10.90 74.72
CA LEU L 22 25.90 12.12 74.18
C LEU L 22 25.07 12.61 73.01
N SER L 23 24.95 13.93 72.84
CA SER L 23 24.14 14.45 71.76
C SER L 23 24.93 15.50 71.00
N CYS L 24 24.78 15.50 69.67
CA CYS L 24 25.33 16.54 68.84
C CYS L 24 24.29 17.01 67.84
N ALA L 25 24.05 18.32 67.81
CA ALA L 25 23.17 18.90 66.82
C ALA L 25 24.08 19.65 65.88
N ALA L 26 23.77 19.66 64.58
CA ALA L 26 24.49 20.53 63.63
C ALA L 26 23.47 21.44 62.92
N SER L 27 23.96 22.35 62.05
CA SER L 27 23.08 23.34 61.41
C SER L 27 23.80 24.06 60.32
N ARG L 29 21.35 25.50 57.13
CA ARG L 29 21.79 25.46 55.72
C ARG L 29 22.88 24.40 55.45
N THR L 30 22.62 23.18 55.94
CA THR L 30 23.49 22.01 55.73
C THR L 30 22.69 20.72 55.50
N PHE L 31 23.09 20.01 54.44
CA PHE L 31 22.25 18.96 53.86
C PHE L 31 22.87 17.55 53.77
N SER L 32 23.76 17.42 52.77
CA SER L 32 24.44 16.17 52.44
C SER L 32 25.55 15.93 53.46
N ARG L 33 25.80 14.67 53.81
CA ARG L 33 26.86 14.36 54.77
C ARG L 33 27.92 13.35 54.29
N SER L 34 27.52 12.11 54.07
CA SER L 34 28.43 10.99 53.79
C SER L 34 29.13 10.32 55.00
N SER L 35 29.15 10.96 56.17
CA SER L 35 29.23 10.29 57.52
C SER L 35 29.38 11.26 58.71
N MET L 36 29.06 10.79 59.90
CA MET L 36 29.39 11.54 61.13
C MET L 36 29.94 10.65 62.22
N GLY L 37 30.77 11.25 63.07
CA GLY L 37 31.52 10.47 64.03
C GLY L 37 31.82 11.14 65.34
N TRP L 38 32.36 10.33 66.27
CA TRP L 38 32.82 10.79 67.59
C TRP L 38 34.29 10.40 67.76
N PHE L 39 34.97 11.12 68.63
CA PHE L 39 36.38 10.93 68.85
C PHE L 39 36.60 11.32 70.28
N ARG L 40 37.51 10.63 70.97
CA ARG L 40 37.85 10.95 72.37
C ARG L 40 39.27 11.54 72.28
N GLN L 41 39.59 12.42 73.21
CA GLN L 41 40.94 12.88 73.34
C GLN L 41 41.22 13.03 74.81
N ALA L 42 42.29 12.39 75.30
CA ALA L 42 42.84 12.73 76.62
C ALA L 42 43.81 13.88 76.45
N PRO L 43 44.17 14.58 77.54
CA PRO L 43 45.16 15.64 77.31
C PRO L 43 46.59 15.13 77.09
N GLY L 44 47.24 15.79 76.13
CA GLY L 44 48.60 15.51 75.70
C GLY L 44 48.56 14.52 74.58
N LYS L 45 47.47 13.77 74.53
CA LYS L 45 47.29 12.74 73.55
C LYS L 45 46.54 13.30 72.33
N GLU L 46 46.38 12.44 71.33
CA GLU L 46 45.71 12.82 70.10
C GLU L 46 44.29 12.33 70.08
N ARG L 47 43.56 12.63 69.01
CA ARG L 47 42.19 12.21 68.91
C ARG L 47 42.11 10.75 68.53
N GLU L 48 41.24 10.02 69.19
CA GLU L 48 41.13 8.59 68.99
C GLU L 48 39.71 8.36 68.38
N PHE L 49 39.64 7.74 67.21
CA PHE L 49 38.34 7.44 66.67
C PHE L 49 37.48 6.65 67.68
N VAL L 50 36.27 7.13 67.91
CA VAL L 50 35.36 6.44 68.81
C VAL L 50 34.30 5.68 68.01
N ALA L 51 33.39 6.38 67.32
CA ALA L 51 32.38 5.69 66.51
C ALA L 51 31.84 6.60 65.45
N SER L 52 31.21 6.00 64.44
CA SER L 52 30.67 6.77 63.34
C SER L 52 29.45 6.09 62.75
N ILE L 53 28.67 6.86 62.03
CA ILE L 53 27.47 6.32 61.38
C ILE L 53 27.42 6.84 59.94
N VAL L 54 27.05 5.96 59.00
CA VAL L 54 27.16 6.34 57.62
C VAL L 54 25.85 6.93 57.09
N TRP L 55 25.83 8.21 56.78
CA TRP L 55 24.63 8.81 56.20
C TRP L 55 24.49 8.09 54.85
N ALA L 56 23.29 8.08 54.28
CA ALA L 56 22.74 6.93 53.52
C ALA L 56 22.53 5.74 54.47
N ASP L 57 23.19 4.62 54.20
CA ASP L 57 22.83 3.31 54.82
C ASP L 57 22.58 3.21 56.37
N GLY L 58 23.27 4.03 57.17
CA GLY L 58 23.09 4.03 58.61
C GLY L 58 23.97 2.96 59.20
N THR L 59 24.94 2.47 58.42
CA THR L 59 25.85 1.45 58.94
C THR L 59 26.66 2.07 60.06
N THR L 60 26.95 1.29 61.09
CA THR L 60 27.68 1.91 62.16
C THR L 60 29.06 1.33 62.34
N LEU L 61 29.94 2.20 62.81
CA LEU L 61 31.37 1.92 62.98
C LEU L 61 31.93 2.22 64.35
N TYR L 62 32.60 1.25 64.97
CA TYR L 62 33.14 1.49 66.31
C TYR L 62 34.61 1.13 66.41
N GLY L 63 35.41 2.05 66.93
CA GLY L 63 36.82 1.78 67.23
C GLY L 63 36.99 0.74 68.32
N ASP L 64 38.10 0.01 68.32
CA ASP L 64 38.10 -1.31 68.99
C ASP L 64 37.87 -1.28 70.48
N SER L 65 38.42 -0.26 71.14
CA SER L 65 38.28 -0.10 72.60
C SER L 65 36.82 -0.18 73.09
N VAL L 66 35.96 0.55 72.38
CA VAL L 66 34.57 0.75 72.74
C VAL L 66 33.56 -0.17 72.05
N LYS L 67 34.07 -1.13 71.28
CA LYS L 67 33.23 -1.88 70.32
C LYS L 67 31.92 -2.38 70.97
N GLY L 68 32.02 -3.21 72.01
CA GLY L 68 30.84 -3.73 72.68
C GLY L 68 29.91 -2.72 73.35
N ARG L 69 30.50 -1.75 74.03
CA ARG L 69 29.73 -0.90 74.94
C ARG L 69 28.93 0.30 74.40
N PHE L 70 29.40 0.93 73.31
CA PHE L 70 28.75 2.19 72.88
C PHE L 70 27.84 1.94 71.66
N THR L 71 27.02 2.93 71.27
CA THR L 71 26.13 2.79 70.10
C THR L 71 25.84 4.16 69.46
N VAL L 72 25.81 4.20 68.12
CA VAL L 72 25.67 5.47 67.40
C VAL L 72 24.29 5.58 66.76
N SER L 73 23.67 6.75 66.83
CA SER L 73 22.27 6.89 66.43
C SER L 73 21.98 8.27 65.85
N ARG L 74 20.88 8.42 65.11
CA ARG L 74 20.71 9.60 64.25
C ARG L 74 19.27 10.16 64.22
N ASP L 75 19.12 11.47 63.97
CA ASP L 75 17.77 12.09 63.90
C ASP L 75 17.49 13.11 62.75
N ASN L 76 16.22 13.10 62.30
CA ASN L 76 15.61 13.94 61.22
C ASN L 76 16.47 14.08 60.01
N ASN L 79 19.97 17.73 61.39
CA ASN L 79 19.46 17.60 62.76
C ASN L 79 20.52 17.15 63.77
N MET L 80 20.34 15.92 64.21
CA MET L 80 20.90 15.45 65.47
C MET L 80 21.37 13.99 65.48
N VAL L 81 22.48 13.75 66.19
CA VAL L 81 23.13 12.45 66.27
C VAL L 81 23.60 12.11 67.72
N TYR L 82 23.66 10.83 68.07
CA TYR L 82 23.84 10.45 69.47
C TYR L 82 24.92 9.44 69.71
N LEU L 83 25.40 9.40 70.95
CA LEU L 83 26.28 8.36 71.37
C LEU L 83 25.83 7.82 72.76
N GLN L 84 25.40 6.58 72.79
CA GLN L 84 25.08 5.92 74.02
C GLN L 84 26.37 5.34 74.54
N MET L 85 26.67 5.52 75.82
CA MET L 85 27.89 4.94 76.36
C MET L 85 27.51 4.17 77.59
N ASN L 86 27.74 2.88 77.55
CA ASN L 86 27.39 2.08 78.67
C ASN L 86 28.59 1.42 79.30
N ASN L 87 28.44 1.04 80.56
CA ASN L 87 29.56 0.51 81.28
C ASN L 87 30.83 1.33 81.05
N LEU L 88 30.89 2.51 81.65
CA LEU L 88 32.06 3.36 81.51
C LEU L 88 33.13 2.98 82.54
N LYS L 89 34.29 2.63 82.01
CA LYS L 89 35.50 2.47 82.80
C LYS L 89 36.28 3.79 82.79
N PRO L 90 37.13 3.98 83.82
CA PRO L 90 38.04 5.13 84.01
C PRO L 90 38.88 5.40 82.76
N GLU L 91 39.03 4.37 81.92
CA GLU L 91 39.77 4.45 80.67
C GLU L 91 39.02 5.37 79.73
N ASP L 92 37.70 5.29 79.79
CA ASP L 92 36.92 6.12 78.89
C ASP L 92 36.97 7.55 79.34
N THR L 93 37.60 7.84 80.49
CA THR L 93 37.75 9.25 80.82
C THR L 93 38.54 9.95 79.68
N ALA L 94 37.89 10.96 79.11
CA ALA L 94 38.31 11.57 77.85
C ALA L 94 37.37 12.70 77.42
N LEU L 95 37.86 13.53 76.51
CA LEU L 95 37.10 14.63 75.99
C LEU L 95 36.43 14.24 74.68
N TYR L 96 35.11 14.28 74.62
CA TYR L 96 34.42 13.75 73.46
C TYR L 96 33.90 14.79 72.46
N TYR L 97 34.17 14.51 71.18
CA TYR L 97 33.82 15.36 70.07
C TYR L 97 33.08 14.54 69.09
N CYS L 98 32.04 15.17 68.56
CA CYS L 98 31.45 14.75 67.32
C CYS L 98 32.01 15.67 66.23
N ALA L 99 32.11 15.06 65.05
CA ALA L 99 32.79 15.58 63.88
C ALA L 99 32.02 15.13 62.63
N ASP L 100 32.11 15.95 61.58
CA ASP L 100 31.25 15.86 60.42
C ASP L 100 32.11 15.61 59.16
N ASN L 101 31.95 14.41 58.57
CA ASN L 101 32.61 14.13 57.31
C ASN L 101 31.72 14.59 56.17
N LYS L 102 32.22 15.52 55.37
CA LYS L 102 31.50 15.89 54.18
C LYS L 102 31.75 15.04 52.90
N PHE L 103 32.90 14.35 52.85
CA PHE L 103 33.50 13.99 51.52
C PHE L 103 33.94 12.54 51.31
N VAL L 104 34.84 12.14 52.21
CA VAL L 104 35.39 10.79 52.27
C VAL L 104 34.34 9.66 52.26
N ARG L 105 34.56 8.65 51.41
N ARG L 105 34.55 8.67 51.39
CA ARG L 105 33.58 7.56 51.25
CA ARG L 105 33.60 7.56 51.22
C ARG L 105 33.30 7.08 52.65
C ARG L 105 33.32 7.03 52.62
N GLY L 106 32.04 6.72 52.92
CA GLY L 106 31.60 6.50 54.28
C GLY L 106 32.36 5.47 55.12
N LEU L 107 32.44 4.31 54.52
CA LEU L 107 32.97 3.16 55.21
C LEU L 107 34.52 3.24 55.36
N VAL L 108 35.17 4.22 54.75
CA VAL L 108 36.62 4.43 54.92
C VAL L 108 37.01 5.51 55.94
N ALA L 109 36.05 6.26 56.51
CA ALA L 109 36.54 7.43 57.20
C ALA L 109 36.52 7.20 58.70
N VAL L 110 37.70 6.81 59.20
CA VAL L 110 37.94 6.80 60.61
C VAL L 110 39.30 7.36 60.98
N ARG L 111 39.41 8.66 61.07
CA ARG L 111 40.71 9.31 61.25
C ARG L 111 40.25 10.75 61.26
N ALA L 112 41.00 11.61 61.93
CA ALA L 112 40.42 12.90 62.19
C ALA L 112 40.48 13.67 60.89
N ILE L 113 41.41 13.25 60.05
CA ILE L 113 41.75 14.02 58.89
C ILE L 113 40.66 13.93 57.90
N ASP L 114 39.79 12.93 58.08
CA ASP L 114 38.73 12.65 57.10
C ASP L 114 37.53 13.50 57.46
N TYR L 115 37.71 14.31 58.50
CA TYR L 115 36.65 15.17 59.00
C TYR L 115 36.92 16.69 58.79
N ASP L 116 35.86 17.35 58.35
CA ASP L 116 35.81 18.77 58.03
C ASP L 116 35.51 19.78 59.12
N TYR L 117 34.48 19.43 59.91
CA TYR L 117 34.03 20.29 61.00
C TYR L 117 33.75 19.53 62.28
N TRP L 118 34.14 20.21 63.37
CA TRP L 118 34.15 19.70 64.71
C TRP L 118 33.28 20.56 65.58
N GLY L 119 32.84 20.00 66.69
CA GLY L 119 32.21 20.81 67.70
C GLY L 119 33.34 20.96 68.67
N GLN L 120 33.01 21.33 69.90
CA GLN L 120 33.98 21.40 70.98
C GLN L 120 33.46 20.46 72.03
N GLY L 121 34.30 19.65 72.64
CA GLY L 121 33.79 18.46 73.31
C GLY L 121 32.91 18.62 74.55
N THR L 122 32.45 17.49 75.08
CA THR L 122 32.04 17.42 76.49
C THR L 122 33.04 16.55 77.22
N GLN L 123 33.19 16.77 78.51
CA GLN L 123 34.13 15.95 79.24
C GLN L 123 33.38 14.75 79.80
N VAL L 124 33.86 13.54 79.54
CA VAL L 124 33.42 12.41 80.35
C VAL L 124 34.45 12.11 81.41
N THR L 125 33.98 11.93 82.64
CA THR L 125 34.85 11.50 83.72
C THR L 125 34.15 10.42 84.52
N VAL L 126 34.92 9.41 84.92
CA VAL L 126 34.41 8.22 85.64
C VAL L 126 35.25 7.90 86.93
N SER L 127 34.61 7.34 87.98
CA SER L 127 35.30 6.89 89.21
C SER L 127 36.83 6.89 89.11
#